data_2DA2
#
_entry.id   2DA2
#
_entity_poly.entity_id   1
_entity_poly.type   'polypeptide(L)'
_entity_poly.pdbx_seq_one_letter_code
;GSSGSSGRSSRTRFTDYQLRVLQDFFDANAYPKDDEFEQLSNLLNLPTRVIVVWFQNARQKARKSGPSSG
;
_entity_poly.pdbx_strand_id   A
#
# COMPACT_ATOMS: atom_id res chain seq x y z
N GLY A 1 0.83 -30.28 0.92
CA GLY A 1 0.55 -28.94 1.37
C GLY A 1 -0.60 -28.30 0.61
N SER A 2 -0.49 -27.01 0.33
CA SER A 2 -1.53 -26.29 -0.38
C SER A 2 -1.35 -26.42 -1.89
N SER A 3 -2.42 -26.84 -2.57
CA SER A 3 -2.38 -27.02 -4.02
C SER A 3 -2.03 -25.71 -4.71
N GLY A 4 -2.79 -24.66 -4.41
CA GLY A 4 -2.55 -23.37 -5.02
C GLY A 4 -3.18 -22.23 -4.24
N SER A 5 -4.29 -21.71 -4.74
CA SER A 5 -4.99 -20.61 -4.09
C SER A 5 -4.01 -19.57 -3.57
N SER A 6 -3.00 -19.26 -4.38
CA SER A 6 -1.99 -18.28 -4.00
C SER A 6 -2.38 -16.89 -4.49
N GLY A 7 -1.74 -15.88 -3.91
CA GLY A 7 -2.02 -14.50 -4.29
C GLY A 7 -2.21 -13.59 -3.10
N ARG A 8 -3.30 -12.83 -3.10
CA ARG A 8 -3.58 -11.90 -2.01
C ARG A 8 -4.87 -12.30 -1.29
N SER A 9 -5.80 -12.89 -2.04
CA SER A 9 -7.08 -13.32 -1.47
C SER A 9 -7.53 -12.35 -0.38
N SER A 10 -7.40 -11.06 -0.66
CA SER A 10 -7.80 -10.02 0.29
C SER A 10 -9.14 -9.41 -0.11
N ARG A 11 -9.36 -9.28 -1.40
CA ARG A 11 -10.61 -8.71 -1.92
C ARG A 11 -10.80 -7.28 -1.40
N THR A 12 -9.72 -6.51 -1.40
CA THR A 12 -9.77 -5.13 -0.94
C THR A 12 -9.51 -4.15 -2.09
N ARG A 13 -10.47 -3.28 -2.33
CA ARG A 13 -10.35 -2.29 -3.40
C ARG A 13 -10.51 -0.88 -2.86
N PHE A 14 -9.50 -0.05 -3.07
CA PHE A 14 -9.52 1.33 -2.60
C PHE A 14 -10.08 2.26 -3.68
N THR A 15 -10.57 3.42 -3.25
CA THR A 15 -11.13 4.40 -4.18
C THR A 15 -10.18 5.58 -4.38
N ASP A 16 -10.30 6.26 -5.51
CA ASP A 16 -9.46 7.40 -5.82
C ASP A 16 -9.15 8.21 -4.55
N TYR A 17 -10.17 8.43 -3.73
CA TYR A 17 -10.02 9.19 -2.50
C TYR A 17 -8.93 8.57 -1.62
N GLN A 18 -8.99 7.25 -1.45
CA GLN A 18 -8.01 6.54 -0.64
C GLN A 18 -6.68 6.40 -1.38
N LEU A 19 -6.75 5.92 -2.62
CA LEU A 19 -5.55 5.74 -3.44
C LEU A 19 -4.75 7.04 -3.52
N ARG A 20 -5.45 8.17 -3.45
CA ARG A 20 -4.81 9.48 -3.51
C ARG A 20 -3.88 9.69 -2.32
N VAL A 21 -4.41 9.44 -1.12
CA VAL A 21 -3.62 9.61 0.10
C VAL A 21 -2.55 8.53 0.22
N LEU A 22 -2.92 7.30 -0.11
CA LEU A 22 -1.99 6.17 -0.05
C LEU A 22 -0.84 6.37 -1.03
N GLN A 23 -1.17 6.70 -2.27
CA GLN A 23 -0.17 6.92 -3.30
C GLN A 23 0.64 8.19 -3.02
N ASP A 24 -0.04 9.21 -2.52
CA ASP A 24 0.61 10.48 -2.20
C ASP A 24 1.63 10.30 -1.08
N PHE A 25 1.28 9.49 -0.09
CA PHE A 25 2.16 9.25 1.04
C PHE A 25 3.36 8.40 0.62
N PHE A 26 3.16 7.57 -0.40
CA PHE A 26 4.22 6.70 -0.89
C PHE A 26 5.25 7.50 -1.70
N ASP A 27 4.77 8.34 -2.61
CA ASP A 27 5.64 9.16 -3.43
C ASP A 27 6.59 9.98 -2.58
N ALA A 28 6.14 10.33 -1.38
CA ALA A 28 6.96 11.11 -0.45
C ALA A 28 7.70 10.21 0.53
N ASN A 29 7.01 9.18 1.02
CA ASN A 29 7.61 8.24 1.97
C ASN A 29 7.05 6.84 1.77
N ALA A 30 7.94 5.87 1.55
CA ALA A 30 7.53 4.49 1.36
C ALA A 30 8.14 3.59 2.43
N TYR A 31 8.73 4.19 3.45
CA TYR A 31 9.35 3.44 4.53
C TYR A 31 8.96 4.00 5.88
N PRO A 32 7.68 4.37 6.03
CA PRO A 32 7.15 4.93 7.27
C PRO A 32 7.08 3.91 8.39
N LYS A 33 6.97 4.39 9.63
CA LYS A 33 6.91 3.51 10.79
C LYS A 33 5.47 3.35 11.27
N ASP A 34 5.26 2.41 12.18
CA ASP A 34 3.93 2.16 12.72
C ASP A 34 3.20 3.47 13.02
N ASP A 35 3.84 4.33 13.79
CA ASP A 35 3.26 5.62 14.15
C ASP A 35 2.70 6.33 12.92
N GLU A 36 3.51 6.39 11.87
CA GLU A 36 3.09 7.04 10.62
C GLU A 36 1.92 6.29 10.00
N PHE A 37 2.08 4.99 9.80
CA PHE A 37 1.04 4.17 9.21
C PHE A 37 -0.32 4.45 9.84
N GLU A 38 -0.31 4.69 11.15
CA GLU A 38 -1.54 4.97 11.89
C GLU A 38 -2.22 6.22 11.33
N GLN A 39 -1.43 7.23 10.99
CA GLN A 39 -1.95 8.47 10.45
C GLN A 39 -2.87 8.20 9.25
N LEU A 40 -2.43 7.28 8.39
CA LEU A 40 -3.21 6.94 7.19
C LEU A 40 -4.41 6.07 7.57
N SER A 41 -4.20 5.16 8.51
CA SER A 41 -5.28 4.27 8.95
C SER A 41 -6.39 5.06 9.63
N ASN A 42 -6.01 6.13 10.33
CA ASN A 42 -6.97 6.97 11.03
C ASN A 42 -7.73 7.87 10.06
N LEU A 43 -7.03 8.31 9.01
CA LEU A 43 -7.63 9.18 8.01
C LEU A 43 -8.54 8.39 7.07
N LEU A 44 -7.96 7.38 6.41
CA LEU A 44 -8.72 6.54 5.49
C LEU A 44 -9.60 5.55 6.25
N ASN A 45 -9.38 5.46 7.56
CA ASN A 45 -10.14 4.54 8.40
C ASN A 45 -9.91 3.09 7.98
N LEU A 46 -8.69 2.80 7.53
CA LEU A 46 -8.34 1.45 7.10
C LEU A 46 -7.28 0.85 8.01
N PRO A 47 -7.27 -0.49 8.13
CA PRO A 47 -6.31 -1.21 8.97
C PRO A 47 -4.90 -1.16 8.41
N THR A 48 -3.95 -0.77 9.26
CA THR A 48 -2.55 -0.68 8.86
C THR A 48 -2.14 -1.89 8.02
N ARG A 49 -2.58 -3.07 8.43
CA ARG A 49 -2.26 -4.29 7.72
C ARG A 49 -2.56 -4.17 6.23
N VAL A 50 -3.65 -3.46 5.91
CA VAL A 50 -4.05 -3.26 4.53
C VAL A 50 -3.13 -2.25 3.84
N ILE A 51 -2.74 -1.21 4.56
CA ILE A 51 -1.87 -0.18 4.02
C ILE A 51 -0.45 -0.70 3.84
N VAL A 52 -0.05 -1.63 4.71
CA VAL A 52 1.28 -2.21 4.64
C VAL A 52 1.45 -3.06 3.38
N VAL A 53 0.53 -3.98 3.16
CA VAL A 53 0.57 -4.85 1.99
C VAL A 53 0.61 -4.03 0.70
N TRP A 54 -0.15 -2.94 0.67
CA TRP A 54 -0.20 -2.08 -0.50
C TRP A 54 1.12 -1.35 -0.70
N PHE A 55 1.68 -0.83 0.39
CA PHE A 55 2.95 -0.11 0.33
C PHE A 55 4.09 -1.04 -0.06
N GLN A 56 4.07 -2.25 0.50
CA GLN A 56 5.10 -3.24 0.22
C GLN A 56 5.20 -3.51 -1.27
N ASN A 57 4.08 -3.85 -1.89
CA ASN A 57 4.04 -4.14 -3.32
C ASN A 57 4.46 -2.92 -4.13
N ALA A 58 3.82 -1.78 -3.86
CA ALA A 58 4.14 -0.54 -4.56
C ALA A 58 5.63 -0.37 -4.73
N ARG A 59 6.39 -0.82 -3.74
CA ARG A 59 7.85 -0.72 -3.77
C ARG A 59 8.43 -1.68 -4.80
N GLN A 60 7.91 -2.90 -4.83
CA GLN A 60 8.38 -3.91 -5.76
C GLN A 60 8.17 -3.46 -7.21
N LYS A 61 7.00 -2.90 -7.48
CA LYS A 61 6.66 -2.43 -8.82
C LYS A 61 7.50 -1.22 -9.20
N ALA A 62 7.86 -0.41 -8.20
CA ALA A 62 8.67 0.77 -8.43
C ALA A 62 10.07 0.39 -8.89
N ARG A 63 10.64 -0.64 -8.28
CA ARG A 63 11.98 -1.10 -8.63
C ARG A 63 12.04 -1.54 -10.09
N LYS A 64 12.93 -0.92 -10.85
CA LYS A 64 13.09 -1.24 -12.26
C LYS A 64 14.55 -1.12 -12.69
N SER A 65 14.94 -1.93 -13.66
CA SER A 65 16.32 -1.92 -14.16
C SER A 65 16.35 -2.12 -15.67
N GLY A 66 17.43 -1.66 -16.30
CA GLY A 66 17.56 -1.79 -17.73
C GLY A 66 18.08 -0.53 -18.39
N PRO A 67 17.85 -0.40 -19.71
CA PRO A 67 18.29 0.76 -20.48
C PRO A 67 17.52 2.02 -20.12
N SER A 68 16.61 1.90 -19.16
CA SER A 68 15.80 3.03 -18.72
C SER A 68 16.68 4.18 -18.25
N SER A 69 16.24 5.41 -18.51
CA SER A 69 17.00 6.60 -18.12
C SER A 69 16.05 7.72 -17.68
N GLY A 70 16.62 8.74 -17.05
CA GLY A 70 15.82 9.86 -16.58
C GLY A 70 16.24 10.34 -15.21
N GLY A 1 8.12 -10.95 5.95
CA GLY A 1 6.79 -10.72 5.40
C GLY A 1 5.92 -11.96 5.43
N SER A 2 5.78 -12.59 4.27
CA SER A 2 4.97 -13.80 4.16
C SER A 2 5.85 -15.05 4.12
N SER A 3 5.27 -16.17 4.53
CA SER A 3 6.00 -17.44 4.55
C SER A 3 5.23 -18.54 3.84
N GLY A 4 3.93 -18.62 4.13
CA GLY A 4 3.09 -19.62 3.51
C GLY A 4 1.70 -19.11 3.19
N SER A 5 1.58 -18.37 2.09
CA SER A 5 0.30 -17.81 1.67
C SER A 5 0.31 -17.48 0.18
N SER A 6 -0.76 -17.88 -0.51
CA SER A 6 -0.88 -17.63 -1.94
C SER A 6 -0.55 -16.18 -2.26
N GLY A 7 -0.42 -15.89 -3.55
CA GLY A 7 -0.10 -14.54 -3.98
C GLY A 7 -0.93 -13.49 -3.26
N ARG A 8 -2.24 -13.65 -3.29
CA ARG A 8 -3.15 -12.72 -2.64
C ARG A 8 -4.19 -13.45 -1.81
N SER A 9 -4.68 -12.79 -0.75
CA SER A 9 -5.68 -13.39 0.13
C SER A 9 -6.98 -12.59 0.09
N SER A 10 -6.90 -11.33 0.49
CA SER A 10 -8.06 -10.45 0.51
C SER A 10 -8.01 -9.45 -0.63
N ARG A 11 -9.16 -9.18 -1.24
CA ARG A 11 -9.25 -8.25 -2.35
C ARG A 11 -9.95 -6.96 -1.92
N THR A 12 -9.19 -6.05 -1.32
CA THR A 12 -9.75 -4.78 -0.86
C THR A 12 -9.45 -3.66 -1.84
N ARG A 13 -10.36 -3.43 -2.78
CA ARG A 13 -10.18 -2.38 -3.78
C ARG A 13 -10.47 -1.00 -3.18
N PHE A 14 -9.46 -0.14 -3.21
CA PHE A 14 -9.60 1.21 -2.67
C PHE A 14 -10.21 2.16 -3.71
N THR A 15 -10.62 3.34 -3.26
CA THR A 15 -11.20 4.33 -4.14
C THR A 15 -10.27 5.50 -4.37
N ASP A 16 -10.40 6.14 -5.53
CA ASP A 16 -9.56 7.29 -5.87
C ASP A 16 -9.24 8.11 -4.62
N TYR A 17 -10.27 8.39 -3.83
CA TYR A 17 -10.09 9.18 -2.61
C TYR A 17 -9.02 8.57 -1.71
N GLN A 18 -9.08 7.25 -1.54
CA GLN A 18 -8.11 6.55 -0.70
C GLN A 18 -6.78 6.41 -1.43
N LEU A 19 -6.82 5.90 -2.65
CA LEU A 19 -5.62 5.71 -3.45
C LEU A 19 -4.83 7.01 -3.55
N ARG A 20 -5.54 8.14 -3.50
CA ARG A 20 -4.90 9.44 -3.59
C ARG A 20 -3.99 9.69 -2.39
N VAL A 21 -4.53 9.49 -1.19
CA VAL A 21 -3.77 9.69 0.04
C VAL A 21 -2.65 8.64 0.17
N LEU A 22 -2.98 7.40 -0.17
CA LEU A 22 -2.01 6.31 -0.09
C LEU A 22 -0.85 6.54 -1.06
N GLN A 23 -1.18 6.92 -2.29
CA GLN A 23 -0.17 7.16 -3.31
C GLN A 23 0.63 8.43 -2.98
N ASP A 24 -0.06 9.43 -2.46
CA ASP A 24 0.59 10.69 -2.10
C ASP A 24 1.62 10.48 -0.99
N PHE A 25 1.30 9.60 -0.06
CA PHE A 25 2.20 9.31 1.06
C PHE A 25 3.36 8.43 0.61
N PHE A 26 3.11 7.61 -0.41
CA PHE A 26 4.13 6.72 -0.95
C PHE A 26 5.17 7.50 -1.76
N ASP A 27 4.67 8.35 -2.65
CA ASP A 27 5.54 9.16 -3.50
C ASP A 27 6.56 9.94 -2.66
N ALA A 28 6.16 10.28 -1.44
CA ALA A 28 7.02 11.02 -0.53
C ALA A 28 7.77 10.09 0.41
N ASN A 29 7.06 9.07 0.92
CA ASN A 29 7.67 8.10 1.83
C ASN A 29 7.02 6.74 1.66
N ALA A 30 7.85 5.72 1.46
CA ALA A 30 7.36 4.36 1.29
C ALA A 30 7.96 3.42 2.34
N TYR A 31 8.60 4.01 3.35
CA TYR A 31 9.21 3.24 4.41
C TYR A 31 8.86 3.81 5.78
N PRO A 32 7.60 4.21 5.95
CA PRO A 32 7.10 4.79 7.20
C PRO A 32 7.03 3.76 8.32
N LYS A 33 7.01 4.25 9.56
CA LYS A 33 6.93 3.36 10.72
C LYS A 33 5.50 3.21 11.20
N ASP A 34 5.27 2.24 12.08
CA ASP A 34 3.94 1.99 12.61
C ASP A 34 3.24 3.30 12.97
N ASP A 35 3.93 4.15 13.73
CA ASP A 35 3.37 5.43 14.14
C ASP A 35 2.79 6.18 12.93
N GLU A 36 3.58 6.27 11.86
CA GLU A 36 3.15 6.97 10.66
C GLU A 36 1.95 6.25 10.02
N PHE A 37 2.10 4.95 9.80
CA PHE A 37 1.04 4.15 9.20
C PHE A 37 -0.31 4.46 9.85
N GLU A 38 -0.28 4.66 11.18
CA GLU A 38 -1.50 4.96 11.92
C GLU A 38 -2.18 6.22 11.38
N GLN A 39 -1.36 7.21 11.03
CA GLN A 39 -1.88 8.47 10.50
C GLN A 39 -2.79 8.23 9.30
N LEU A 40 -2.39 7.30 8.43
CA LEU A 40 -3.18 6.98 7.24
C LEU A 40 -4.38 6.11 7.61
N SER A 41 -4.16 5.13 8.47
CA SER A 41 -5.22 4.23 8.91
C SER A 41 -6.34 5.01 9.60
N ASN A 42 -5.97 6.07 10.30
CA ASN A 42 -6.94 6.90 11.01
C ASN A 42 -7.67 7.84 10.05
N LEU A 43 -6.94 8.30 9.02
CA LEU A 43 -7.52 9.20 8.03
C LEU A 43 -8.47 8.45 7.10
N LEU A 44 -7.95 7.43 6.43
CA LEU A 44 -8.75 6.63 5.51
C LEU A 44 -9.62 5.64 6.27
N ASN A 45 -9.38 5.51 7.57
CA ASN A 45 -10.14 4.61 8.41
C ASN A 45 -9.88 3.16 8.01
N LEU A 46 -8.68 2.88 7.53
CA LEU A 46 -8.30 1.53 7.12
C LEU A 46 -7.23 0.96 8.03
N PRO A 47 -7.23 -0.38 8.18
CA PRO A 47 -6.26 -1.08 9.03
C PRO A 47 -4.85 -1.05 8.44
N THR A 48 -3.87 -0.73 9.28
CA THR A 48 -2.48 -0.67 8.85
C THR A 48 -2.11 -1.89 8.02
N ARG A 49 -2.57 -3.06 8.46
CA ARG A 49 -2.29 -4.31 7.76
C ARG A 49 -2.63 -4.20 6.28
N VAL A 50 -3.66 -3.40 5.97
CA VAL A 50 -4.09 -3.20 4.59
C VAL A 50 -3.18 -2.19 3.88
N ILE A 51 -2.76 -1.16 4.60
CA ILE A 51 -1.90 -0.14 4.04
C ILE A 51 -0.48 -0.64 3.86
N VAL A 52 -0.09 -1.62 4.69
CA VAL A 52 1.24 -2.19 4.62
C VAL A 52 1.43 -3.00 3.35
N VAL A 53 0.50 -3.92 3.10
CA VAL A 53 0.56 -4.76 1.91
C VAL A 53 0.63 -3.92 0.64
N TRP A 54 -0.13 -2.84 0.62
CA TRP A 54 -0.16 -1.94 -0.54
C TRP A 54 1.16 -1.22 -0.70
N PHE A 55 1.71 -0.74 0.42
CA PHE A 55 2.98 -0.03 0.40
C PHE A 55 4.13 -0.97 0.04
N GLN A 56 4.05 -2.20 0.54
CA GLN A 56 5.08 -3.20 0.27
C GLN A 56 5.22 -3.47 -1.22
N ASN A 57 4.08 -3.80 -1.85
CA ASN A 57 4.07 -4.08 -3.29
C ASN A 57 4.52 -2.87 -4.09
N ALA A 58 3.92 -1.71 -3.79
CA ALA A 58 4.26 -0.47 -4.49
C ALA A 58 5.77 -0.32 -4.64
N ARG A 59 6.50 -0.70 -3.59
CA ARG A 59 7.96 -0.61 -3.60
C ARG A 59 8.56 -1.61 -4.58
N GLN A 60 8.02 -2.83 -4.58
CA GLN A 60 8.50 -3.88 -5.47
C GLN A 60 8.28 -3.50 -6.93
N LYS A 61 7.15 -2.87 -7.21
CA LYS A 61 6.83 -2.45 -8.57
C LYS A 61 7.64 -1.23 -8.98
N ALA A 62 7.79 -0.29 -8.05
CA ALA A 62 8.54 0.93 -8.30
C ALA A 62 10.03 0.62 -8.51
N ARG A 63 10.56 -0.27 -7.69
CA ARG A 63 11.96 -0.66 -7.78
C ARG A 63 12.22 -1.47 -9.04
N LYS A 64 13.48 -1.86 -9.23
CA LYS A 64 13.86 -2.65 -10.40
C LYS A 64 13.84 -4.13 -10.09
N SER A 65 13.56 -4.94 -11.11
CA SER A 65 13.50 -6.39 -10.95
C SER A 65 13.28 -7.08 -12.29
N GLY A 66 13.92 -8.24 -12.46
CA GLY A 66 13.78 -8.98 -13.69
C GLY A 66 14.38 -10.37 -13.61
N PRO A 67 13.75 -11.33 -14.31
CA PRO A 67 14.22 -12.72 -14.33
C PRO A 67 15.54 -12.89 -15.07
N SER A 68 16.64 -12.84 -14.32
CA SER A 68 17.97 -12.98 -14.92
C SER A 68 18.07 -12.20 -16.22
N SER A 69 17.53 -10.99 -16.22
CA SER A 69 17.55 -10.14 -17.40
C SER A 69 18.93 -10.15 -18.06
N GLY A 70 19.02 -10.78 -19.22
CA GLY A 70 20.29 -10.87 -19.93
C GLY A 70 20.20 -10.29 -21.33
N GLY A 1 -5.26 -9.79 17.33
CA GLY A 1 -6.15 -10.49 18.24
C GLY A 1 -6.89 -11.63 17.56
N SER A 2 -6.57 -12.86 17.97
CA SER A 2 -7.20 -14.04 17.40
C SER A 2 -6.92 -14.14 15.90
N SER A 3 -5.69 -13.85 15.52
CA SER A 3 -5.28 -13.90 14.12
C SER A 3 -4.30 -15.04 13.87
N GLY A 4 -4.71 -16.00 13.05
CA GLY A 4 -3.85 -17.13 12.74
C GLY A 4 -3.95 -17.56 11.30
N SER A 5 -5.17 -17.61 10.77
CA SER A 5 -5.40 -18.01 9.39
C SER A 5 -5.95 -16.85 8.57
N SER A 6 -5.33 -16.59 7.42
CA SER A 6 -5.74 -15.51 6.55
C SER A 6 -7.21 -15.66 6.16
N GLY A 7 -7.76 -14.65 5.49
CA GLY A 7 -9.14 -14.69 5.06
C GLY A 7 -9.31 -15.22 3.65
N ARG A 8 -9.76 -16.45 3.53
CA ARG A 8 -9.96 -17.07 2.23
C ARG A 8 -10.61 -16.10 1.25
N SER A 9 -11.63 -15.39 1.73
CA SER A 9 -12.35 -14.43 0.91
C SER A 9 -12.23 -13.03 1.49
N SER A 10 -11.64 -12.12 0.72
CA SER A 10 -11.46 -10.74 1.17
C SER A 10 -11.08 -9.84 0.00
N ARG A 11 -11.95 -8.88 -0.31
CA ARG A 11 -11.71 -7.95 -1.41
C ARG A 11 -11.53 -6.54 -0.89
N THR A 12 -10.31 -6.21 -0.47
CA THR A 12 -10.01 -4.89 0.06
C THR A 12 -9.55 -3.95 -1.05
N ARG A 13 -10.51 -3.26 -1.67
CA ARG A 13 -10.21 -2.33 -2.75
C ARG A 13 -10.25 -0.88 -2.25
N PHE A 14 -9.51 -0.01 -2.93
CA PHE A 14 -9.46 1.40 -2.56
C PHE A 14 -10.02 2.28 -3.67
N THR A 15 -10.51 3.46 -3.30
CA THR A 15 -11.08 4.39 -4.25
C THR A 15 -10.16 5.60 -4.47
N ASP A 16 -10.34 6.28 -5.59
CA ASP A 16 -9.53 7.45 -5.91
C ASP A 16 -9.19 8.23 -4.64
N TYR A 17 -10.19 8.43 -3.80
CA TYR A 17 -10.00 9.17 -2.56
C TYR A 17 -8.92 8.53 -1.69
N GLN A 18 -9.05 7.23 -1.46
CA GLN A 18 -8.08 6.49 -0.65
C GLN A 18 -6.74 6.40 -1.37
N LEU A 19 -6.78 5.92 -2.62
CA LEU A 19 -5.57 5.76 -3.41
C LEU A 19 -4.80 7.08 -3.49
N ARG A 20 -5.52 8.19 -3.42
CA ARG A 20 -4.91 9.51 -3.48
C ARG A 20 -3.98 9.74 -2.28
N VAL A 21 -4.48 9.40 -1.09
CA VAL A 21 -3.70 9.57 0.13
C VAL A 21 -2.61 8.52 0.23
N LEU A 22 -2.96 7.27 -0.10
CA LEU A 22 -2.01 6.17 -0.04
C LEU A 22 -0.87 6.39 -1.03
N GLN A 23 -1.22 6.79 -2.24
CA GLN A 23 -0.21 7.04 -3.28
C GLN A 23 0.57 8.31 -2.99
N ASP A 24 -0.10 9.30 -2.42
CA ASP A 24 0.53 10.58 -2.08
C ASP A 24 1.59 10.39 -0.99
N PHE A 25 1.26 9.55 -0.01
CA PHE A 25 2.17 9.28 1.10
C PHE A 25 3.33 8.40 0.65
N PHE A 26 3.08 7.57 -0.36
CA PHE A 26 4.09 6.67 -0.89
C PHE A 26 5.12 7.43 -1.72
N ASP A 27 4.63 8.22 -2.67
CA ASP A 27 5.51 9.01 -3.53
C ASP A 27 6.50 9.81 -2.71
N ALA A 28 6.09 10.22 -1.51
CA ALA A 28 6.95 10.99 -0.63
C ALA A 28 7.70 10.09 0.33
N ASN A 29 7.01 9.09 0.87
CA ASN A 29 7.62 8.16 1.81
C ASN A 29 7.02 6.76 1.66
N ALA A 30 7.88 5.78 1.42
CA ALA A 30 7.42 4.40 1.25
C ALA A 30 8.07 3.48 2.29
N TYR A 31 8.72 4.09 3.29
CA TYR A 31 9.39 3.32 4.34
C TYR A 31 9.07 3.91 5.71
N PRO A 32 7.80 4.28 5.92
CA PRO A 32 7.34 4.86 7.18
C PRO A 32 7.32 3.84 8.31
N LYS A 33 6.97 4.29 9.51
CA LYS A 33 6.90 3.42 10.67
C LYS A 33 5.47 3.29 11.19
N ASP A 34 5.26 2.35 12.10
CA ASP A 34 3.94 2.13 12.67
C ASP A 34 3.25 3.46 12.98
N ASP A 35 3.93 4.29 13.76
CA ASP A 35 3.39 5.60 14.13
C ASP A 35 2.81 6.31 12.91
N GLU A 36 3.58 6.36 11.84
CA GLU A 36 3.16 7.02 10.61
C GLU A 36 1.94 6.31 10.02
N PHE A 37 2.05 4.99 9.85
CA PHE A 37 0.96 4.19 9.29
C PHE A 37 -0.36 4.51 9.99
N GLU A 38 -0.29 4.75 11.29
CA GLU A 38 -1.48 5.06 12.08
C GLU A 38 -2.19 6.29 11.53
N GLN A 39 -1.40 7.30 11.17
CA GLN A 39 -1.96 8.54 10.62
C GLN A 39 -2.90 8.25 9.45
N LEU A 40 -2.42 7.46 8.50
CA LEU A 40 -3.22 7.11 7.33
C LEU A 40 -4.36 6.17 7.71
N SER A 41 -4.06 5.19 8.56
CA SER A 41 -5.07 4.22 9.00
C SER A 41 -6.24 4.94 9.66
N ASN A 42 -5.96 6.08 10.28
CA ASN A 42 -7.00 6.85 10.95
C ASN A 42 -7.72 7.76 9.96
N LEU A 43 -7.01 8.24 8.96
CA LEU A 43 -7.58 9.12 7.95
C LEU A 43 -8.51 8.34 7.02
N LEU A 44 -7.96 7.32 6.36
CA LEU A 44 -8.73 6.49 5.44
C LEU A 44 -9.60 5.49 6.21
N ASN A 45 -9.40 5.43 7.52
CA ASN A 45 -10.17 4.53 8.37
C ASN A 45 -9.94 3.07 7.95
N LEU A 46 -8.74 2.78 7.46
CA LEU A 46 -8.39 1.43 7.03
C LEU A 46 -7.35 0.81 7.95
N PRO A 47 -7.35 -0.53 8.03
CA PRO A 47 -6.41 -1.27 8.88
C PRO A 47 -4.99 -1.21 8.35
N THR A 48 -4.04 -0.86 9.21
CA THR A 48 -2.64 -0.76 8.83
C THR A 48 -2.22 -1.95 7.98
N ARG A 49 -2.68 -3.14 8.36
CA ARG A 49 -2.35 -4.36 7.62
C ARG A 49 -2.63 -4.19 6.14
N VAL A 50 -3.71 -3.47 5.82
CA VAL A 50 -4.09 -3.24 4.44
C VAL A 50 -3.20 -2.20 3.78
N ILE A 51 -2.79 -1.20 4.56
CA ILE A 51 -1.92 -0.15 4.05
C ILE A 51 -0.50 -0.65 3.87
N VAL A 52 -0.10 -1.61 4.70
CA VAL A 52 1.24 -2.18 4.63
C VAL A 52 1.43 -2.99 3.36
N VAL A 53 0.56 -3.98 3.15
CA VAL A 53 0.63 -4.83 1.97
C VAL A 53 0.66 -3.99 0.69
N TRP A 54 -0.11 -2.91 0.69
CA TRP A 54 -0.18 -2.02 -0.46
C TRP A 54 1.14 -1.28 -0.66
N PHE A 55 1.68 -0.74 0.43
CA PHE A 55 2.93 -0.01 0.37
C PHE A 55 4.09 -0.92 -0.03
N GLN A 56 4.10 -2.13 0.53
CA GLN A 56 5.14 -3.10 0.22
C GLN A 56 5.25 -3.33 -1.28
N ASN A 57 4.13 -3.67 -1.91
CA ASN A 57 4.10 -3.92 -3.34
C ASN A 57 4.55 -2.68 -4.12
N ALA A 58 3.88 -1.56 -3.85
CA ALA A 58 4.21 -0.30 -4.52
C ALA A 58 5.71 -0.11 -4.60
N ARG A 59 6.45 -0.76 -3.71
CA ARG A 59 7.90 -0.66 -3.69
C ARG A 59 8.54 -1.70 -4.60
N GLN A 60 7.97 -2.90 -4.61
CA GLN A 60 8.48 -3.98 -5.44
C GLN A 60 8.25 -3.71 -6.92
N LYS A 61 7.16 -3.00 -7.21
CA LYS A 61 6.82 -2.65 -8.60
C LYS A 61 7.68 -1.50 -9.10
N ALA A 62 8.08 -0.63 -8.17
CA ALA A 62 8.90 0.52 -8.52
C ALA A 62 10.20 0.09 -9.20
N ARG A 63 10.76 -1.03 -8.74
CA ARG A 63 12.00 -1.55 -9.29
C ARG A 63 12.07 -1.29 -10.80
N LYS A 64 13.19 -0.72 -11.24
CA LYS A 64 13.38 -0.41 -12.65
C LYS A 64 14.11 -1.55 -13.35
N SER A 65 13.72 -1.83 -14.60
CA SER A 65 14.34 -2.89 -15.38
C SER A 65 14.67 -2.40 -16.78
N GLY A 66 15.84 -1.79 -16.93
CA GLY A 66 16.25 -1.29 -18.24
C GLY A 66 17.16 -2.26 -18.97
N PRO A 67 18.48 -2.08 -18.82
CA PRO A 67 19.47 -2.93 -19.47
C PRO A 67 19.50 -4.35 -18.88
N SER A 68 18.67 -4.57 -17.86
CA SER A 68 18.61 -5.87 -17.21
C SER A 68 17.96 -6.90 -18.12
N SER A 69 18.75 -7.90 -18.52
CA SER A 69 18.26 -8.96 -19.39
C SER A 69 16.81 -9.29 -19.08
N GLY A 70 15.99 -9.41 -20.12
CA GLY A 70 14.59 -9.73 -19.94
C GLY A 70 13.79 -9.65 -21.23
N GLY A 1 2.62 -11.09 3.39
CA GLY A 1 1.43 -11.84 3.73
C GLY A 1 1.01 -12.77 2.62
N SER A 2 0.18 -13.76 2.95
CA SER A 2 -0.30 -14.72 1.97
C SER A 2 -1.79 -14.54 1.71
N SER A 3 -2.15 -14.39 0.44
CA SER A 3 -3.54 -14.20 0.06
C SER A 3 -3.97 -15.24 -0.98
N GLY A 4 -5.26 -15.58 -0.97
CA GLY A 4 -5.77 -16.56 -1.91
C GLY A 4 -7.10 -16.15 -2.51
N SER A 5 -7.71 -17.05 -3.27
CA SER A 5 -9.00 -16.78 -3.90
C SER A 5 -10.14 -16.95 -2.91
N SER A 6 -10.56 -15.83 -2.31
CA SER A 6 -11.64 -15.86 -1.34
C SER A 6 -12.76 -14.89 -1.73
N GLY A 7 -13.62 -15.34 -2.63
CA GLY A 7 -14.72 -14.50 -3.09
C GLY A 7 -14.72 -14.32 -4.59
N ARG A 8 -15.93 -14.25 -5.17
CA ARG A 8 -16.06 -14.07 -6.61
C ARG A 8 -15.61 -12.67 -7.04
N SER A 9 -14.51 -12.60 -7.76
CA SER A 9 -13.98 -11.32 -8.22
C SER A 9 -14.12 -10.25 -7.15
N SER A 10 -13.82 -10.63 -5.91
CA SER A 10 -13.92 -9.70 -4.79
C SER A 10 -12.56 -9.52 -4.12
N ARG A 11 -12.26 -8.26 -3.74
CA ARG A 11 -10.99 -7.95 -3.10
C ARG A 11 -10.99 -6.51 -2.60
N THR A 12 -10.02 -6.19 -1.74
CA THR A 12 -9.90 -4.86 -1.18
C THR A 12 -9.47 -3.85 -2.24
N ARG A 13 -10.45 -3.29 -2.95
CA ARG A 13 -10.16 -2.31 -4.00
C ARG A 13 -10.38 -0.89 -3.49
N PHE A 14 -9.29 -0.17 -3.27
CA PHE A 14 -9.36 1.20 -2.79
C PHE A 14 -9.91 2.13 -3.85
N THR A 15 -10.43 3.27 -3.42
CA THR A 15 -11.00 4.25 -4.34
C THR A 15 -10.07 5.45 -4.53
N ASP A 16 -10.20 6.13 -5.65
CA ASP A 16 -9.38 7.30 -5.93
C ASP A 16 -9.08 8.08 -4.66
N TYR A 17 -10.12 8.31 -3.87
CA TYR A 17 -9.97 9.05 -2.61
C TYR A 17 -8.89 8.43 -1.73
N GLN A 18 -8.97 7.11 -1.54
CA GLN A 18 -8.01 6.40 -0.72
C GLN A 18 -6.67 6.28 -1.44
N LEU A 19 -6.71 5.78 -2.67
CA LEU A 19 -5.49 5.61 -3.47
C LEU A 19 -4.75 6.94 -3.61
N ARG A 20 -5.49 8.04 -3.57
CA ARG A 20 -4.89 9.36 -3.69
C ARG A 20 -4.00 9.67 -2.47
N VAL A 21 -4.52 9.39 -1.28
CA VAL A 21 -3.78 9.62 -0.06
C VAL A 21 -2.68 8.60 0.13
N LEU A 22 -2.98 7.34 -0.19
CA LEU A 22 -2.00 6.27 -0.05
C LEU A 22 -0.83 6.47 -1.00
N GLN A 23 -1.14 6.82 -2.24
CA GLN A 23 -0.10 7.06 -3.25
C GLN A 23 0.69 8.33 -2.93
N ASP A 24 -0.02 9.35 -2.46
CA ASP A 24 0.62 10.61 -2.11
C ASP A 24 1.64 10.43 -1.01
N PHE A 25 1.32 9.58 -0.04
CA PHE A 25 2.21 9.31 1.08
C PHE A 25 3.39 8.45 0.65
N PHE A 26 3.16 7.62 -0.37
CA PHE A 26 4.19 6.73 -0.87
C PHE A 26 5.22 7.50 -1.69
N ASP A 27 4.76 8.36 -2.58
CA ASP A 27 5.64 9.17 -3.41
C ASP A 27 6.63 9.94 -2.56
N ALA A 28 6.22 10.27 -1.34
CA ALA A 28 7.08 11.01 -0.42
C ALA A 28 7.82 10.07 0.53
N ASN A 29 7.10 9.07 1.03
CA ASN A 29 7.68 8.11 1.95
C ASN A 29 7.04 6.72 1.77
N ALA A 30 7.87 5.72 1.58
CA ALA A 30 7.38 4.35 1.40
C ALA A 30 7.97 3.41 2.46
N TYR A 31 8.60 3.99 3.47
CA TYR A 31 9.21 3.21 4.54
C TYR A 31 8.89 3.82 5.90
N PRO A 32 7.63 4.24 6.07
CA PRO A 32 7.16 4.84 7.33
C PRO A 32 7.07 3.82 8.46
N LYS A 33 7.03 4.31 9.69
CA LYS A 33 6.94 3.45 10.86
C LYS A 33 5.50 3.29 11.33
N ASP A 34 5.26 2.33 12.20
CA ASP A 34 3.93 2.08 12.73
C ASP A 34 3.22 3.39 13.06
N ASP A 35 3.87 4.24 13.84
CA ASP A 35 3.30 5.52 14.22
C ASP A 35 2.75 6.27 13.00
N GLU A 36 3.56 6.33 11.94
CA GLU A 36 3.15 7.01 10.73
C GLU A 36 1.97 6.30 10.07
N PHE A 37 2.11 4.99 9.88
CA PHE A 37 1.06 4.19 9.27
C PHE A 37 -0.30 4.49 9.90
N GLU A 38 -0.30 4.71 11.22
CA GLU A 38 -1.53 5.01 11.94
C GLU A 38 -2.20 6.25 11.36
N GLN A 39 -1.40 7.25 11.00
CA GLN A 39 -1.92 8.49 10.44
C GLN A 39 -2.81 8.21 9.23
N LEU A 40 -2.36 7.30 8.38
CA LEU A 40 -3.11 6.94 7.18
C LEU A 40 -4.33 6.09 7.54
N SER A 41 -4.15 5.16 8.46
CA SER A 41 -5.22 4.28 8.89
C SER A 41 -6.35 5.08 9.56
N ASN A 42 -5.96 6.12 10.27
CA ASN A 42 -6.93 6.98 10.96
C ASN A 42 -7.67 7.87 9.97
N LEU A 43 -6.97 8.30 8.92
CA LEU A 43 -7.56 9.16 7.90
C LEU A 43 -8.49 8.36 7.00
N LEU A 44 -7.95 7.34 6.35
CA LEU A 44 -8.74 6.49 5.45
C LEU A 44 -9.58 5.49 6.24
N ASN A 45 -9.37 5.47 7.56
CA ASN A 45 -10.12 4.55 8.43
C ASN A 45 -9.87 3.11 8.03
N LEU A 46 -8.65 2.81 7.59
CA LEU A 46 -8.29 1.46 7.18
C LEU A 46 -7.20 0.89 8.10
N PRO A 47 -7.19 -0.45 8.24
CA PRO A 47 -6.21 -1.14 9.08
C PRO A 47 -4.81 -1.10 8.50
N THR A 48 -3.84 -0.78 9.34
CA THR A 48 -2.45 -0.70 8.89
C THR A 48 -2.08 -1.90 8.04
N ARG A 49 -2.51 -3.09 8.46
CA ARG A 49 -2.23 -4.32 7.73
C ARG A 49 -2.56 -4.16 6.25
N VAL A 50 -3.61 -3.40 5.97
CA VAL A 50 -4.04 -3.16 4.58
C VAL A 50 -3.14 -2.14 3.90
N ILE A 51 -2.73 -1.12 4.64
CA ILE A 51 -1.86 -0.08 4.11
C ILE A 51 -0.43 -0.60 3.92
N VAL A 52 -0.06 -1.59 4.73
CA VAL A 52 1.27 -2.17 4.65
C VAL A 52 1.44 -3.01 3.38
N VAL A 53 0.53 -3.95 3.17
CA VAL A 53 0.58 -4.81 2.00
C VAL A 53 0.62 -4.00 0.72
N TRP A 54 -0.14 -2.91 0.70
CA TRP A 54 -0.19 -2.03 -0.47
C TRP A 54 1.13 -1.30 -0.67
N PHE A 55 1.66 -0.73 0.42
CA PHE A 55 2.92 0.00 0.36
C PHE A 55 4.06 -0.94 -0.03
N GLN A 56 4.05 -2.15 0.51
CA GLN A 56 5.08 -3.13 0.22
C GLN A 56 5.18 -3.39 -1.29
N ASN A 57 4.06 -3.75 -1.89
CA ASN A 57 4.01 -4.03 -3.33
C ASN A 57 4.38 -2.79 -4.13
N ALA A 58 3.73 -1.68 -3.82
CA ALA A 58 3.98 -0.42 -4.52
C ALA A 58 5.49 -0.18 -4.67
N ARG A 59 6.27 -0.71 -3.73
CA ARG A 59 7.71 -0.55 -3.76
C ARG A 59 8.34 -1.44 -4.81
N GLN A 60 7.87 -2.69 -4.89
CA GLN A 60 8.39 -3.65 -5.85
C GLN A 60 7.87 -3.34 -7.25
N LYS A 61 6.69 -2.71 -7.32
CA LYS A 61 6.08 -2.37 -8.59
C LYS A 61 6.74 -1.13 -9.19
N ALA A 62 7.15 -0.21 -8.32
CA ALA A 62 7.80 1.03 -8.76
C ALA A 62 9.18 0.74 -9.36
N ARG A 63 9.90 -0.18 -8.74
CA ARG A 63 11.24 -0.55 -9.22
C ARG A 63 11.16 -1.35 -10.50
N LYS A 64 10.17 -2.26 -10.57
CA LYS A 64 9.98 -3.10 -11.74
C LYS A 64 10.12 -2.28 -13.02
N SER A 65 9.32 -1.23 -13.14
CA SER A 65 9.35 -0.37 -14.32
C SER A 65 10.77 0.12 -14.60
N GLY A 66 11.18 0.02 -15.85
CA GLY A 66 12.51 0.46 -16.24
C GLY A 66 12.75 0.34 -17.73
N PRO A 67 13.35 -0.78 -18.15
CA PRO A 67 13.65 -1.04 -19.57
C PRO A 67 12.40 -1.29 -20.39
N SER A 68 11.83 -0.21 -20.94
CA SER A 68 10.63 -0.31 -21.74
C SER A 68 10.96 -0.24 -23.23
N SER A 69 11.99 0.54 -23.56
CA SER A 69 12.42 0.69 -24.95
C SER A 69 13.85 1.24 -25.02
N GLY A 70 14.75 0.43 -25.56
CA GLY A 70 16.14 0.85 -25.68
C GLY A 70 16.27 2.26 -26.20
N GLY A 1 -2.23 -7.86 16.97
CA GLY A 1 -1.29 -7.29 16.01
C GLY A 1 -1.36 -7.96 14.66
N SER A 2 -0.22 -8.08 14.00
CA SER A 2 -0.14 -8.70 12.70
C SER A 2 -0.13 -10.23 12.81
N SER A 3 -1.03 -10.75 13.64
CA SER A 3 -1.13 -12.19 13.85
C SER A 3 -2.51 -12.70 13.45
N GLY A 4 -2.56 -13.94 12.97
CA GLY A 4 -3.83 -14.53 12.57
C GLY A 4 -3.70 -15.35 11.30
N SER A 5 -3.09 -14.76 10.28
CA SER A 5 -2.91 -15.44 8.99
C SER A 5 -4.16 -16.23 8.62
N SER A 6 -5.32 -15.64 8.85
CA SER A 6 -6.59 -16.29 8.55
C SER A 6 -7.42 -15.45 7.58
N GLY A 7 -7.88 -16.09 6.49
CA GLY A 7 -8.67 -15.38 5.51
C GLY A 7 -7.93 -15.20 4.20
N ARG A 8 -7.51 -16.32 3.60
CA ARG A 8 -6.79 -16.28 2.33
C ARG A 8 -7.43 -15.28 1.37
N SER A 9 -8.75 -15.25 1.36
CA SER A 9 -9.49 -14.35 0.48
C SER A 9 -9.57 -12.95 1.09
N SER A 10 -8.51 -12.17 0.89
CA SER A 10 -8.45 -10.81 1.43
C SER A 10 -8.24 -9.80 0.30
N ARG A 11 -9.33 -9.36 -0.31
CA ARG A 11 -9.26 -8.40 -1.40
C ARG A 11 -9.92 -7.08 -1.01
N THR A 12 -9.16 -5.99 -1.10
CA THR A 12 -9.67 -4.68 -0.74
C THR A 12 -9.46 -3.69 -1.88
N ARG A 13 -10.56 -3.18 -2.42
CA ARG A 13 -10.50 -2.22 -3.52
C ARG A 13 -10.58 -0.79 -3.00
N PHE A 14 -9.49 -0.04 -3.15
CA PHE A 14 -9.45 1.34 -2.69
C PHE A 14 -10.00 2.28 -3.76
N THR A 15 -10.54 3.42 -3.32
CA THR A 15 -11.09 4.40 -4.23
C THR A 15 -10.15 5.60 -4.39
N ASP A 16 -10.27 6.29 -5.53
CA ASP A 16 -9.44 7.44 -5.81
C ASP A 16 -9.13 8.21 -4.52
N TYR A 17 -10.16 8.41 -3.69
CA TYR A 17 -10.00 9.14 -2.45
C TYR A 17 -8.92 8.49 -1.57
N GLN A 18 -9.00 7.18 -1.42
CA GLN A 18 -8.03 6.44 -0.61
C GLN A 18 -6.70 6.31 -1.35
N LEU A 19 -6.77 5.86 -2.59
CA LEU A 19 -5.57 5.69 -3.41
C LEU A 19 -4.78 6.99 -3.51
N ARG A 20 -5.49 8.11 -3.42
CA ARG A 20 -4.86 9.43 -3.50
C ARG A 20 -3.96 9.66 -2.30
N VAL A 21 -4.48 9.41 -1.10
CA VAL A 21 -3.71 9.60 0.13
C VAL A 21 -2.62 8.55 0.25
N LEU A 22 -2.95 7.32 -0.09
CA LEU A 22 -2.00 6.21 -0.02
C LEU A 22 -0.85 6.41 -0.99
N GLN A 23 -1.18 6.85 -2.21
CA GLN A 23 -0.18 7.08 -3.24
C GLN A 23 0.62 8.35 -2.94
N ASP A 24 -0.07 9.36 -2.44
CA ASP A 24 0.58 10.63 -2.10
C ASP A 24 1.63 10.44 -1.03
N PHE A 25 1.32 9.59 -0.05
CA PHE A 25 2.24 9.32 1.05
C PHE A 25 3.40 8.45 0.59
N PHE A 26 3.14 7.62 -0.42
CA PHE A 26 4.16 6.72 -0.96
C PHE A 26 5.19 7.51 -1.78
N ASP A 27 4.70 8.32 -2.72
CA ASP A 27 5.57 9.11 -3.57
C ASP A 27 6.59 9.88 -2.74
N ALA A 28 6.21 10.23 -1.51
CA ALA A 28 7.09 10.96 -0.61
C ALA A 28 7.84 10.01 0.32
N ASN A 29 7.13 9.03 0.86
CA ASN A 29 7.74 8.07 1.77
C ASN A 29 7.08 6.69 1.60
N ALA A 30 7.91 5.67 1.37
CA ALA A 30 7.41 4.31 1.21
C ALA A 30 7.99 3.38 2.26
N TYR A 31 8.64 3.96 3.27
CA TYR A 31 9.24 3.18 4.34
C TYR A 31 8.89 3.77 5.70
N PRO A 32 7.63 4.17 5.87
CA PRO A 32 7.14 4.75 7.11
C PRO A 32 7.05 3.72 8.24
N LYS A 33 6.95 4.21 9.47
CA LYS A 33 6.86 3.34 10.64
C LYS A 33 5.43 3.28 11.16
N ASP A 34 5.19 2.38 12.12
CA ASP A 34 3.87 2.23 12.70
C ASP A 34 3.22 3.59 12.96
N ASP A 35 3.89 4.41 13.76
CA ASP A 35 3.39 5.74 14.08
C ASP A 35 2.81 6.42 12.84
N GLU A 36 3.58 6.43 11.76
CA GLU A 36 3.14 7.05 10.52
C GLU A 36 1.94 6.32 9.94
N PHE A 37 2.07 5.01 9.77
CA PHE A 37 0.99 4.20 9.22
C PHE A 37 -0.33 4.51 9.92
N GLU A 38 -0.25 4.77 11.23
CA GLU A 38 -1.44 5.08 12.02
C GLU A 38 -2.16 6.30 11.46
N GLN A 39 -1.40 7.33 11.11
CA GLN A 39 -1.97 8.55 10.56
C GLN A 39 -2.92 8.24 9.42
N LEU A 40 -2.46 7.45 8.47
CA LEU A 40 -3.27 7.07 7.31
C LEU A 40 -4.42 6.15 7.73
N SER A 41 -4.12 5.21 8.60
CA SER A 41 -5.12 4.26 9.09
C SER A 41 -6.28 5.00 9.74
N ASN A 42 -5.99 6.15 10.33
CA ASN A 42 -7.01 6.95 10.99
C ASN A 42 -7.77 7.82 9.98
N LEU A 43 -7.07 8.28 8.96
CA LEU A 43 -7.68 9.10 7.92
C LEU A 43 -8.58 8.27 7.02
N LEU A 44 -8.02 7.25 6.39
CA LEU A 44 -8.77 6.38 5.51
C LEU A 44 -9.63 5.40 6.30
N ASN A 45 -9.40 5.35 7.61
CA ASN A 45 -10.15 4.46 8.49
C ASN A 45 -9.93 3.01 8.11
N LEU A 46 -8.75 2.72 7.56
CA LEU A 46 -8.40 1.36 7.16
C LEU A 46 -7.32 0.78 8.06
N PRO A 47 -7.32 -0.56 8.18
CA PRO A 47 -6.34 -1.26 9.01
C PRO A 47 -4.93 -1.21 8.44
N THR A 48 -3.97 -0.84 9.29
CA THR A 48 -2.58 -0.74 8.86
C THR A 48 -2.17 -1.95 8.02
N ARG A 49 -2.61 -3.13 8.44
CA ARG A 49 -2.28 -4.36 7.73
C ARG A 49 -2.62 -4.24 6.25
N VAL A 50 -3.69 -3.51 5.95
CA VAL A 50 -4.12 -3.32 4.56
C VAL A 50 -3.24 -2.29 3.86
N ILE A 51 -2.85 -1.25 4.60
CA ILE A 51 -2.01 -0.20 4.04
C ILE A 51 -0.58 -0.69 3.85
N VAL A 52 -0.15 -1.63 4.68
CA VAL A 52 1.19 -2.19 4.60
C VAL A 52 1.36 -3.01 3.33
N VAL A 53 0.48 -3.98 3.13
CA VAL A 53 0.54 -4.83 1.94
C VAL A 53 0.59 -3.99 0.67
N TRP A 54 -0.15 -2.90 0.65
CA TRP A 54 -0.19 -2.01 -0.51
C TRP A 54 1.14 -1.30 -0.69
N PHE A 55 1.67 -0.73 0.40
CA PHE A 55 2.94 -0.01 0.34
C PHE A 55 4.07 -0.96 -0.04
N GLN A 56 4.04 -2.17 0.51
CA GLN A 56 5.07 -3.15 0.23
C GLN A 56 5.19 -3.42 -1.27
N ASN A 57 4.08 -3.81 -1.88
CA ASN A 57 4.04 -4.08 -3.32
C ASN A 57 4.47 -2.85 -4.12
N ALA A 58 3.87 -1.71 -3.81
CA ALA A 58 4.18 -0.47 -4.50
C ALA A 58 5.69 -0.28 -4.63
N ARG A 59 6.43 -0.67 -3.60
CA ARG A 59 7.87 -0.55 -3.60
C ARG A 59 8.51 -1.53 -4.58
N GLN A 60 7.97 -2.75 -4.61
CA GLN A 60 8.47 -3.79 -5.51
C GLN A 60 8.33 -3.36 -6.96
N LYS A 61 7.22 -2.71 -7.28
CA LYS A 61 6.96 -2.25 -8.64
C LYS A 61 7.98 -1.20 -9.06
N ALA A 62 8.32 -0.29 -8.14
CA ALA A 62 9.28 0.76 -8.41
C ALA A 62 10.60 0.18 -8.89
N ARG A 63 11.02 -0.91 -8.26
CA ARG A 63 12.28 -1.57 -8.63
C ARG A 63 12.25 -2.04 -10.07
N LYS A 64 12.96 -1.35 -10.93
CA LYS A 64 13.03 -1.70 -12.34
C LYS A 64 13.08 -3.21 -12.52
N SER A 65 12.70 -3.67 -13.72
CA SER A 65 12.70 -5.10 -14.02
C SER A 65 14.12 -5.58 -14.33
N GLY A 66 15.08 -5.17 -13.51
CA GLY A 66 16.46 -5.57 -13.73
C GLY A 66 16.94 -5.29 -15.14
N PRO A 67 18.13 -5.82 -15.48
CA PRO A 67 18.72 -5.62 -16.80
C PRO A 67 17.97 -6.40 -17.88
N SER A 68 16.89 -7.05 -17.49
CA SER A 68 16.08 -7.84 -18.42
C SER A 68 14.65 -7.31 -18.48
N SER A 69 14.39 -6.40 -19.41
CA SER A 69 13.06 -5.82 -19.56
C SER A 69 12.00 -6.91 -19.65
N GLY A 70 12.24 -7.91 -20.50
CA GLY A 70 11.29 -8.99 -20.66
C GLY A 70 11.19 -9.85 -19.42
N GLY A 1 -14.35 -22.09 -10.99
CA GLY A 1 -14.28 -23.23 -11.90
C GLY A 1 -15.61 -23.50 -12.59
N SER A 2 -16.51 -24.16 -11.88
CA SER A 2 -17.83 -24.49 -12.43
C SER A 2 -18.68 -23.23 -12.58
N SER A 3 -18.72 -22.42 -11.53
CA SER A 3 -19.50 -21.19 -11.54
C SER A 3 -18.97 -20.22 -12.60
N GLY A 4 -17.65 -20.05 -12.63
CA GLY A 4 -17.05 -19.15 -13.59
C GLY A 4 -15.81 -18.46 -13.05
N SER A 5 -15.76 -17.14 -13.19
CA SER A 5 -14.63 -16.36 -12.72
C SER A 5 -14.96 -15.68 -11.40
N SER A 6 -13.93 -15.45 -10.58
CA SER A 6 -14.10 -14.80 -9.28
C SER A 6 -12.81 -14.12 -8.83
N GLY A 7 -12.80 -12.79 -8.88
CA GLY A 7 -11.64 -12.05 -8.48
C GLY A 7 -11.23 -12.33 -7.04
N ARG A 8 -10.17 -13.12 -6.87
CA ARG A 8 -9.69 -13.46 -5.53
C ARG A 8 -8.51 -12.59 -5.14
N SER A 9 -7.53 -12.48 -6.05
CA SER A 9 -6.34 -11.68 -5.80
C SER A 9 -6.71 -10.36 -5.14
N SER A 10 -7.62 -9.62 -5.75
CA SER A 10 -8.06 -8.33 -5.22
C SER A 10 -9.17 -8.51 -4.19
N ARG A 11 -8.78 -8.57 -2.92
CA ARG A 11 -9.74 -8.75 -1.83
C ARG A 11 -10.36 -7.42 -1.44
N THR A 12 -9.52 -6.45 -1.08
CA THR A 12 -10.00 -5.13 -0.68
C THR A 12 -9.60 -4.07 -1.71
N ARG A 13 -10.59 -3.51 -2.39
CA ARG A 13 -10.33 -2.48 -3.40
C ARG A 13 -10.47 -1.08 -2.79
N PHE A 14 -9.60 -0.17 -3.22
CA PHE A 14 -9.62 1.19 -2.72
C PHE A 14 -10.16 2.15 -3.78
N THR A 15 -10.56 3.34 -3.35
CA THR A 15 -11.11 4.34 -4.26
C THR A 15 -10.15 5.52 -4.42
N ASP A 16 -10.23 6.20 -5.55
CA ASP A 16 -9.36 7.34 -5.82
C ASP A 16 -9.09 8.13 -4.54
N TYR A 17 -10.13 8.35 -3.75
CA TYR A 17 -10.01 9.09 -2.50
C TYR A 17 -8.94 8.47 -1.60
N GLN A 18 -9.00 7.14 -1.47
CA GLN A 18 -8.05 6.43 -0.63
C GLN A 18 -6.71 6.28 -1.35
N LEU A 19 -6.74 5.83 -2.60
CA LEU A 19 -5.54 5.65 -3.38
C LEU A 19 -4.74 6.95 -3.46
N ARG A 20 -5.46 8.08 -3.43
CA ARG A 20 -4.82 9.39 -3.50
C ARG A 20 -3.92 9.62 -2.29
N VAL A 21 -4.44 9.33 -1.11
CA VAL A 21 -3.69 9.51 0.13
C VAL A 21 -2.60 8.46 0.26
N LEU A 22 -2.92 7.22 -0.11
CA LEU A 22 -1.96 6.13 -0.04
C LEU A 22 -0.82 6.32 -1.02
N GLN A 23 -1.16 6.78 -2.23
CA GLN A 23 -0.16 7.01 -3.26
C GLN A 23 0.63 8.28 -2.98
N ASP A 24 -0.07 9.31 -2.49
CA ASP A 24 0.58 10.58 -2.18
C ASP A 24 1.62 10.41 -1.07
N PHE A 25 1.28 9.62 -0.06
CA PHE A 25 2.18 9.37 1.05
C PHE A 25 3.34 8.48 0.62
N PHE A 26 3.08 7.63 -0.36
CA PHE A 26 4.11 6.72 -0.87
C PHE A 26 5.14 7.47 -1.70
N ASP A 27 4.68 8.27 -2.65
CA ASP A 27 5.56 9.04 -3.51
C ASP A 27 6.58 9.81 -2.68
N ALA A 28 6.19 10.20 -1.47
CA ALA A 28 7.07 10.95 -0.58
C ALA A 28 7.80 10.01 0.38
N ASN A 29 7.07 9.06 0.94
CA ASN A 29 7.64 8.10 1.87
C ASN A 29 7.02 6.72 1.70
N ALA A 30 7.85 5.71 1.44
CA ALA A 30 7.38 4.35 1.26
C ALA A 30 7.97 3.42 2.31
N TYR A 31 8.60 4.00 3.32
CA TYR A 31 9.21 3.22 4.40
C TYR A 31 8.85 3.80 5.76
N PRO A 32 7.58 4.21 5.91
CA PRO A 32 7.07 4.78 7.16
C PRO A 32 6.98 3.75 8.28
N LYS A 33 6.99 4.22 9.52
CA LYS A 33 6.91 3.34 10.68
C LYS A 33 5.47 3.22 11.17
N ASP A 34 5.25 2.32 12.13
CA ASP A 34 3.92 2.10 12.68
C ASP A 34 3.24 3.44 13.01
N ASP A 35 3.95 4.28 13.74
CA ASP A 35 3.43 5.59 14.13
C ASP A 35 2.86 6.33 12.92
N GLU A 36 3.64 6.33 11.84
CA GLU A 36 3.22 7.00 10.61
C GLU A 36 2.00 6.31 10.00
N PHE A 37 2.09 5.00 9.83
CA PHE A 37 0.99 4.22 9.26
C PHE A 37 -0.33 4.57 9.94
N GLU A 38 -0.27 4.81 11.25
CA GLU A 38 -1.47 5.14 12.01
C GLU A 38 -2.15 6.39 11.46
N GLN A 39 -1.34 7.38 11.10
CA GLN A 39 -1.86 8.63 10.54
C GLN A 39 -2.79 8.35 9.37
N LEU A 40 -2.33 7.53 8.43
CA LEU A 40 -3.12 7.19 7.25
C LEU A 40 -4.26 6.23 7.61
N SER A 41 -3.97 5.28 8.50
CA SER A 41 -4.96 4.31 8.93
C SER A 41 -6.14 5.00 9.60
N ASN A 42 -5.87 6.13 10.24
CA ASN A 42 -6.92 6.89 10.92
C ASN A 42 -7.68 7.76 9.93
N LEU A 43 -6.97 8.27 8.93
CA LEU A 43 -7.59 9.13 7.91
C LEU A 43 -8.50 8.31 7.00
N LEU A 44 -7.93 7.31 6.35
CA LEU A 44 -8.70 6.44 5.45
C LEU A 44 -9.56 5.46 6.23
N ASN A 45 -9.36 5.43 7.55
CA ASN A 45 -10.11 4.53 8.41
C ASN A 45 -9.90 3.07 8.01
N LEU A 46 -8.70 2.77 7.53
CA LEU A 46 -8.35 1.41 7.11
C LEU A 46 -7.30 0.80 8.03
N PRO A 47 -7.30 -0.54 8.13
CA PRO A 47 -6.36 -1.27 8.96
C PRO A 47 -4.93 -1.21 8.42
N THR A 48 -3.99 -0.86 9.29
CA THR A 48 -2.58 -0.77 8.90
C THR A 48 -2.18 -1.97 8.04
N ARG A 49 -2.66 -3.15 8.40
CA ARG A 49 -2.34 -4.37 7.67
C ARG A 49 -2.65 -4.20 6.19
N VAL A 50 -3.73 -3.48 5.89
CA VAL A 50 -4.12 -3.24 4.50
C VAL A 50 -3.21 -2.21 3.83
N ILE A 51 -2.84 -1.19 4.59
CA ILE A 51 -1.97 -0.14 4.07
C ILE A 51 -0.54 -0.65 3.88
N VAL A 52 -0.14 -1.60 4.72
CA VAL A 52 1.19 -2.18 4.64
C VAL A 52 1.37 -2.99 3.37
N VAL A 53 0.46 -3.93 3.14
CA VAL A 53 0.52 -4.78 1.95
C VAL A 53 0.55 -3.94 0.68
N TRP A 54 -0.23 -2.87 0.66
CA TRP A 54 -0.29 -1.98 -0.49
C TRP A 54 1.04 -1.25 -0.67
N PHE A 55 1.58 -0.73 0.42
CA PHE A 55 2.85 0.00 0.37
C PHE A 55 3.99 -0.92 -0.03
N GLN A 56 3.99 -2.13 0.52
CA GLN A 56 5.03 -3.10 0.22
C GLN A 56 5.14 -3.34 -1.29
N ASN A 57 4.02 -3.74 -1.90
CA ASN A 57 3.98 -4.00 -3.34
C ASN A 57 4.43 -2.77 -4.12
N ALA A 58 3.83 -1.63 -3.81
CA ALA A 58 4.15 -0.38 -4.49
C ALA A 58 5.67 -0.22 -4.63
N ARG A 59 6.41 -0.60 -3.59
CA ARG A 59 7.86 -0.50 -3.61
C ARG A 59 8.46 -1.49 -4.61
N GLN A 60 7.96 -2.71 -4.60
CA GLN A 60 8.45 -3.74 -5.51
C GLN A 60 8.31 -3.31 -6.96
N LYS A 61 7.17 -2.68 -7.28
CA LYS A 61 6.92 -2.21 -8.63
C LYS A 61 7.88 -1.10 -9.02
N ALA A 62 8.10 -0.18 -8.09
CA ALA A 62 9.01 0.94 -8.33
C ALA A 62 10.41 0.45 -8.66
N ARG A 63 10.87 -0.56 -7.93
CA ARG A 63 12.20 -1.13 -8.14
C ARG A 63 12.57 -1.09 -9.62
N LYS A 64 13.72 -0.50 -9.92
CA LYS A 64 14.20 -0.40 -11.29
C LYS A 64 15.67 0.00 -11.33
N SER A 65 16.38 -0.45 -12.36
CA SER A 65 17.79 -0.13 -12.51
C SER A 65 17.99 0.94 -13.58
N GLY A 66 17.58 0.63 -14.81
CA GLY A 66 17.74 1.57 -15.90
C GLY A 66 19.04 1.40 -16.64
N PRO A 67 19.01 1.66 -17.95
CA PRO A 67 20.21 1.54 -18.81
C PRO A 67 21.24 2.62 -18.52
N SER A 68 22.51 2.23 -18.52
CA SER A 68 23.59 3.17 -18.25
C SER A 68 23.48 4.40 -19.16
N SER A 69 23.67 5.58 -18.57
CA SER A 69 23.58 6.82 -19.31
C SER A 69 24.97 7.32 -19.71
N GLY A 70 25.05 8.01 -20.84
CA GLY A 70 26.32 8.53 -21.30
C GLY A 70 27.10 9.22 -20.20
N GLY A 1 -19.84 1.40 0.50
CA GLY A 1 -18.91 0.94 1.52
C GLY A 1 -17.88 -0.02 0.96
N SER A 2 -17.61 -1.09 1.70
CA SER A 2 -16.62 -2.09 1.28
C SER A 2 -17.30 -3.42 0.96
N SER A 3 -17.27 -3.80 -0.31
CA SER A 3 -17.89 -5.05 -0.75
C SER A 3 -17.47 -5.39 -2.17
N GLY A 4 -17.65 -6.65 -2.55
CA GLY A 4 -17.29 -7.09 -3.89
C GLY A 4 -16.62 -8.45 -3.89
N SER A 5 -15.44 -8.53 -3.26
CA SER A 5 -14.70 -9.78 -3.20
C SER A 5 -15.61 -10.95 -2.83
N SER A 6 -15.07 -12.15 -2.89
CA SER A 6 -15.84 -13.35 -2.58
C SER A 6 -15.64 -13.75 -1.12
N GLY A 7 -16.36 -14.78 -0.69
CA GLY A 7 -16.25 -15.25 0.68
C GLY A 7 -14.82 -15.60 1.05
N ARG A 8 -14.12 -16.29 0.15
CA ARG A 8 -12.75 -16.68 0.40
C ARG A 8 -11.82 -16.16 -0.69
N SER A 9 -11.23 -14.99 -0.44
CA SER A 9 -10.33 -14.37 -1.41
C SER A 9 -9.62 -13.16 -0.79
N SER A 10 -8.31 -13.28 -0.60
CA SER A 10 -7.52 -12.21 -0.02
C SER A 10 -7.31 -11.08 -1.03
N ARG A 11 -8.22 -10.12 -1.04
CA ARG A 11 -8.14 -8.99 -1.94
C ARG A 11 -8.75 -7.73 -1.32
N THR A 12 -8.28 -6.57 -1.77
CA THR A 12 -8.78 -5.30 -1.25
C THR A 12 -8.83 -4.24 -2.35
N ARG A 13 -9.95 -3.54 -2.44
CA ARG A 13 -10.12 -2.49 -3.44
C ARG A 13 -10.30 -1.13 -2.79
N PHE A 14 -9.52 -0.16 -3.25
CA PHE A 14 -9.58 1.20 -2.70
C PHE A 14 -10.18 2.15 -3.72
N THR A 15 -10.57 3.34 -3.25
CA THR A 15 -11.16 4.35 -4.12
C THR A 15 -10.21 5.52 -4.33
N ASP A 16 -10.37 6.20 -5.46
CA ASP A 16 -9.51 7.35 -5.78
C ASP A 16 -9.20 8.16 -4.53
N TYR A 17 -10.21 8.34 -3.68
CA TYR A 17 -10.05 9.11 -2.45
C TYR A 17 -8.96 8.51 -1.57
N GLN A 18 -8.99 7.18 -1.43
CA GLN A 18 -8.00 6.49 -0.62
C GLN A 18 -6.67 6.35 -1.36
N LEU A 19 -6.74 5.90 -2.61
CA LEU A 19 -5.55 5.73 -3.42
C LEU A 19 -4.76 7.03 -3.52
N ARG A 20 -5.48 8.14 -3.49
CA ARG A 20 -4.85 9.46 -3.58
C ARG A 20 -3.95 9.72 -2.37
N VAL A 21 -4.46 9.40 -1.19
CA VAL A 21 -3.71 9.59 0.05
C VAL A 21 -2.61 8.55 0.19
N LEU A 22 -2.94 7.30 -0.15
CA LEU A 22 -1.98 6.21 -0.07
C LEU A 22 -0.83 6.41 -1.05
N GLN A 23 -1.18 6.81 -2.27
CA GLN A 23 -0.18 7.04 -3.30
C GLN A 23 0.63 8.30 -3.02
N ASP A 24 -0.03 9.30 -2.46
CA ASP A 24 0.61 10.57 -2.14
C ASP A 24 1.65 10.38 -1.03
N PHE A 25 1.31 9.57 -0.03
CA PHE A 25 2.21 9.29 1.08
C PHE A 25 3.39 8.45 0.64
N PHE A 26 3.15 7.60 -0.37
CA PHE A 26 4.20 6.72 -0.88
C PHE A 26 5.21 7.52 -1.70
N ASP A 27 4.71 8.30 -2.65
CA ASP A 27 5.58 9.11 -3.50
C ASP A 27 6.56 9.92 -2.67
N ALA A 28 6.12 10.33 -1.47
CA ALA A 28 6.96 11.11 -0.58
C ALA A 28 7.73 10.21 0.37
N ASN A 29 7.07 9.19 0.90
CA ASN A 29 7.69 8.26 1.83
C ASN A 29 7.10 6.87 1.67
N ALA A 30 7.97 5.88 1.43
CA ALA A 30 7.54 4.50 1.27
C ALA A 30 8.17 3.59 2.32
N TYR A 31 8.80 4.20 3.32
CA TYR A 31 9.46 3.45 4.38
C TYR A 31 9.08 4.00 5.75
N PRO A 32 7.79 4.34 5.92
CA PRO A 32 7.27 4.88 7.17
C PRO A 32 7.24 3.85 8.29
N LYS A 33 7.00 4.30 9.51
CA LYS A 33 6.95 3.41 10.66
C LYS A 33 5.50 3.24 11.16
N ASP A 34 5.31 2.30 12.08
CA ASP A 34 3.98 2.05 12.63
C ASP A 34 3.28 3.36 13.00
N ASP A 35 3.99 4.22 13.72
CA ASP A 35 3.44 5.51 14.13
C ASP A 35 2.85 6.26 12.93
N GLU A 36 3.63 6.31 11.85
CA GLU A 36 3.18 6.99 10.64
C GLU A 36 1.97 6.30 10.03
N PHE A 37 2.09 4.99 9.82
CA PHE A 37 1.00 4.20 9.24
C PHE A 37 -0.32 4.53 9.92
N GLU A 38 -0.28 4.74 11.24
CA GLU A 38 -1.47 5.05 12.01
C GLU A 38 -2.17 6.29 11.45
N GLN A 39 -1.38 7.31 11.13
CA GLN A 39 -1.91 8.56 10.60
C GLN A 39 -2.86 8.28 9.43
N LEU A 40 -2.41 7.45 8.50
CA LEU A 40 -3.21 7.10 7.33
C LEU A 40 -4.36 6.18 7.72
N SER A 41 -4.09 5.22 8.59
CA SER A 41 -5.09 4.28 9.04
C SER A 41 -6.27 5.01 9.69
N ASN A 42 -5.99 6.16 10.29
CA ASN A 42 -7.01 6.96 10.95
C ASN A 42 -7.76 7.83 9.94
N LEU A 43 -7.03 8.30 8.93
CA LEU A 43 -7.62 9.15 7.90
C LEU A 43 -8.52 8.34 6.97
N LEU A 44 -7.95 7.32 6.34
CA LEU A 44 -8.69 6.47 5.43
C LEU A 44 -9.59 5.51 6.20
N ASN A 45 -9.35 5.40 7.50
CA ASN A 45 -10.14 4.51 8.36
C ASN A 45 -9.91 3.05 7.98
N LEU A 46 -8.73 2.76 7.46
CA LEU A 46 -8.38 1.40 7.06
C LEU A 46 -7.32 0.81 7.99
N PRO A 47 -7.32 -0.53 8.10
CA PRO A 47 -6.38 -1.25 8.96
C PRO A 47 -4.95 -1.19 8.40
N THR A 48 -4.00 -0.87 9.27
CA THR A 48 -2.60 -0.79 8.87
C THR A 48 -2.19 -1.99 8.02
N ARG A 49 -2.76 -3.15 8.34
CA ARG A 49 -2.46 -4.38 7.62
C ARG A 49 -2.77 -4.22 6.13
N VAL A 50 -3.83 -3.47 5.83
CA VAL A 50 -4.24 -3.25 4.45
C VAL A 50 -3.33 -2.22 3.78
N ILE A 51 -2.91 -1.21 4.53
CA ILE A 51 -2.05 -0.16 4.01
C ILE A 51 -0.62 -0.67 3.84
N VAL A 52 -0.22 -1.60 4.69
CA VAL A 52 1.12 -2.17 4.63
C VAL A 52 1.31 -2.99 3.37
N VAL A 53 0.44 -3.97 3.16
CA VAL A 53 0.52 -4.82 1.97
C VAL A 53 0.57 -3.99 0.70
N TRP A 54 -0.20 -2.90 0.66
CA TRP A 54 -0.24 -2.03 -0.50
C TRP A 54 1.09 -1.30 -0.67
N PHE A 55 1.62 -0.78 0.43
CA PHE A 55 2.89 -0.07 0.39
C PHE A 55 4.04 -1.00 0.01
N GLN A 56 4.00 -2.22 0.54
CA GLN A 56 5.02 -3.22 0.26
C GLN A 56 5.14 -3.47 -1.24
N ASN A 57 4.01 -3.77 -1.87
CA ASN A 57 3.99 -4.03 -3.31
C ASN A 57 4.50 -2.82 -4.10
N ALA A 58 3.89 -1.67 -3.84
CA ALA A 58 4.28 -0.44 -4.52
C ALA A 58 5.80 -0.34 -4.66
N ARG A 59 6.51 -0.76 -3.62
CA ARG A 59 7.96 -0.72 -3.61
C ARG A 59 8.53 -1.71 -4.62
N GLN A 60 7.99 -2.92 -4.62
CA GLN A 60 8.46 -3.96 -5.54
C GLN A 60 8.29 -3.52 -6.99
N LYS A 61 7.19 -2.85 -7.28
CA LYS A 61 6.92 -2.37 -8.63
C LYS A 61 7.72 -1.11 -8.93
N ALA A 62 7.88 -0.26 -7.91
CA ALA A 62 8.62 0.99 -8.07
C ALA A 62 10.05 0.72 -8.55
N ARG A 63 10.67 -0.31 -7.98
CA ARG A 63 12.03 -0.68 -8.35
C ARG A 63 12.22 -0.62 -9.87
N LYS A 64 13.16 0.21 -10.30
CA LYS A 64 13.44 0.36 -11.73
C LYS A 64 14.95 0.32 -11.99
N SER A 65 15.32 -0.09 -13.20
CA SER A 65 16.73 -0.18 -13.58
C SER A 65 16.88 -0.35 -15.08
N GLY A 66 18.10 -0.17 -15.57
CA GLY A 66 18.35 -0.31 -17.00
C GLY A 66 19.59 0.44 -17.44
N PRO A 67 20.20 -0.01 -18.54
CA PRO A 67 21.40 0.62 -19.10
C PRO A 67 21.11 1.99 -19.71
N SER A 68 19.87 2.42 -19.60
CA SER A 68 19.46 3.72 -20.14
C SER A 68 19.64 4.82 -19.10
N SER A 69 19.16 4.56 -17.89
CA SER A 69 19.26 5.53 -16.80
C SER A 69 18.79 4.93 -15.49
N GLY A 70 19.65 4.97 -14.48
CA GLY A 70 19.30 4.42 -13.18
C GLY A 70 20.02 5.12 -12.04
N GLY A 1 4.14 -21.43 6.86
CA GLY A 1 5.03 -22.57 6.99
C GLY A 1 4.71 -23.66 5.98
N SER A 2 5.60 -23.84 5.00
CA SER A 2 5.41 -24.84 3.97
C SER A 2 4.05 -24.69 3.30
N SER A 3 3.68 -23.44 3.03
CA SER A 3 2.39 -23.15 2.39
C SER A 3 2.37 -21.73 1.84
N GLY A 4 1.41 -21.46 0.96
CA GLY A 4 1.30 -20.14 0.37
C GLY A 4 -0.04 -19.49 0.66
N SER A 5 -0.90 -19.44 -0.35
CA SER A 5 -2.22 -18.85 -0.20
C SER A 5 -3.33 -19.85 -0.52
N SER A 6 -4.52 -19.59 -0.01
CA SER A 6 -5.65 -20.48 -0.24
C SER A 6 -6.70 -19.81 -1.12
N GLY A 7 -6.57 -19.99 -2.43
CA GLY A 7 -7.50 -19.39 -3.37
C GLY A 7 -7.40 -17.88 -3.41
N ARG A 8 -8.45 -17.23 -3.91
CA ARG A 8 -8.47 -15.78 -4.00
C ARG A 8 -8.94 -15.15 -2.69
N SER A 9 -8.02 -14.50 -2.00
CA SER A 9 -8.34 -13.85 -0.73
C SER A 9 -9.26 -12.66 -0.93
N SER A 10 -9.86 -12.18 0.16
CA SER A 10 -10.77 -11.05 0.09
C SER A 10 -10.25 -9.99 -0.88
N ARG A 11 -11.13 -9.56 -1.79
CA ARG A 11 -10.77 -8.56 -2.79
C ARG A 11 -10.96 -7.16 -2.24
N THR A 12 -9.87 -6.56 -1.74
CA THR A 12 -9.92 -5.22 -1.18
C THR A 12 -9.58 -4.17 -2.24
N ARG A 13 -10.59 -3.38 -2.62
CA ARG A 13 -10.39 -2.34 -3.62
C ARG A 13 -10.53 -0.96 -3.00
N PHE A 14 -9.59 -0.07 -3.31
CA PHE A 14 -9.61 1.28 -2.79
C PHE A 14 -10.18 2.26 -3.81
N THR A 15 -10.62 3.42 -3.34
CA THR A 15 -11.20 4.43 -4.20
C THR A 15 -10.23 5.60 -4.40
N ASP A 16 -10.35 6.28 -5.54
CA ASP A 16 -9.50 7.41 -5.85
C ASP A 16 -9.15 8.19 -4.57
N TYR A 17 -10.15 8.43 -3.74
CA TYR A 17 -9.96 9.17 -2.49
C TYR A 17 -8.88 8.51 -1.64
N GLN A 18 -9.00 7.21 -1.43
CA GLN A 18 -8.04 6.47 -0.63
C GLN A 18 -6.71 6.32 -1.37
N LEU A 19 -6.79 5.89 -2.63
CA LEU A 19 -5.59 5.72 -3.45
C LEU A 19 -4.79 7.00 -3.52
N ARG A 20 -5.48 8.14 -3.46
CA ARG A 20 -4.82 9.44 -3.52
C ARG A 20 -3.92 9.65 -2.32
N VAL A 21 -4.44 9.34 -1.13
CA VAL A 21 -3.68 9.50 0.10
C VAL A 21 -2.59 8.44 0.21
N LEU A 22 -2.93 7.20 -0.13
CA LEU A 22 -1.98 6.10 -0.07
C LEU A 22 -0.84 6.31 -1.06
N GLN A 23 -1.18 6.70 -2.28
CA GLN A 23 -0.19 6.94 -3.32
C GLN A 23 0.60 8.21 -3.03
N ASP A 24 -0.10 9.22 -2.52
CA ASP A 24 0.53 10.49 -2.19
C ASP A 24 1.58 10.33 -1.10
N PHE A 25 1.24 9.55 -0.08
CA PHE A 25 2.15 9.32 1.03
C PHE A 25 3.33 8.45 0.59
N PHE A 26 3.09 7.60 -0.39
CA PHE A 26 4.14 6.71 -0.90
C PHE A 26 5.15 7.49 -1.72
N ASP A 27 4.66 8.31 -2.65
CA ASP A 27 5.53 9.11 -3.50
C ASP A 27 6.52 9.92 -2.65
N ALA A 28 6.08 10.31 -1.47
CA ALA A 28 6.93 11.09 -0.57
C ALA A 28 7.69 10.19 0.38
N ASN A 29 7.02 9.16 0.89
CA ASN A 29 7.64 8.22 1.81
C ASN A 29 7.04 6.83 1.66
N ALA A 30 7.89 5.83 1.44
CA ALA A 30 7.44 4.46 1.28
C ALA A 30 8.06 3.55 2.34
N TYR A 31 8.68 4.16 3.35
CA TYR A 31 9.31 3.41 4.42
C TYR A 31 8.92 3.98 5.78
N PRO A 32 7.63 4.34 5.93
CA PRO A 32 7.10 4.91 7.17
C PRO A 32 7.04 3.87 8.30
N LYS A 33 7.06 4.35 9.53
CA LYS A 33 7.00 3.47 10.70
C LYS A 33 5.56 3.33 11.20
N ASP A 34 5.34 2.33 12.05
CA ASP A 34 4.01 2.08 12.61
C ASP A 34 3.33 3.39 12.99
N ASP A 35 4.07 4.25 13.68
CA ASP A 35 3.53 5.54 14.11
C ASP A 35 2.93 6.30 12.93
N GLU A 36 3.65 6.33 11.82
CA GLU A 36 3.19 7.02 10.63
C GLU A 36 1.98 6.31 10.02
N PHE A 37 2.12 5.00 9.81
CA PHE A 37 1.04 4.21 9.23
C PHE A 37 -0.29 4.50 9.92
N GLU A 38 -0.22 4.78 11.23
CA GLU A 38 -1.42 5.08 12.00
C GLU A 38 -2.12 6.32 11.46
N GLN A 39 -1.34 7.34 11.11
CA GLN A 39 -1.89 8.58 10.59
C GLN A 39 -2.82 8.31 9.41
N LEU A 40 -2.34 7.50 8.46
CA LEU A 40 -3.13 7.16 7.28
C LEU A 40 -4.27 6.21 7.65
N SER A 41 -3.96 5.22 8.48
CA SER A 41 -4.96 4.25 8.91
C SER A 41 -6.13 4.94 9.61
N ASN A 42 -5.83 6.03 10.30
CA ASN A 42 -6.86 6.78 11.01
C ASN A 42 -7.62 7.71 10.07
N LEU A 43 -6.91 8.24 9.08
CA LEU A 43 -7.52 9.14 8.10
C LEU A 43 -8.47 8.38 7.17
N LEU A 44 -7.93 7.38 6.48
CA LEU A 44 -8.73 6.58 5.56
C LEU A 44 -9.62 5.60 6.33
N ASN A 45 -9.36 5.47 7.62
CA ASN A 45 -10.14 4.56 8.46
C ASN A 45 -9.94 3.11 8.03
N LEU A 46 -8.74 2.80 7.54
CA LEU A 46 -8.43 1.45 7.10
C LEU A 46 -7.39 0.81 8.01
N PRO A 47 -7.40 -0.53 8.07
CA PRO A 47 -6.46 -1.29 8.91
C PRO A 47 -5.03 -1.23 8.36
N THR A 48 -4.09 -0.90 9.24
CA THR A 48 -2.69 -0.80 8.85
C THR A 48 -2.28 -1.99 7.98
N ARG A 49 -2.74 -3.19 8.36
CA ARG A 49 -2.42 -4.40 7.63
C ARG A 49 -2.70 -4.22 6.14
N VAL A 50 -3.77 -3.49 5.83
CA VAL A 50 -4.16 -3.24 4.45
C VAL A 50 -3.24 -2.22 3.79
N ILE A 51 -2.88 -1.18 4.55
CA ILE A 51 -2.00 -0.14 4.04
C ILE A 51 -0.58 -0.66 3.85
N VAL A 52 -0.20 -1.62 4.69
CA VAL A 52 1.14 -2.21 4.62
C VAL A 52 1.31 -3.03 3.35
N VAL A 53 0.39 -3.97 3.13
CA VAL A 53 0.44 -4.82 1.95
C VAL A 53 0.51 -3.99 0.67
N TRP A 54 -0.24 -2.89 0.65
CA TRP A 54 -0.26 -2.00 -0.50
C TRP A 54 1.08 -1.29 -0.68
N PHE A 55 1.59 -0.73 0.42
CA PHE A 55 2.86 -0.02 0.39
C PHE A 55 4.01 -0.96 0.02
N GLN A 56 3.95 -2.19 0.53
CA GLN A 56 4.98 -3.17 0.27
C GLN A 56 5.11 -3.43 -1.23
N ASN A 57 4.00 -3.78 -1.86
CA ASN A 57 3.99 -4.05 -3.29
C ASN A 57 4.49 -2.84 -4.08
N ALA A 58 3.90 -1.68 -3.80
CA ALA A 58 4.29 -0.45 -4.49
C ALA A 58 5.81 -0.31 -4.56
N ARG A 59 6.49 -0.78 -3.51
CA ARG A 59 7.95 -0.70 -3.46
C ARG A 59 8.57 -1.65 -4.48
N GLN A 60 8.03 -2.86 -4.56
CA GLN A 60 8.54 -3.86 -5.49
C GLN A 60 8.37 -3.40 -6.94
N LYS A 61 7.24 -2.77 -7.23
CA LYS A 61 6.96 -2.28 -8.57
C LYS A 61 7.96 -1.18 -8.97
N ALA A 62 8.25 -0.29 -8.03
CA ALA A 62 9.18 0.80 -8.28
C ALA A 62 10.55 0.27 -8.72
N ARG A 63 10.95 -0.85 -8.13
CA ARG A 63 12.24 -1.46 -8.47
C ARG A 63 12.42 -1.54 -9.98
N LYS A 64 13.46 -0.90 -10.49
CA LYS A 64 13.75 -0.89 -11.91
C LYS A 64 14.52 -2.15 -12.32
N SER A 65 14.44 -2.50 -13.59
CA SER A 65 15.13 -3.67 -14.11
C SER A 65 15.27 -3.61 -15.63
N GLY A 66 16.28 -4.29 -16.15
CA GLY A 66 16.51 -4.29 -17.59
C GLY A 66 17.96 -4.07 -17.95
N PRO A 67 18.31 -4.37 -19.21
CA PRO A 67 19.67 -4.20 -19.71
C PRO A 67 20.07 -2.73 -19.85
N SER A 68 19.16 -1.84 -19.46
CA SER A 68 19.41 -0.41 -19.53
C SER A 68 20.77 -0.05 -18.91
N SER A 69 21.80 -0.03 -19.74
CA SER A 69 23.14 0.29 -19.27
C SER A 69 23.48 1.76 -19.53
N GLY A 70 24.18 2.37 -18.58
CA GLY A 70 24.56 3.77 -18.73
C GLY A 70 23.92 4.64 -17.66
N GLY A 1 -10.55 -21.34 10.04
CA GLY A 1 -11.68 -21.80 9.23
C GLY A 1 -11.42 -21.66 7.75
N SER A 2 -11.86 -22.65 6.97
CA SER A 2 -11.67 -22.63 5.54
C SER A 2 -12.02 -21.27 4.95
N SER A 3 -11.03 -20.61 4.35
CA SER A 3 -11.24 -19.29 3.75
C SER A 3 -10.83 -19.29 2.29
N GLY A 4 -11.12 -18.19 1.60
CA GLY A 4 -10.78 -18.08 0.19
C GLY A 4 -11.04 -16.69 -0.36
N SER A 5 -11.19 -16.61 -1.69
CA SER A 5 -11.45 -15.33 -2.34
C SER A 5 -12.84 -15.31 -2.96
N SER A 6 -13.66 -14.35 -2.54
CA SER A 6 -15.02 -14.22 -3.05
C SER A 6 -15.07 -13.22 -4.20
N GLY A 7 -14.08 -13.30 -5.09
CA GLY A 7 -14.03 -12.39 -6.23
C GLY A 7 -12.80 -12.60 -7.08
N ARG A 8 -12.38 -11.54 -7.77
CA ARG A 8 -11.19 -11.61 -8.62
C ARG A 8 -9.96 -11.10 -7.89
N SER A 9 -9.29 -12.00 -7.18
CA SER A 9 -8.09 -11.64 -6.42
C SER A 9 -8.22 -10.24 -5.85
N SER A 10 -9.38 -9.93 -5.28
CA SER A 10 -9.62 -8.62 -4.69
C SER A 10 -9.95 -8.74 -3.21
N ARG A 11 -9.18 -8.01 -2.39
CA ARG A 11 -9.40 -8.04 -0.94
C ARG A 11 -9.90 -6.69 -0.44
N THR A 12 -9.09 -5.65 -0.63
CA THR A 12 -9.45 -4.31 -0.20
C THR A 12 -9.38 -3.32 -1.35
N ARG A 13 -10.49 -3.18 -2.07
CA ARG A 13 -10.56 -2.27 -3.20
C ARG A 13 -10.62 -0.82 -2.73
N PHE A 14 -9.56 -0.07 -3.01
CA PHE A 14 -9.50 1.34 -2.60
C PHE A 14 -10.03 2.25 -3.71
N THR A 15 -10.51 3.42 -3.33
CA THR A 15 -11.04 4.37 -4.29
C THR A 15 -10.10 5.57 -4.47
N ASP A 16 -10.23 6.25 -5.60
CA ASP A 16 -9.40 7.41 -5.88
C ASP A 16 -9.07 8.17 -4.61
N TYR A 17 -10.09 8.42 -3.79
CA TYR A 17 -9.91 9.14 -2.54
C TYR A 17 -8.85 8.49 -1.67
N GLN A 18 -8.97 7.18 -1.51
CA GLN A 18 -8.00 6.42 -0.69
C GLN A 18 -6.67 6.31 -1.41
N LEU A 19 -6.70 5.81 -2.65
CA LEU A 19 -5.48 5.65 -3.43
C LEU A 19 -4.71 6.97 -3.52
N ARG A 20 -5.43 8.08 -3.45
CA ARG A 20 -4.81 9.39 -3.51
C ARG A 20 -3.91 9.63 -2.31
N VAL A 21 -4.42 9.33 -1.12
CA VAL A 21 -3.66 9.51 0.10
C VAL A 21 -2.56 8.45 0.24
N LEU A 22 -2.89 7.21 -0.10
CA LEU A 22 -1.94 6.12 -0.03
C LEU A 22 -0.79 6.31 -1.02
N GLN A 23 -1.14 6.67 -2.25
CA GLN A 23 -0.14 6.90 -3.28
C GLN A 23 0.66 8.17 -3.00
N ASP A 24 -0.03 9.21 -2.54
CA ASP A 24 0.61 10.48 -2.23
C ASP A 24 1.64 10.31 -1.11
N PHE A 25 1.29 9.53 -0.10
CA PHE A 25 2.18 9.28 1.03
C PHE A 25 3.36 8.40 0.61
N PHE A 26 3.14 7.57 -0.40
CA PHE A 26 4.18 6.68 -0.90
C PHE A 26 5.21 7.44 -1.72
N ASP A 27 4.73 8.24 -2.65
CA ASP A 27 5.62 9.04 -3.51
C ASP A 27 6.59 9.85 -2.67
N ALA A 28 6.16 10.21 -1.47
CA ALA A 28 6.99 11.00 -0.56
C ALA A 28 7.73 10.09 0.43
N ASN A 29 7.02 9.10 0.96
CA ASN A 29 7.61 8.17 1.92
C ASN A 29 7.01 6.78 1.75
N ALA A 30 7.88 5.79 1.56
CA ALA A 30 7.45 4.41 1.39
C ALA A 30 8.05 3.51 2.46
N TYR A 31 8.66 4.12 3.47
CA TYR A 31 9.28 3.37 4.56
C TYR A 31 8.90 3.96 5.91
N PRO A 32 7.62 4.33 6.06
CA PRO A 32 7.09 4.90 7.29
C PRO A 32 7.03 3.89 8.43
N LYS A 33 7.02 4.38 9.67
CA LYS A 33 6.96 3.52 10.83
C LYS A 33 5.52 3.35 11.31
N ASP A 34 5.32 2.41 12.22
CA ASP A 34 3.99 2.15 12.76
C ASP A 34 3.26 3.44 13.10
N ASP A 35 3.95 4.33 13.83
CA ASP A 35 3.38 5.61 14.21
C ASP A 35 2.81 6.33 13.00
N GLU A 36 3.58 6.37 11.92
CA GLU A 36 3.15 7.04 10.70
C GLU A 36 1.95 6.32 10.07
N PHE A 37 2.10 5.01 9.86
CA PHE A 37 1.03 4.21 9.28
C PHE A 37 -0.31 4.53 9.93
N GLU A 38 -0.28 4.79 11.24
CA GLU A 38 -1.49 5.10 11.98
C GLU A 38 -2.18 6.34 11.42
N GLN A 39 -1.39 7.36 11.11
CA GLN A 39 -1.93 8.60 10.56
C GLN A 39 -2.84 8.31 9.37
N LEU A 40 -2.37 7.48 8.45
CA LEU A 40 -3.14 7.13 7.27
C LEU A 40 -4.28 6.18 7.63
N SER A 41 -3.99 5.22 8.49
CA SER A 41 -4.99 4.25 8.92
C SER A 41 -6.18 4.95 9.57
N ASN A 42 -5.92 6.08 10.21
CA ASN A 42 -6.96 6.84 10.88
C ASN A 42 -7.70 7.74 9.89
N LEU A 43 -6.97 8.24 8.89
CA LEU A 43 -7.55 9.11 7.87
C LEU A 43 -8.47 8.31 6.95
N LEU A 44 -7.92 7.30 6.29
CA LEU A 44 -8.70 6.47 5.38
C LEU A 44 -9.58 5.49 6.15
N ASN A 45 -9.36 5.41 7.46
CA ASN A 45 -10.14 4.51 8.30
C ASN A 45 -9.92 3.06 7.90
N LEU A 46 -8.71 2.75 7.44
CA LEU A 46 -8.37 1.39 7.03
C LEU A 46 -7.33 0.78 7.96
N PRO A 47 -7.32 -0.55 8.05
CA PRO A 47 -6.38 -1.29 8.90
C PRO A 47 -4.95 -1.22 8.36
N THR A 48 -4.01 -0.86 9.23
CA THR A 48 -2.61 -0.75 8.85
C THR A 48 -2.18 -1.96 8.01
N ARG A 49 -2.65 -3.14 8.40
CA ARG A 49 -2.32 -4.37 7.69
C ARG A 49 -2.61 -4.22 6.19
N VAL A 50 -3.68 -3.52 5.87
CA VAL A 50 -4.08 -3.31 4.49
C VAL A 50 -3.18 -2.28 3.81
N ILE A 51 -2.82 -1.23 4.55
CA ILE A 51 -1.97 -0.17 4.02
C ILE A 51 -0.54 -0.67 3.86
N VAL A 52 -0.13 -1.62 4.71
CA VAL A 52 1.21 -2.17 4.64
C VAL A 52 1.41 -3.00 3.38
N VAL A 53 0.51 -3.95 3.15
CA VAL A 53 0.59 -4.81 1.98
C VAL A 53 0.62 -3.98 0.69
N TRP A 54 -0.16 -2.91 0.66
CA TRP A 54 -0.22 -2.05 -0.51
C TRP A 54 1.09 -1.29 -0.69
N PHE A 55 1.61 -0.76 0.41
CA PHE A 55 2.88 -0.02 0.36
C PHE A 55 4.03 -0.93 -0.01
N GLN A 56 4.04 -2.13 0.55
CA GLN A 56 5.09 -3.10 0.27
C GLN A 56 5.22 -3.36 -1.22
N ASN A 57 4.10 -3.73 -1.85
CA ASN A 57 4.09 -4.01 -3.28
C ASN A 57 4.48 -2.77 -4.09
N ALA A 58 3.84 -1.65 -3.78
CA ALA A 58 4.12 -0.40 -4.48
C ALA A 58 5.63 -0.19 -4.63
N ARG A 59 6.40 -0.73 -3.70
CA ARG A 59 7.84 -0.60 -3.73
C ARG A 59 8.45 -1.50 -4.81
N GLN A 60 7.98 -2.74 -4.86
CA GLN A 60 8.48 -3.70 -5.85
C GLN A 60 7.98 -3.35 -7.25
N LYS A 61 6.80 -2.73 -7.31
CA LYS A 61 6.21 -2.33 -8.59
C LYS A 61 6.80 -1.01 -9.08
N ALA A 62 7.16 -0.15 -8.13
CA ALA A 62 7.73 1.15 -8.46
C ALA A 62 9.05 0.99 -9.21
N ARG A 63 9.82 -0.03 -8.84
CA ARG A 63 11.10 -0.29 -9.48
C ARG A 63 10.92 -1.05 -10.78
N LYS A 64 10.02 -2.03 -10.77
CA LYS A 64 9.74 -2.83 -11.95
C LYS A 64 9.37 -1.95 -13.14
N SER A 65 9.91 -2.28 -14.31
CA SER A 65 9.64 -1.52 -15.52
C SER A 65 8.54 -2.17 -16.35
N GLY A 66 7.59 -1.36 -16.82
CA GLY A 66 6.50 -1.87 -17.62
C GLY A 66 5.69 -0.78 -18.28
N PRO A 67 4.88 -0.07 -17.48
CA PRO A 67 4.03 1.02 -17.97
C PRO A 67 4.85 2.24 -18.38
N SER A 68 4.48 2.84 -19.51
CA SER A 68 5.18 4.02 -20.01
C SER A 68 4.35 4.72 -21.07
N SER A 69 4.77 5.94 -21.44
CA SER A 69 4.06 6.73 -22.43
C SER A 69 3.67 5.86 -23.63
N GLY A 70 2.38 5.78 -23.90
CA GLY A 70 1.90 4.99 -25.01
C GLY A 70 0.50 4.47 -24.80
N GLY A 1 -26.40 -19.75 -2.02
CA GLY A 1 -25.96 -18.51 -2.64
C GLY A 1 -24.80 -17.87 -1.90
N SER A 2 -23.62 -17.92 -2.50
CA SER A 2 -22.43 -17.35 -1.88
C SER A 2 -22.36 -15.84 -2.13
N SER A 3 -21.81 -15.11 -1.16
CA SER A 3 -21.69 -13.67 -1.27
C SER A 3 -20.35 -13.19 -0.75
N GLY A 4 -20.10 -11.89 -0.86
CA GLY A 4 -18.85 -11.32 -0.39
C GLY A 4 -17.64 -12.06 -0.95
N SER A 5 -17.01 -12.88 -0.12
CA SER A 5 -15.83 -13.64 -0.55
C SER A 5 -16.07 -14.31 -1.89
N SER A 6 -15.34 -13.86 -2.90
CA SER A 6 -15.47 -14.42 -4.25
C SER A 6 -14.11 -14.70 -4.86
N GLY A 7 -13.21 -15.25 -4.05
CA GLY A 7 -11.88 -15.56 -4.53
C GLY A 7 -10.97 -16.06 -3.42
N ARG A 8 -10.11 -17.02 -3.74
CA ARG A 8 -9.19 -17.59 -2.77
C ARG A 8 -8.59 -16.50 -1.89
N SER A 9 -7.96 -15.51 -2.51
CA SER A 9 -7.35 -14.41 -1.79
C SER A 9 -8.26 -13.19 -1.78
N SER A 10 -8.64 -12.75 -0.58
CA SER A 10 -9.51 -11.58 -0.44
C SER A 10 -8.76 -10.30 -0.77
N ARG A 11 -8.89 -9.86 -2.02
CA ARG A 11 -8.23 -8.64 -2.47
C ARG A 11 -9.00 -7.40 -2.03
N THR A 12 -8.29 -6.29 -1.85
CA THR A 12 -8.92 -5.04 -1.43
C THR A 12 -8.94 -4.03 -2.57
N ARG A 13 -10.10 -3.42 -2.78
CA ARG A 13 -10.27 -2.43 -3.84
C ARG A 13 -10.48 -1.03 -3.26
N PHE A 14 -9.45 -0.21 -3.32
CA PHE A 14 -9.53 1.15 -2.79
C PHE A 14 -10.10 2.11 -3.84
N THR A 15 -10.50 3.29 -3.40
CA THR A 15 -11.06 4.30 -4.29
C THR A 15 -10.10 5.47 -4.47
N ASP A 16 -10.18 6.12 -5.63
CA ASP A 16 -9.32 7.27 -5.92
C ASP A 16 -9.04 8.07 -4.65
N TYR A 17 -10.09 8.30 -3.86
CA TYR A 17 -9.96 9.06 -2.62
C TYR A 17 -8.89 8.46 -1.73
N GLN A 18 -8.96 7.14 -1.53
CA GLN A 18 -8.00 6.44 -0.69
C GLN A 18 -6.65 6.32 -1.39
N LEU A 19 -6.68 5.85 -2.64
CA LEU A 19 -5.47 5.68 -3.42
C LEU A 19 -4.68 6.99 -3.50
N ARG A 20 -5.39 8.10 -3.46
CA ARG A 20 -4.78 9.42 -3.53
C ARG A 20 -3.91 9.67 -2.30
N VAL A 21 -4.44 9.34 -1.12
CA VAL A 21 -3.72 9.54 0.13
C VAL A 21 -2.59 8.52 0.27
N LEU A 22 -2.88 7.26 -0.06
CA LEU A 22 -1.89 6.20 0.03
C LEU A 22 -0.75 6.43 -0.95
N GLN A 23 -1.10 6.75 -2.19
CA GLN A 23 -0.12 7.00 -3.23
C GLN A 23 0.66 8.28 -2.95
N ASP A 24 -0.03 9.29 -2.43
CA ASP A 24 0.59 10.57 -2.11
C ASP A 24 1.63 10.41 -1.01
N PHE A 25 1.32 9.56 -0.03
CA PHE A 25 2.21 9.32 1.10
C PHE A 25 3.39 8.44 0.66
N PHE A 26 3.16 7.61 -0.34
CA PHE A 26 4.19 6.71 -0.85
C PHE A 26 5.22 7.48 -1.67
N ASP A 27 4.73 8.29 -2.61
CA ASP A 27 5.61 9.08 -3.47
C ASP A 27 6.60 9.88 -2.64
N ALA A 28 6.20 10.24 -1.42
CA ALA A 28 7.06 11.00 -0.53
C ALA A 28 7.79 10.09 0.45
N ASN A 29 7.07 9.12 1.00
CA ASN A 29 7.65 8.17 1.95
C ASN A 29 7.05 6.78 1.77
N ALA A 30 7.93 5.80 1.54
CA ALA A 30 7.48 4.42 1.36
C ALA A 30 8.08 3.51 2.43
N TYR A 31 8.70 4.11 3.44
CA TYR A 31 9.31 3.35 4.52
C TYR A 31 8.93 3.93 5.88
N PRO A 32 7.65 4.30 6.02
CA PRO A 32 7.12 4.87 7.26
C PRO A 32 7.06 3.84 8.39
N LYS A 33 6.97 4.33 9.62
CA LYS A 33 6.91 3.46 10.79
C LYS A 33 5.47 3.31 11.27
N ASP A 34 5.25 2.40 12.21
CA ASP A 34 3.92 2.16 12.75
C ASP A 34 3.21 3.48 13.05
N ASP A 35 3.90 4.35 13.79
CA ASP A 35 3.34 5.64 14.16
C ASP A 35 2.78 6.36 12.93
N GLU A 36 3.58 6.39 11.86
CA GLU A 36 3.16 7.05 10.63
C GLU A 36 1.96 6.34 10.02
N PHE A 37 2.07 5.04 9.84
CA PHE A 37 0.99 4.24 9.27
C PHE A 37 -0.35 4.57 9.93
N GLU A 38 -0.31 4.78 11.24
CA GLU A 38 -1.50 5.10 12.00
C GLU A 38 -2.18 6.35 11.44
N GLN A 39 -1.39 7.36 11.11
CA GLN A 39 -1.91 8.61 10.58
C GLN A 39 -2.82 8.34 9.38
N LEU A 40 -2.35 7.53 8.45
CA LEU A 40 -3.12 7.19 7.25
C LEU A 40 -4.25 6.23 7.60
N SER A 41 -3.96 5.27 8.46
CA SER A 41 -4.95 4.28 8.87
C SER A 41 -6.14 4.96 9.54
N ASN A 42 -5.88 6.06 10.25
CA ASN A 42 -6.93 6.80 10.93
C ASN A 42 -7.71 7.67 9.96
N LEU A 43 -7.00 8.22 8.97
CA LEU A 43 -7.63 9.08 7.98
C LEU A 43 -8.56 8.29 7.07
N LEU A 44 -8.01 7.28 6.40
CA LEU A 44 -8.79 6.43 5.51
C LEU A 44 -9.62 5.42 6.30
N ASN A 45 -9.41 5.38 7.61
CA ASN A 45 -10.13 4.46 8.47
C ASN A 45 -9.90 3.01 8.05
N LEU A 46 -8.71 2.73 7.53
CA LEU A 46 -8.36 1.39 7.07
C LEU A 46 -7.34 0.76 8.01
N PRO A 47 -7.34 -0.58 8.07
CA PRO A 47 -6.40 -1.34 8.91
C PRO A 47 -4.97 -1.27 8.39
N THR A 48 -4.05 -0.90 9.27
CA THR A 48 -2.65 -0.80 8.91
C THR A 48 -2.21 -1.97 8.04
N ARG A 49 -2.66 -3.17 8.40
CA ARG A 49 -2.32 -4.37 7.65
C ARG A 49 -2.59 -4.18 6.16
N VAL A 50 -3.68 -3.49 5.85
CA VAL A 50 -4.06 -3.23 4.46
C VAL A 50 -3.14 -2.19 3.82
N ILE A 51 -2.76 -1.20 4.61
CA ILE A 51 -1.89 -0.13 4.13
C ILE A 51 -0.47 -0.64 3.93
N VAL A 52 -0.06 -1.60 4.77
CA VAL A 52 1.28 -2.17 4.69
C VAL A 52 1.45 -2.98 3.42
N VAL A 53 0.57 -3.96 3.21
CA VAL A 53 0.62 -4.81 2.03
C VAL A 53 0.62 -3.98 0.75
N TRP A 54 -0.16 -2.91 0.76
CA TRP A 54 -0.25 -2.02 -0.41
C TRP A 54 1.06 -1.26 -0.61
N PHE A 55 1.61 -0.74 0.47
CA PHE A 55 2.86 0.02 0.40
C PHE A 55 4.02 -0.89 0.00
N GLN A 56 4.02 -2.11 0.53
CA GLN A 56 5.07 -3.08 0.22
C GLN A 56 5.14 -3.34 -1.27
N ASN A 57 3.99 -3.57 -1.89
CA ASN A 57 3.93 -3.84 -3.33
C ASN A 57 4.42 -2.64 -4.12
N ALA A 58 3.79 -1.49 -3.89
CA ALA A 58 4.16 -0.26 -4.59
C ALA A 58 5.68 -0.15 -4.74
N ARG A 59 6.41 -0.75 -3.80
CA ARG A 59 7.86 -0.73 -3.82
C ARG A 59 8.41 -1.69 -4.86
N GLN A 60 7.86 -2.90 -4.88
CA GLN A 60 8.30 -3.92 -5.83
C GLN A 60 7.89 -3.55 -7.26
N LYS A 61 6.75 -2.88 -7.39
CA LYS A 61 6.25 -2.47 -8.69
C LYS A 61 6.82 -1.11 -9.09
N ALA A 62 7.18 -0.32 -8.09
CA ALA A 62 7.74 1.01 -8.32
C ALA A 62 9.00 0.93 -9.18
N ARG A 63 9.83 -0.07 -8.91
CA ARG A 63 11.08 -0.26 -9.65
C ARG A 63 10.83 -0.12 -11.16
N LYS A 64 11.39 0.92 -11.75
CA LYS A 64 11.24 1.16 -13.18
C LYS A 64 11.97 0.10 -14.00
N SER A 65 11.27 -0.98 -14.33
CA SER A 65 11.86 -2.06 -15.10
C SER A 65 11.90 -1.72 -16.58
N GLY A 66 13.11 -1.45 -17.08
CA GLY A 66 13.28 -1.10 -18.47
C GLY A 66 12.87 0.32 -18.77
N PRO A 67 12.88 0.70 -20.06
CA PRO A 67 12.50 2.04 -20.50
C PRO A 67 11.01 2.31 -20.34
N SER A 68 10.66 3.05 -19.30
CA SER A 68 9.26 3.38 -19.02
C SER A 68 9.16 4.49 -17.99
N SER A 69 8.53 5.60 -18.38
CA SER A 69 8.37 6.75 -17.49
C SER A 69 7.17 6.55 -16.57
N GLY A 70 7.14 7.31 -15.48
CA GLY A 70 6.04 7.20 -14.54
C GLY A 70 6.11 5.94 -13.69
N GLY A 1 7.24 -16.32 7.79
CA GLY A 1 7.22 -17.00 6.50
C GLY A 1 6.40 -16.25 5.46
N SER A 2 6.22 -16.86 4.30
CA SER A 2 5.47 -16.25 3.21
C SER A 2 3.97 -16.42 3.44
N SER A 3 3.31 -15.33 3.85
CA SER A 3 1.87 -15.36 4.09
C SER A 3 1.17 -14.23 3.34
N GLY A 4 -0.14 -14.37 3.16
CA GLY A 4 -0.92 -13.37 2.46
C GLY A 4 -2.38 -13.72 2.38
N SER A 5 -2.68 -14.94 1.95
CA SER A 5 -4.06 -15.39 1.83
C SER A 5 -4.24 -16.78 2.44
N SER A 6 -3.52 -17.75 1.89
CA SER A 6 -3.60 -19.12 2.38
C SER A 6 -5.03 -19.49 2.74
N GLY A 7 -5.97 -19.08 1.88
CA GLY A 7 -7.37 -19.37 2.13
C GLY A 7 -8.29 -18.31 1.58
N ARG A 8 -9.00 -17.62 2.46
CA ARG A 8 -9.93 -16.58 2.05
C ARG A 8 -9.18 -15.44 1.34
N SER A 9 -9.83 -14.85 0.34
CA SER A 9 -9.23 -13.75 -0.41
C SER A 9 -9.50 -12.41 0.28
N SER A 10 -10.76 -12.14 0.58
CA SER A 10 -11.14 -10.89 1.23
C SER A 10 -10.32 -9.72 0.69
N ARG A 11 -10.14 -9.69 -0.63
CA ARG A 11 -9.38 -8.63 -1.28
C ARG A 11 -9.95 -7.26 -0.92
N THR A 12 -9.06 -6.30 -0.70
CA THR A 12 -9.47 -4.95 -0.35
C THR A 12 -9.39 -4.02 -1.56
N ARG A 13 -10.39 -3.15 -1.70
CA ARG A 13 -10.43 -2.21 -2.82
C ARG A 13 -10.44 -0.77 -2.31
N PHE A 14 -9.60 0.06 -2.90
CA PHE A 14 -9.51 1.47 -2.51
C PHE A 14 -10.07 2.37 -3.60
N THR A 15 -10.54 3.55 -3.20
CA THR A 15 -11.10 4.50 -4.14
C THR A 15 -10.17 5.69 -4.35
N ASP A 16 -10.34 6.37 -5.48
CA ASP A 16 -9.51 7.52 -5.79
C ASP A 16 -9.13 8.29 -4.54
N TYR A 17 -10.12 8.54 -3.68
CA TYR A 17 -9.88 9.26 -2.43
C TYR A 17 -8.80 8.58 -1.60
N GLN A 18 -8.94 7.27 -1.41
CA GLN A 18 -7.98 6.50 -0.63
C GLN A 18 -6.66 6.36 -1.39
N LEU A 19 -6.74 5.90 -2.64
CA LEU A 19 -5.57 5.70 -3.47
C LEU A 19 -4.76 7.00 -3.57
N ARG A 20 -5.44 8.13 -3.48
CA ARG A 20 -4.78 9.43 -3.55
C ARG A 20 -3.90 9.66 -2.34
N VAL A 21 -4.42 9.34 -1.16
CA VAL A 21 -3.67 9.51 0.08
C VAL A 21 -2.58 8.46 0.22
N LEU A 22 -2.92 7.22 -0.13
CA LEU A 22 -1.96 6.12 -0.05
C LEU A 22 -0.80 6.34 -1.02
N GLN A 23 -1.13 6.71 -2.25
CA GLN A 23 -0.12 6.94 -3.27
C GLN A 23 0.64 8.23 -3.00
N ASP A 24 -0.06 9.22 -2.47
CA ASP A 24 0.56 10.52 -2.15
C ASP A 24 1.62 10.36 -1.07
N PHE A 25 1.32 9.53 -0.07
CA PHE A 25 2.24 9.29 1.03
C PHE A 25 3.42 8.42 0.58
N PHE A 26 3.16 7.57 -0.41
CA PHE A 26 4.18 6.67 -0.93
C PHE A 26 5.21 7.45 -1.76
N ASP A 27 4.71 8.28 -2.66
CA ASP A 27 5.58 9.09 -3.53
C ASP A 27 6.59 9.87 -2.69
N ALA A 28 6.19 10.25 -1.49
CA ALA A 28 7.07 11.01 -0.59
C ALA A 28 7.81 10.07 0.35
N ASN A 29 7.13 9.07 0.86
CA ASN A 29 7.73 8.11 1.79
C ASN A 29 7.07 6.74 1.64
N ALA A 30 7.90 5.72 1.45
CA ALA A 30 7.40 4.35 1.30
C ALA A 30 7.99 3.44 2.37
N TYR A 31 8.65 4.04 3.35
CA TYR A 31 9.26 3.27 4.43
C TYR A 31 8.94 3.90 5.79
N PRO A 32 7.68 4.32 5.96
CA PRO A 32 7.21 4.94 7.21
C PRO A 32 7.13 3.94 8.36
N LYS A 33 7.10 4.45 9.58
CA LYS A 33 7.02 3.60 10.76
C LYS A 33 5.57 3.47 11.24
N ASP A 34 5.35 2.57 12.19
CA ASP A 34 4.02 2.34 12.74
C ASP A 34 3.30 3.66 13.00
N ASP A 35 3.94 4.52 13.80
CA ASP A 35 3.36 5.81 14.13
C ASP A 35 2.77 6.48 12.89
N GLU A 36 3.55 6.50 11.81
CA GLU A 36 3.10 7.12 10.56
C GLU A 36 1.94 6.33 9.96
N PHE A 37 2.12 5.02 9.84
CA PHE A 37 1.08 4.16 9.27
C PHE A 37 -0.27 4.41 9.95
N GLU A 38 -0.21 4.80 11.22
CA GLU A 38 -1.42 5.06 12.00
C GLU A 38 -2.18 6.25 11.41
N GLN A 39 -1.45 7.31 11.06
CA GLN A 39 -2.06 8.51 10.50
C GLN A 39 -2.97 8.15 9.33
N LEU A 40 -2.51 7.25 8.48
CA LEU A 40 -3.28 6.83 7.31
C LEU A 40 -4.47 5.97 7.74
N SER A 41 -4.22 5.01 8.62
CA SER A 41 -5.27 4.11 9.10
C SER A 41 -6.41 4.91 9.73
N ASN A 42 -6.07 6.03 10.37
CA ASN A 42 -7.06 6.87 11.00
C ASN A 42 -7.73 7.80 9.99
N LEU A 43 -6.99 8.14 8.94
CA LEU A 43 -7.51 9.02 7.89
C LEU A 43 -8.46 8.26 6.97
N LEU A 44 -7.96 7.19 6.35
CA LEU A 44 -8.78 6.38 5.45
C LEU A 44 -9.62 5.38 6.23
N ASN A 45 -9.41 5.33 7.54
CA ASN A 45 -10.16 4.42 8.40
C ASN A 45 -9.92 2.97 7.99
N LEU A 46 -8.76 2.71 7.40
CA LEU A 46 -8.41 1.36 6.96
C LEU A 46 -7.38 0.74 7.89
N PRO A 47 -7.37 -0.60 7.96
CA PRO A 47 -6.44 -1.35 8.80
C PRO A 47 -5.01 -1.27 8.29
N THR A 48 -4.08 -0.92 9.17
CA THR A 48 -2.68 -0.81 8.81
C THR A 48 -2.24 -2.00 7.96
N ARG A 49 -2.69 -3.19 8.33
CA ARG A 49 -2.35 -4.40 7.60
C ARG A 49 -2.62 -4.24 6.11
N VAL A 50 -3.70 -3.53 5.79
CA VAL A 50 -4.07 -3.30 4.40
C VAL A 50 -3.17 -2.27 3.75
N ILE A 51 -2.79 -1.25 4.52
CA ILE A 51 -1.92 -0.19 4.02
C ILE A 51 -0.49 -0.69 3.85
N VAL A 52 -0.09 -1.63 4.70
CA VAL A 52 1.25 -2.20 4.65
C VAL A 52 1.45 -3.02 3.38
N VAL A 53 0.53 -3.96 3.14
CA VAL A 53 0.61 -4.82 1.96
C VAL A 53 0.64 -3.99 0.68
N TRP A 54 -0.12 -2.90 0.67
CA TRP A 54 -0.19 -2.02 -0.50
C TRP A 54 1.12 -1.26 -0.67
N PHE A 55 1.66 -0.75 0.43
CA PHE A 55 2.91 -0.01 0.39
C PHE A 55 4.08 -0.91 0.02
N GLN A 56 4.07 -2.13 0.55
CA GLN A 56 5.12 -3.10 0.28
C GLN A 56 5.23 -3.38 -1.21
N ASN A 57 4.14 -3.81 -1.82
CA ASN A 57 4.11 -4.11 -3.25
C ASN A 57 4.51 -2.88 -4.06
N ALA A 58 3.88 -1.75 -3.76
CA ALA A 58 4.16 -0.50 -4.46
C ALA A 58 5.66 -0.29 -4.63
N ARG A 59 6.43 -0.65 -3.60
CA ARG A 59 7.87 -0.51 -3.64
C ARG A 59 8.50 -1.48 -4.65
N GLN A 60 7.99 -2.70 -4.67
CA GLN A 60 8.49 -3.72 -5.59
C GLN A 60 8.14 -3.38 -7.02
N LYS A 61 6.93 -2.87 -7.24
CA LYS A 61 6.47 -2.51 -8.57
C LYS A 61 7.26 -1.32 -9.11
N ALA A 62 7.68 -0.44 -8.20
CA ALA A 62 8.45 0.74 -8.59
C ALA A 62 9.73 0.34 -9.32
N ARG A 63 10.38 -0.71 -8.82
CA ARG A 63 11.62 -1.19 -9.42
C ARG A 63 11.53 -1.18 -10.95
N LYS A 64 12.41 -0.39 -11.58
CA LYS A 64 12.42 -0.29 -13.03
C LYS A 64 13.00 -1.55 -13.66
N SER A 65 12.54 -1.88 -14.86
CA SER A 65 13.01 -3.06 -15.57
C SER A 65 12.83 -2.90 -17.07
N GLY A 66 13.93 -2.75 -17.79
CA GLY A 66 13.87 -2.59 -19.23
C GLY A 66 14.95 -1.67 -19.76
N PRO A 67 15.13 -1.67 -21.09
CA PRO A 67 16.15 -0.83 -21.75
C PRO A 67 15.78 0.65 -21.70
N SER A 68 16.19 1.31 -20.62
CA SER A 68 15.90 2.74 -20.45
C SER A 68 16.69 3.31 -19.27
N SER A 69 17.36 4.44 -19.51
CA SER A 69 18.15 5.09 -18.48
C SER A 69 17.44 6.31 -17.93
N GLY A 70 17.15 7.27 -18.82
CA GLY A 70 16.47 8.49 -18.40
C GLY A 70 16.74 9.64 -19.35
N GLY A 1 -9.28 -5.38 21.43
CA GLY A 1 -9.97 -5.98 20.30
C GLY A 1 -11.34 -5.40 20.08
N SER A 2 -11.73 -5.27 18.82
CA SER A 2 -13.04 -4.71 18.47
C SER A 2 -13.99 -5.81 17.99
N SER A 3 -15.29 -5.57 18.14
CA SER A 3 -16.30 -6.52 17.73
C SER A 3 -16.85 -6.18 16.35
N GLY A 4 -15.96 -5.79 15.44
CA GLY A 4 -16.38 -5.43 14.10
C GLY A 4 -15.21 -5.33 13.14
N SER A 5 -15.51 -5.15 11.85
CA SER A 5 -14.47 -5.05 10.83
C SER A 5 -15.08 -4.64 9.49
N SER A 6 -14.23 -4.22 8.57
CA SER A 6 -14.67 -3.80 7.24
C SER A 6 -15.79 -4.70 6.74
N GLY A 7 -15.56 -6.00 6.77
CA GLY A 7 -16.56 -6.95 6.32
C GLY A 7 -16.03 -7.89 5.26
N ARG A 8 -16.65 -9.07 5.14
CA ARG A 8 -16.23 -10.07 4.17
C ARG A 8 -16.24 -9.49 2.76
N SER A 9 -15.11 -8.93 2.34
CA SER A 9 -14.99 -8.35 1.01
C SER A 9 -13.92 -9.06 0.18
N SER A 10 -14.32 -9.58 -0.98
CA SER A 10 -13.39 -10.28 -1.85
C SER A 10 -12.09 -9.51 -2.00
N ARG A 11 -12.20 -8.19 -2.15
CA ARG A 11 -11.03 -7.34 -2.31
C ARG A 11 -11.29 -5.96 -1.73
N THR A 12 -10.29 -5.41 -1.04
CA THR A 12 -10.41 -4.09 -0.43
C THR A 12 -10.16 -2.99 -1.45
N ARG A 13 -10.70 -3.16 -2.65
CA ARG A 13 -10.53 -2.18 -3.72
C ARG A 13 -10.63 -0.77 -3.17
N PHE A 14 -9.53 -0.03 -3.22
CA PHE A 14 -9.50 1.35 -2.73
C PHE A 14 -10.02 2.30 -3.80
N THR A 15 -10.55 3.44 -3.34
CA THR A 15 -11.08 4.45 -4.25
C THR A 15 -10.12 5.62 -4.41
N ASP A 16 -10.24 6.34 -5.52
CA ASP A 16 -9.38 7.47 -5.80
C ASP A 16 -9.03 8.22 -4.51
N TYR A 17 -10.05 8.46 -3.69
CA TYR A 17 -9.86 9.17 -2.43
C TYR A 17 -8.78 8.48 -1.58
N GLN A 18 -8.92 7.17 -1.40
CA GLN A 18 -7.96 6.41 -0.62
C GLN A 18 -6.63 6.27 -1.35
N LEU A 19 -6.71 5.82 -2.61
CA LEU A 19 -5.51 5.64 -3.42
C LEU A 19 -4.70 6.93 -3.49
N ARG A 20 -5.40 8.07 -3.45
CA ARG A 20 -4.75 9.37 -3.50
C ARG A 20 -3.84 9.58 -2.29
N VAL A 21 -4.39 9.31 -1.11
CA VAL A 21 -3.64 9.48 0.13
C VAL A 21 -2.53 8.45 0.24
N LEU A 22 -2.86 7.20 -0.08
CA LEU A 22 -1.89 6.12 -0.02
C LEU A 22 -0.76 6.34 -1.02
N GLN A 23 -1.12 6.68 -2.25
CA GLN A 23 -0.12 6.92 -3.29
C GLN A 23 0.66 8.20 -3.01
N ASP A 24 -0.04 9.22 -2.51
CA ASP A 24 0.59 10.50 -2.20
C ASP A 24 1.62 10.34 -1.08
N PHE A 25 1.28 9.51 -0.10
CA PHE A 25 2.18 9.27 1.03
C PHE A 25 3.35 8.41 0.62
N PHE A 26 3.14 7.56 -0.39
CA PHE A 26 4.19 6.67 -0.87
C PHE A 26 5.21 7.44 -1.72
N ASP A 27 4.70 8.27 -2.62
CA ASP A 27 5.58 9.06 -3.49
C ASP A 27 6.55 9.89 -2.67
N ALA A 28 6.15 10.24 -1.45
CA ALA A 28 6.99 11.03 -0.56
C ALA A 28 7.72 10.14 0.43
N ASN A 29 7.02 9.15 0.96
CA ASN A 29 7.61 8.24 1.93
C ASN A 29 7.05 6.83 1.76
N ALA A 30 7.93 5.86 1.55
CA ALA A 30 7.51 4.47 1.38
C ALA A 30 8.13 3.58 2.46
N TYR A 31 8.70 4.20 3.47
CA TYR A 31 9.33 3.46 4.56
C TYR A 31 8.90 4.02 5.92
N PRO A 32 7.60 4.36 6.04
CA PRO A 32 7.03 4.90 7.27
C PRO A 32 6.98 3.88 8.40
N LYS A 33 6.94 4.36 9.63
CA LYS A 33 6.88 3.47 10.79
C LYS A 33 5.45 3.35 11.31
N ASP A 34 5.23 2.44 12.24
CA ASP A 34 3.91 2.22 12.82
C ASP A 34 3.21 3.55 13.07
N ASP A 35 3.86 4.43 13.82
CA ASP A 35 3.30 5.73 14.14
C ASP A 35 2.75 6.41 12.88
N GLU A 36 3.56 6.41 11.83
CA GLU A 36 3.16 7.02 10.57
C GLU A 36 1.95 6.31 9.97
N PHE A 37 2.06 5.00 9.81
CA PHE A 37 0.98 4.20 9.25
C PHE A 37 -0.35 4.53 9.94
N GLU A 38 -0.29 4.79 11.23
CA GLU A 38 -1.48 5.12 12.00
C GLU A 38 -2.18 6.36 11.43
N GLN A 39 -1.39 7.37 11.09
CA GLN A 39 -1.93 8.61 10.52
C GLN A 39 -2.86 8.30 9.35
N LEU A 40 -2.38 7.49 8.42
CA LEU A 40 -3.17 7.12 7.24
C LEU A 40 -4.31 6.18 7.62
N SER A 41 -4.01 5.24 8.52
CA SER A 41 -5.01 4.27 8.96
C SER A 41 -6.19 4.98 9.61
N ASN A 42 -5.93 6.11 10.25
CA ASN A 42 -6.97 6.88 10.92
C ASN A 42 -7.74 7.73 9.91
N LEU A 43 -7.04 8.23 8.90
CA LEU A 43 -7.65 9.06 7.87
C LEU A 43 -8.55 8.22 6.97
N LEU A 44 -7.97 7.21 6.33
CA LEU A 44 -8.71 6.34 5.43
C LEU A 44 -9.57 5.36 6.22
N ASN A 45 -9.36 5.32 7.53
CA ASN A 45 -10.12 4.42 8.40
C ASN A 45 -9.90 2.96 8.02
N LEU A 46 -8.70 2.68 7.51
CA LEU A 46 -8.34 1.32 7.11
C LEU A 46 -7.28 0.73 8.03
N PRO A 47 -7.27 -0.60 8.15
CA PRO A 47 -6.30 -1.32 9.00
C PRO A 47 -4.89 -1.25 8.45
N THR A 48 -3.93 -0.91 9.31
CA THR A 48 -2.53 -0.81 8.90
C THR A 48 -2.12 -2.01 8.06
N ARG A 49 -2.61 -3.19 8.43
CA ARG A 49 -2.29 -4.41 7.71
C ARG A 49 -2.62 -4.27 6.23
N VAL A 50 -3.69 -3.54 5.94
CA VAL A 50 -4.11 -3.32 4.56
C VAL A 50 -3.23 -2.29 3.87
N ILE A 51 -2.86 -1.24 4.59
CA ILE A 51 -2.01 -0.19 4.05
C ILE A 51 -0.58 -0.68 3.86
N VAL A 52 -0.16 -1.61 4.71
CA VAL A 52 1.19 -2.17 4.64
C VAL A 52 1.38 -2.98 3.36
N VAL A 53 0.48 -3.94 3.14
CA VAL A 53 0.55 -4.79 1.96
C VAL A 53 0.60 -3.96 0.69
N TRP A 54 -0.20 -2.91 0.65
CA TRP A 54 -0.24 -2.02 -0.52
C TRP A 54 1.08 -1.29 -0.70
N PHE A 55 1.59 -0.74 0.40
CA PHE A 55 2.86 0.00 0.37
C PHE A 55 4.01 -0.91 -0.02
N GLN A 56 3.99 -2.14 0.50
CA GLN A 56 5.03 -3.12 0.21
C GLN A 56 5.12 -3.39 -1.28
N ASN A 57 3.98 -3.72 -1.88
CA ASN A 57 3.93 -4.01 -3.32
C ASN A 57 4.40 -2.82 -4.13
N ALA A 58 3.82 -1.65 -3.85
CA ALA A 58 4.18 -0.43 -4.56
C ALA A 58 5.68 -0.34 -4.77
N ARG A 59 6.44 -0.76 -3.76
CA ARG A 59 7.89 -0.71 -3.83
C ARG A 59 8.41 -1.69 -4.87
N GLN A 60 7.87 -2.91 -4.86
CA GLN A 60 8.28 -3.94 -5.80
C GLN A 60 8.08 -3.47 -7.24
N LYS A 61 6.96 -2.80 -7.48
CA LYS A 61 6.65 -2.29 -8.82
C LYS A 61 7.46 -1.03 -9.13
N ALA A 62 7.63 -0.19 -8.11
CA ALA A 62 8.39 1.05 -8.29
C ALA A 62 9.80 0.76 -8.79
N ARG A 63 10.42 -0.28 -8.25
CA ARG A 63 11.78 -0.65 -8.64
C ARG A 63 11.99 -0.38 -10.12
N LYS A 64 13.01 0.42 -10.43
CA LYS A 64 13.34 0.75 -11.81
C LYS A 64 13.11 -0.44 -12.72
N SER A 65 13.62 -1.60 -12.32
CA SER A 65 13.46 -2.82 -13.11
C SER A 65 13.16 -4.01 -12.21
N GLY A 66 12.50 -5.02 -12.78
CA GLY A 66 12.15 -6.21 -12.02
C GLY A 66 11.76 -7.37 -12.90
N PRO A 67 11.33 -8.47 -12.27
CA PRO A 67 10.91 -9.68 -12.99
C PRO A 67 9.60 -9.47 -13.74
N SER A 68 8.97 -8.32 -13.56
CA SER A 68 7.72 -8.00 -14.21
C SER A 68 7.60 -6.50 -14.48
N SER A 69 7.13 -6.16 -15.67
CA SER A 69 6.97 -4.76 -16.05
C SER A 69 5.55 -4.26 -15.75
N GLY A 70 5.39 -3.62 -14.60
CA GLY A 70 4.10 -3.11 -14.21
C GLY A 70 4.19 -1.82 -13.42
N GLY A 1 4.67 -22.78 16.99
CA GLY A 1 5.73 -22.18 16.19
C GLY A 1 5.61 -22.51 14.72
N SER A 2 4.59 -21.93 14.08
CA SER A 2 4.36 -22.16 12.65
C SER A 2 4.69 -20.91 11.84
N SER A 3 5.83 -20.94 11.15
CA SER A 3 6.26 -19.82 10.33
C SER A 3 6.57 -20.26 8.91
N GLY A 4 6.31 -19.39 7.95
CA GLY A 4 6.56 -19.71 6.56
C GLY A 4 5.97 -18.69 5.61
N SER A 5 6.47 -18.66 4.38
CA SER A 5 5.98 -17.72 3.37
C SER A 5 4.46 -17.78 3.26
N SER A 6 3.84 -16.63 3.04
CA SER A 6 2.38 -16.56 2.92
C SER A 6 1.98 -15.74 1.69
N GLY A 7 1.11 -16.31 0.87
CA GLY A 7 0.66 -15.63 -0.32
C GLY A 7 -0.83 -15.79 -0.56
N ARG A 8 -1.63 -15.17 0.30
CA ARG A 8 -3.08 -15.26 0.19
C ARG A 8 -3.59 -14.31 -0.89
N SER A 9 -4.62 -14.74 -1.61
CA SER A 9 -5.20 -13.93 -2.68
C SER A 9 -6.16 -12.89 -2.12
N SER A 10 -5.62 -11.75 -1.72
CA SER A 10 -6.42 -10.67 -1.16
C SER A 10 -6.22 -9.37 -1.93
N ARG A 11 -7.08 -9.13 -2.92
CA ARG A 11 -6.98 -7.92 -3.73
C ARG A 11 -7.95 -6.85 -3.22
N THR A 12 -7.49 -6.06 -2.26
CA THR A 12 -8.31 -5.00 -1.69
C THR A 12 -8.57 -3.90 -2.72
N ARG A 13 -9.82 -3.44 -2.79
CA ARG A 13 -10.21 -2.40 -3.73
C ARG A 13 -10.41 -1.07 -3.00
N PHE A 14 -9.53 -0.11 -3.26
CA PHE A 14 -9.63 1.20 -2.64
C PHE A 14 -10.31 2.20 -3.57
N THR A 15 -10.74 3.32 -3.00
CA THR A 15 -11.42 4.36 -3.77
C THR A 15 -10.42 5.40 -4.26
N ASP A 16 -10.79 6.11 -5.32
CA ASP A 16 -9.93 7.15 -5.90
C ASP A 16 -9.41 8.08 -4.81
N TYR A 17 -10.21 8.29 -3.78
CA TYR A 17 -9.83 9.16 -2.67
C TYR A 17 -8.77 8.50 -1.80
N GLN A 18 -8.97 7.22 -1.50
CA GLN A 18 -8.03 6.47 -0.68
C GLN A 18 -6.70 6.29 -1.39
N LEU A 19 -6.77 5.83 -2.64
CA LEU A 19 -5.56 5.61 -3.44
C LEU A 19 -4.74 6.89 -3.53
N ARG A 20 -5.42 8.03 -3.60
CA ARG A 20 -4.74 9.32 -3.70
C ARG A 20 -3.85 9.56 -2.47
N VAL A 21 -4.42 9.37 -1.29
CA VAL A 21 -3.68 9.56 -0.06
C VAL A 21 -2.57 8.53 0.09
N LEU A 22 -2.90 7.27 -0.20
CA LEU A 22 -1.92 6.19 -0.10
C LEU A 22 -0.77 6.42 -1.06
N GLN A 23 -1.08 6.81 -2.29
CA GLN A 23 -0.07 7.05 -3.30
C GLN A 23 0.73 8.31 -2.98
N ASP A 24 0.04 9.33 -2.47
CA ASP A 24 0.70 10.59 -2.12
C ASP A 24 1.74 10.37 -1.03
N PHE A 25 1.36 9.60 -0.01
CA PHE A 25 2.26 9.31 1.10
C PHE A 25 3.42 8.41 0.64
N PHE A 26 3.15 7.59 -0.36
CA PHE A 26 4.16 6.67 -0.88
C PHE A 26 5.21 7.43 -1.69
N ASP A 27 4.75 8.29 -2.58
CA ASP A 27 5.66 9.08 -3.43
C ASP A 27 6.67 9.83 -2.57
N ALA A 28 6.27 10.20 -1.36
CA ALA A 28 7.15 10.91 -0.44
C ALA A 28 7.87 9.96 0.50
N ASN A 29 7.15 8.96 0.98
CA ASN A 29 7.73 7.97 1.90
C ASN A 29 7.06 6.61 1.71
N ALA A 30 7.87 5.58 1.48
CA ALA A 30 7.37 4.24 1.28
C ALA A 30 7.92 3.28 2.34
N TYR A 31 8.58 3.84 3.35
CA TYR A 31 9.16 3.05 4.42
C TYR A 31 8.84 3.65 5.78
N PRO A 32 7.58 4.11 5.94
CA PRO A 32 7.13 4.71 7.20
C PRO A 32 7.01 3.70 8.33
N LYS A 33 7.00 4.19 9.56
CA LYS A 33 6.89 3.33 10.73
C LYS A 33 5.45 3.24 11.22
N ASP A 34 5.19 2.31 12.12
CA ASP A 34 3.85 2.11 12.67
C ASP A 34 3.21 3.46 12.98
N ASP A 35 3.93 4.29 13.72
CA ASP A 35 3.42 5.61 14.11
C ASP A 35 2.85 6.34 12.90
N GLU A 36 3.63 6.37 11.82
CA GLU A 36 3.20 7.04 10.59
C GLU A 36 1.97 6.35 9.99
N PHE A 37 2.09 5.04 9.79
CA PHE A 37 0.99 4.26 9.22
C PHE A 37 -0.33 4.60 9.90
N GLU A 38 -0.27 4.83 11.21
CA GLU A 38 -1.47 5.15 11.98
C GLU A 38 -2.15 6.40 11.41
N GLN A 39 -1.35 7.39 11.06
CA GLN A 39 -1.88 8.64 10.50
C GLN A 39 -2.81 8.36 9.33
N LEU A 40 -2.34 7.53 8.40
CA LEU A 40 -3.14 7.19 7.23
C LEU A 40 -4.26 6.23 7.59
N SER A 41 -3.96 5.28 8.47
CA SER A 41 -4.96 4.29 8.90
C SER A 41 -6.14 4.98 9.58
N ASN A 42 -5.87 6.11 10.22
CA ASN A 42 -6.91 6.86 10.91
C ASN A 42 -7.69 7.74 9.93
N LEU A 43 -6.98 8.26 8.93
CA LEU A 43 -7.60 9.12 7.92
C LEU A 43 -8.51 8.32 7.01
N LEU A 44 -7.95 7.31 6.34
CA LEU A 44 -8.72 6.46 5.44
C LEU A 44 -9.60 5.49 6.23
N ASN A 45 -9.37 5.42 7.53
CA ASN A 45 -10.15 4.53 8.39
C ASN A 45 -9.94 3.07 7.99
N LEU A 46 -8.73 2.75 7.54
CA LEU A 46 -8.39 1.40 7.13
C LEU A 46 -7.32 0.81 8.04
N PRO A 47 -7.31 -0.53 8.15
CA PRO A 47 -6.34 -1.26 8.98
C PRO A 47 -4.93 -1.19 8.41
N THR A 48 -3.96 -0.84 9.25
CA THR A 48 -2.57 -0.74 8.82
C THR A 48 -2.17 -1.95 7.99
N ARG A 49 -2.71 -3.11 8.35
CA ARG A 49 -2.41 -4.35 7.64
C ARG A 49 -2.69 -4.21 6.15
N VAL A 50 -3.75 -3.48 5.83
CA VAL A 50 -4.14 -3.27 4.44
C VAL A 50 -3.24 -2.24 3.77
N ILE A 51 -2.89 -1.20 4.51
CA ILE A 51 -2.02 -0.14 3.99
C ILE A 51 -0.59 -0.63 3.84
N VAL A 52 -0.20 -1.58 4.69
CA VAL A 52 1.14 -2.13 4.65
C VAL A 52 1.37 -2.94 3.38
N VAL A 53 0.53 -3.94 3.16
CA VAL A 53 0.64 -4.79 1.98
C VAL A 53 0.70 -3.96 0.71
N TRP A 54 -0.09 -2.89 0.67
CA TRP A 54 -0.14 -2.00 -0.49
C TRP A 54 1.18 -1.27 -0.65
N PHE A 55 1.69 -0.71 0.45
CA PHE A 55 2.94 0.02 0.42
C PHE A 55 4.11 -0.89 0.05
N GLN A 56 4.09 -2.10 0.59
CA GLN A 56 5.15 -3.07 0.31
C GLN A 56 5.28 -3.33 -1.18
N ASN A 57 4.18 -3.74 -1.80
CA ASN A 57 4.16 -4.01 -3.23
C ASN A 57 4.55 -2.77 -4.03
N ALA A 58 3.90 -1.65 -3.74
CA ALA A 58 4.17 -0.40 -4.42
C ALA A 58 5.66 -0.17 -4.57
N ARG A 59 6.43 -0.54 -3.54
CA ARG A 59 7.87 -0.37 -3.55
C ARG A 59 8.51 -1.27 -4.60
N GLN A 60 8.03 -2.51 -4.69
CA GLN A 60 8.56 -3.47 -5.65
C GLN A 60 8.22 -3.06 -7.07
N LYS A 61 6.97 -2.64 -7.28
CA LYS A 61 6.50 -2.22 -8.59
C LYS A 61 7.26 -0.97 -9.06
N ALA A 62 7.51 -0.07 -8.13
CA ALA A 62 8.23 1.17 -8.44
C ALA A 62 9.60 0.88 -9.04
N ARG A 63 10.22 -0.21 -8.57
CA ARG A 63 11.54 -0.59 -9.05
C ARG A 63 11.52 -0.80 -10.57
N LYS A 64 12.66 -1.20 -11.12
CA LYS A 64 12.77 -1.44 -12.55
C LYS A 64 12.14 -0.31 -13.35
N SER A 65 12.35 0.92 -12.88
CA SER A 65 11.78 2.09 -13.55
C SER A 65 12.79 2.68 -14.55
N GLY A 66 12.37 3.74 -15.23
CA GLY A 66 13.24 4.38 -16.20
C GLY A 66 14.35 5.17 -15.57
N PRO A 67 15.11 5.92 -16.38
CA PRO A 67 16.23 6.74 -15.91
C PRO A 67 15.75 7.94 -15.10
N SER A 68 14.44 8.04 -14.88
CA SER A 68 13.87 9.13 -14.12
C SER A 68 14.43 9.16 -12.70
N SER A 69 15.61 9.75 -12.56
CA SER A 69 16.25 9.85 -11.26
C SER A 69 17.09 11.12 -11.16
N GLY A 70 17.36 11.56 -9.93
CA GLY A 70 18.14 12.76 -9.72
C GLY A 70 18.91 12.73 -8.41
N GLY A 1 2.64 -17.22 16.51
CA GLY A 1 3.66 -18.17 16.93
C GLY A 1 4.64 -18.48 15.82
N SER A 2 5.88 -18.02 15.98
CA SER A 2 6.92 -18.24 15.00
C SER A 2 6.38 -18.03 13.58
N SER A 3 5.58 -16.98 13.42
CA SER A 3 4.99 -16.67 12.12
C SER A 3 6.01 -16.03 11.19
N GLY A 4 5.78 -16.13 9.89
CA GLY A 4 6.69 -15.55 8.92
C GLY A 4 5.96 -14.78 7.83
N SER A 5 6.61 -13.75 7.31
CA SER A 5 6.03 -12.93 6.25
C SER A 5 5.43 -13.81 5.15
N SER A 6 4.26 -13.40 4.66
CA SER A 6 3.58 -14.15 3.61
C SER A 6 2.95 -13.20 2.59
N GLY A 7 2.52 -13.75 1.46
CA GLY A 7 1.91 -12.94 0.42
C GLY A 7 0.54 -12.42 0.83
N ARG A 8 -0.38 -13.34 1.13
CA ARG A 8 -1.73 -12.96 1.53
C ARG A 8 -2.26 -11.81 0.67
N SER A 9 -1.99 -11.89 -0.63
CA SER A 9 -2.43 -10.84 -1.55
C SER A 9 -3.95 -10.70 -1.52
N SER A 10 -4.41 -9.46 -1.33
CA SER A 10 -5.84 -9.18 -1.27
C SER A 10 -6.19 -7.94 -2.10
N ARG A 11 -7.20 -8.08 -2.95
CA ARG A 11 -7.62 -6.97 -3.79
C ARG A 11 -8.66 -6.10 -3.07
N THR A 12 -8.18 -5.24 -2.18
CA THR A 12 -9.07 -4.36 -1.43
C THR A 12 -9.95 -3.53 -2.36
N ARG A 13 -9.37 -3.06 -3.46
CA ARG A 13 -10.11 -2.27 -4.43
C ARG A 13 -10.40 -0.87 -3.88
N PHE A 14 -9.35 -0.19 -3.40
CA PHE A 14 -9.50 1.15 -2.85
C PHE A 14 -10.04 2.11 -3.90
N THR A 15 -10.48 3.28 -3.45
CA THR A 15 -11.02 4.30 -4.34
C THR A 15 -10.06 5.47 -4.48
N ASP A 16 -10.14 6.16 -5.61
CA ASP A 16 -9.28 7.31 -5.87
C ASP A 16 -9.01 8.08 -4.59
N TYR A 17 -10.06 8.32 -3.81
CA TYR A 17 -9.94 9.05 -2.55
C TYR A 17 -8.88 8.42 -1.67
N GLN A 18 -8.92 7.10 -1.54
CA GLN A 18 -7.98 6.38 -0.71
C GLN A 18 -6.63 6.24 -1.42
N LEU A 19 -6.67 5.81 -2.67
CA LEU A 19 -5.45 5.64 -3.46
C LEU A 19 -4.69 6.96 -3.58
N ARG A 20 -5.41 8.06 -3.45
CA ARG A 20 -4.81 9.38 -3.55
C ARG A 20 -3.91 9.66 -2.33
N VAL A 21 -4.44 9.37 -1.15
CA VAL A 21 -3.69 9.58 0.10
C VAL A 21 -2.59 8.53 0.25
N LEU A 22 -2.91 7.30 -0.10
CA LEU A 22 -1.95 6.20 0.01
C LEU A 22 -0.80 6.40 -0.96
N GLN A 23 -1.12 6.76 -2.20
CA GLN A 23 -0.10 6.98 -3.21
C GLN A 23 0.69 8.26 -2.94
N ASP A 24 -0.01 9.29 -2.47
CA ASP A 24 0.63 10.56 -2.15
C ASP A 24 1.66 10.40 -1.02
N PHE A 25 1.32 9.56 -0.06
CA PHE A 25 2.21 9.31 1.08
C PHE A 25 3.40 8.45 0.66
N PHE A 26 3.19 7.60 -0.34
CA PHE A 26 4.24 6.72 -0.82
C PHE A 26 5.26 7.50 -1.66
N ASP A 27 4.75 8.35 -2.54
CA ASP A 27 5.62 9.16 -3.41
C ASP A 27 6.58 10.00 -2.57
N ALA A 28 6.16 10.33 -1.35
CA ALA A 28 6.98 11.13 -0.46
C ALA A 28 7.72 10.25 0.54
N ASN A 29 7.05 9.22 1.03
CA ASN A 29 7.65 8.30 1.99
C ASN A 29 7.10 6.89 1.81
N ALA A 30 7.99 5.93 1.60
CA ALA A 30 7.59 4.54 1.41
C ALA A 30 8.20 3.65 2.49
N TYR A 31 8.78 4.27 3.51
CA TYR A 31 9.41 3.53 4.60
C TYR A 31 8.96 4.08 5.95
N PRO A 32 7.65 4.39 6.06
CA PRO A 32 7.08 4.93 7.30
C PRO A 32 7.03 3.89 8.41
N LYS A 33 6.99 4.36 9.65
CA LYS A 33 6.93 3.47 10.81
C LYS A 33 5.50 3.30 11.30
N ASP A 34 5.30 2.36 12.21
CA ASP A 34 3.97 2.10 12.76
C ASP A 34 3.25 3.41 13.10
N ASP A 35 3.95 4.30 13.79
CA ASP A 35 3.38 5.58 14.17
C ASP A 35 2.81 6.31 12.95
N GLU A 36 3.58 6.33 11.86
CA GLU A 36 3.16 6.99 10.65
C GLU A 36 1.95 6.28 10.03
N PHE A 37 2.07 4.98 9.84
CA PHE A 37 0.98 4.19 9.27
C PHE A 37 -0.34 4.52 9.95
N GLU A 38 -0.28 4.79 11.26
CA GLU A 38 -1.48 5.11 12.01
C GLU A 38 -2.17 6.35 11.45
N GLN A 39 -1.37 7.36 11.11
CA GLN A 39 -1.91 8.60 10.57
C GLN A 39 -2.84 8.32 9.39
N LEU A 40 -2.39 7.48 8.47
CA LEU A 40 -3.18 7.13 7.29
C LEU A 40 -4.32 6.20 7.68
N SER A 41 -4.04 5.25 8.55
CA SER A 41 -5.06 4.29 9.00
C SER A 41 -6.23 5.01 9.66
N ASN A 42 -5.94 6.15 10.28
CA ASN A 42 -6.98 6.93 10.94
C ASN A 42 -7.73 7.81 9.94
N LEU A 43 -7.01 8.29 8.93
CA LEU A 43 -7.62 9.14 7.91
C LEU A 43 -8.54 8.33 7.00
N LEU A 44 -7.98 7.31 6.36
CA LEU A 44 -8.76 6.45 5.47
C LEU A 44 -9.62 5.47 6.27
N ASN A 45 -9.38 5.41 7.58
CA ASN A 45 -10.12 4.50 8.44
C ASN A 45 -9.90 3.05 8.05
N LEU A 46 -8.72 2.77 7.51
CA LEU A 46 -8.38 1.41 7.09
C LEU A 46 -7.32 0.80 8.01
N PRO A 47 -7.32 -0.54 8.10
CA PRO A 47 -6.37 -1.27 8.94
C PRO A 47 -4.94 -1.21 8.40
N THR A 48 -4.00 -0.86 9.26
CA THR A 48 -2.60 -0.76 8.86
C THR A 48 -2.19 -1.96 8.02
N ARG A 49 -2.63 -3.15 8.42
CA ARG A 49 -2.31 -4.37 7.69
C ARG A 49 -2.62 -4.22 6.20
N VAL A 50 -3.68 -3.49 5.90
CA VAL A 50 -4.09 -3.27 4.52
C VAL A 50 -3.19 -2.24 3.84
N ILE A 51 -2.80 -1.21 4.60
CA ILE A 51 -1.94 -0.16 4.08
C ILE A 51 -0.52 -0.65 3.89
N VAL A 52 -0.11 -1.61 4.72
CA VAL A 52 1.23 -2.17 4.65
C VAL A 52 1.42 -2.98 3.36
N VAL A 53 0.57 -3.97 3.17
CA VAL A 53 0.65 -4.82 1.98
C VAL A 53 0.67 -3.98 0.70
N TRP A 54 -0.14 -2.91 0.70
CA TRP A 54 -0.21 -2.02 -0.46
C TRP A 54 1.10 -1.27 -0.65
N PHE A 55 1.65 -0.75 0.44
CA PHE A 55 2.90 0.00 0.38
C PHE A 55 4.06 -0.92 -0.03
N GLN A 56 4.05 -2.13 0.51
CA GLN A 56 5.11 -3.10 0.19
C GLN A 56 5.14 -3.41 -1.29
N ASN A 57 3.99 -3.80 -1.84
CA ASN A 57 3.90 -4.12 -3.26
C ASN A 57 4.27 -2.91 -4.12
N ALA A 58 3.68 -1.76 -3.80
CA ALA A 58 3.96 -0.54 -4.54
C ALA A 58 5.45 -0.37 -4.81
N ARG A 59 6.27 -0.76 -3.84
CA ARG A 59 7.72 -0.66 -3.97
C ARG A 59 8.25 -1.66 -4.99
N GLN A 60 7.73 -2.88 -4.94
CA GLN A 60 8.15 -3.93 -5.85
C GLN A 60 7.92 -3.52 -7.30
N LYS A 61 6.75 -2.92 -7.56
CA LYS A 61 6.41 -2.46 -8.90
C LYS A 61 7.17 -1.19 -9.25
N ALA A 62 7.23 -0.25 -8.30
CA ALA A 62 7.93 1.01 -8.53
C ALA A 62 9.39 0.77 -8.90
N ARG A 63 10.02 -0.17 -8.21
CA ARG A 63 11.42 -0.50 -8.46
C ARG A 63 11.62 -0.92 -9.92
N LYS A 64 12.59 -0.30 -10.58
CA LYS A 64 12.89 -0.60 -11.98
C LYS A 64 13.26 -2.07 -12.14
N SER A 65 12.28 -2.90 -12.47
CA SER A 65 12.49 -4.33 -12.65
C SER A 65 13.74 -4.58 -13.50
N GLY A 66 13.92 -3.76 -14.53
CA GLY A 66 15.07 -3.90 -15.40
C GLY A 66 16.38 -3.94 -14.64
N PRO A 67 17.31 -4.76 -15.12
CA PRO A 67 18.64 -4.91 -14.49
C PRO A 67 19.49 -3.67 -14.66
N SER A 68 20.71 -3.71 -14.11
CA SER A 68 21.62 -2.58 -14.19
C SER A 68 22.15 -2.41 -15.62
N SER A 69 22.89 -1.34 -15.84
CA SER A 69 23.45 -1.05 -17.16
C SER A 69 24.69 -0.16 -17.05
N GLY A 70 25.57 -0.26 -18.03
CA GLY A 70 26.78 0.54 -18.03
C GLY A 70 27.76 0.12 -19.10
N GLY A 1 7.06 -23.47 -0.71
CA GLY A 1 8.29 -22.79 -0.35
C GLY A 1 8.21 -22.12 1.01
N SER A 2 8.20 -20.80 1.01
CA SER A 2 8.13 -20.03 2.25
C SER A 2 7.05 -18.97 2.19
N SER A 3 6.23 -18.88 3.24
CA SER A 3 5.16 -17.90 3.29
C SER A 3 5.69 -16.53 3.68
N GLY A 4 5.48 -15.55 2.80
CA GLY A 4 5.95 -14.20 3.06
C GLY A 4 4.95 -13.15 2.64
N SER A 5 4.56 -13.17 1.38
CA SER A 5 3.60 -12.21 0.85
C SER A 5 2.32 -12.91 0.41
N SER A 6 2.45 -13.81 -0.56
CA SER A 6 1.30 -14.55 -1.08
C SER A 6 0.70 -15.44 0.00
N GLY A 7 -0.14 -14.85 0.86
CA GLY A 7 -0.77 -15.61 1.92
C GLY A 7 -2.21 -15.96 1.60
N ARG A 8 -2.98 -14.97 1.20
CA ARG A 8 -4.39 -15.17 0.87
C ARG A 8 -4.87 -14.14 -0.14
N SER A 9 -6.07 -14.36 -0.68
CA SER A 9 -6.64 -13.44 -1.67
C SER A 9 -7.71 -12.56 -1.03
N SER A 10 -7.35 -11.31 -0.76
CA SER A 10 -8.27 -10.36 -0.15
C SER A 10 -8.68 -9.29 -1.16
N ARG A 11 -9.93 -9.33 -1.58
CA ARG A 11 -10.45 -8.35 -2.54
C ARG A 11 -10.80 -7.05 -1.85
N THR A 12 -9.79 -6.24 -1.57
CA THR A 12 -9.99 -4.95 -0.90
C THR A 12 -9.64 -3.80 -1.83
N ARG A 13 -10.62 -3.38 -2.63
CA ARG A 13 -10.42 -2.27 -3.56
C ARG A 13 -10.56 -0.94 -2.86
N PHE A 14 -9.66 0.00 -3.18
CA PHE A 14 -9.69 1.32 -2.57
C PHE A 14 -10.38 2.33 -3.50
N THR A 15 -10.80 3.46 -2.92
CA THR A 15 -11.48 4.49 -3.68
C THR A 15 -10.50 5.57 -4.14
N ASP A 16 -10.77 6.16 -5.31
CA ASP A 16 -9.92 7.20 -5.85
C ASP A 16 -9.43 8.14 -4.75
N TYR A 17 -10.27 8.35 -3.75
CA TYR A 17 -9.93 9.23 -2.63
C TYR A 17 -8.86 8.60 -1.75
N GLN A 18 -8.99 7.30 -1.50
CA GLN A 18 -8.03 6.57 -0.67
C GLN A 18 -6.70 6.42 -1.39
N LEU A 19 -6.75 5.95 -2.63
CA LEU A 19 -5.54 5.75 -3.43
C LEU A 19 -4.75 7.04 -3.53
N ARG A 20 -5.45 8.17 -3.55
CA ARG A 20 -4.81 9.47 -3.66
C ARG A 20 -3.91 9.72 -2.45
N VAL A 21 -4.44 9.47 -1.26
CA VAL A 21 -3.68 9.67 -0.03
C VAL A 21 -2.58 8.62 0.12
N LEU A 22 -2.92 7.37 -0.20
CA LEU A 22 -1.97 6.27 -0.10
C LEU A 22 -0.81 6.47 -1.07
N GLN A 23 -1.13 6.88 -2.29
CA GLN A 23 -0.11 7.11 -3.31
C GLN A 23 0.69 8.38 -3.00
N ASP A 24 0.00 9.40 -2.51
CA ASP A 24 0.65 10.66 -2.18
C ASP A 24 1.67 10.47 -1.06
N PHE A 25 1.32 9.63 -0.09
CA PHE A 25 2.21 9.37 1.05
C PHE A 25 3.37 8.50 0.62
N PHE A 26 3.15 7.66 -0.39
CA PHE A 26 4.19 6.76 -0.88
C PHE A 26 5.21 7.53 -1.71
N ASP A 27 4.73 8.38 -2.60
CA ASP A 27 5.59 9.17 -3.46
C ASP A 27 6.59 9.98 -2.63
N ALA A 28 6.18 10.34 -1.41
CA ALA A 28 7.03 11.12 -0.52
C ALA A 28 7.75 10.21 0.47
N ASN A 29 7.05 9.21 0.99
CA ASN A 29 7.62 8.27 1.93
C ASN A 29 7.03 6.88 1.76
N ALA A 30 7.90 5.90 1.54
CA ALA A 30 7.47 4.51 1.35
C ALA A 30 8.08 3.60 2.41
N TYR A 31 8.67 4.21 3.43
CA TYR A 31 9.30 3.44 4.51
C TYR A 31 8.89 4.00 5.87
N PRO A 32 7.61 4.35 6.01
CA PRO A 32 7.06 4.90 7.26
C PRO A 32 7.00 3.86 8.37
N LYS A 33 7.01 4.34 9.61
CA LYS A 33 6.96 3.45 10.76
C LYS A 33 5.52 3.27 11.24
N ASP A 34 5.32 2.31 12.15
CA ASP A 34 3.99 2.05 12.69
C ASP A 34 3.26 3.35 13.01
N ASP A 35 3.91 4.22 13.78
CA ASP A 35 3.33 5.50 14.16
C ASP A 35 2.79 6.23 12.93
N GLU A 36 3.59 6.29 11.88
CA GLU A 36 3.20 6.96 10.65
C GLU A 36 2.00 6.27 10.02
N PHE A 37 2.10 4.96 9.83
CA PHE A 37 1.03 4.18 9.24
C PHE A 37 -0.31 4.50 9.91
N GLU A 38 -0.27 4.76 11.20
CA GLU A 38 -1.47 5.07 11.96
C GLU A 38 -2.16 6.32 11.40
N GLN A 39 -1.35 7.31 11.04
CA GLN A 39 -1.87 8.56 10.50
C GLN A 39 -2.78 8.29 9.31
N LEU A 40 -2.32 7.45 8.38
CA LEU A 40 -3.08 7.10 7.19
C LEU A 40 -4.23 6.15 7.54
N SER A 41 -3.94 5.18 8.41
CA SER A 41 -4.93 4.20 8.82
C SER A 41 -6.12 4.89 9.50
N ASN A 42 -5.85 6.00 10.17
CA ASN A 42 -6.90 6.74 10.86
C ASN A 42 -7.64 7.66 9.89
N LEU A 43 -6.92 8.17 8.90
CA LEU A 43 -7.51 9.07 7.90
C LEU A 43 -8.43 8.30 6.97
N LEU A 44 -7.88 7.30 6.29
CA LEU A 44 -8.66 6.49 5.35
C LEU A 44 -9.56 5.50 6.11
N ASN A 45 -9.36 5.42 7.42
CA ASN A 45 -10.15 4.52 8.26
C ASN A 45 -9.93 3.07 7.85
N LEU A 46 -8.72 2.76 7.40
CA LEU A 46 -8.39 1.41 6.98
C LEU A 46 -7.34 0.79 7.91
N PRO A 47 -7.35 -0.54 8.00
CA PRO A 47 -6.41 -1.28 8.85
C PRO A 47 -4.98 -1.24 8.32
N THR A 48 -4.05 -0.89 9.19
CA THR A 48 -2.64 -0.80 8.82
C THR A 48 -2.22 -1.99 7.98
N ARG A 49 -2.69 -3.18 8.36
CA ARG A 49 -2.36 -4.40 7.64
C ARG A 49 -2.65 -4.25 6.16
N VAL A 50 -3.72 -3.52 5.83
CA VAL A 50 -4.10 -3.30 4.44
C VAL A 50 -3.19 -2.27 3.78
N ILE A 51 -2.81 -1.25 4.53
CA ILE A 51 -1.94 -0.20 4.01
C ILE A 51 -0.51 -0.70 3.85
N VAL A 52 -0.12 -1.66 4.69
CA VAL A 52 1.22 -2.23 4.63
C VAL A 52 1.41 -3.04 3.35
N VAL A 53 0.52 -4.00 3.12
CA VAL A 53 0.59 -4.83 1.93
C VAL A 53 0.64 -3.99 0.66
N TRP A 54 -0.13 -2.91 0.65
CA TRP A 54 -0.17 -2.01 -0.50
C TRP A 54 1.15 -1.28 -0.67
N PHE A 55 1.69 -0.78 0.43
CA PHE A 55 2.96 -0.05 0.40
C PHE A 55 4.11 -0.98 0.03
N GLN A 56 4.07 -2.20 0.54
CA GLN A 56 5.11 -3.18 0.26
C GLN A 56 5.23 -3.45 -1.23
N ASN A 57 4.11 -3.85 -1.84
CA ASN A 57 4.08 -4.14 -3.27
C ASN A 57 4.50 -2.91 -4.08
N ALA A 58 3.90 -1.77 -3.76
CA ALA A 58 4.21 -0.53 -4.46
C ALA A 58 5.71 -0.35 -4.62
N ARG A 59 6.47 -0.74 -3.60
CA ARG A 59 7.92 -0.62 -3.64
C ARG A 59 8.53 -1.63 -4.60
N GLN A 60 8.02 -2.86 -4.56
CA GLN A 60 8.50 -3.92 -5.43
C GLN A 60 8.26 -3.57 -6.90
N LYS A 61 7.08 -3.07 -7.19
CA LYS A 61 6.71 -2.69 -8.55
C LYS A 61 7.50 -1.46 -9.01
N ALA A 62 7.64 -0.49 -8.11
CA ALA A 62 8.38 0.73 -8.42
C ALA A 62 9.80 0.42 -8.88
N ARG A 63 10.42 -0.55 -8.22
CA ARG A 63 11.80 -0.93 -8.56
C ARG A 63 12.01 -0.87 -10.08
N LYS A 64 12.96 -0.02 -10.48
CA LYS A 64 13.28 0.14 -11.89
C LYS A 64 13.23 -1.20 -12.62
N SER A 65 13.95 -2.18 -12.10
CA SER A 65 13.99 -3.51 -12.69
C SER A 65 12.66 -4.23 -12.50
N GLY A 66 11.93 -4.41 -13.60
CA GLY A 66 10.65 -5.09 -13.53
C GLY A 66 10.69 -6.47 -14.17
N PRO A 67 10.34 -6.55 -15.46
CA PRO A 67 10.33 -7.81 -16.19
C PRO A 67 11.72 -8.34 -16.44
N SER A 68 12.06 -9.46 -15.80
CA SER A 68 13.38 -10.07 -15.95
C SER A 68 13.28 -11.37 -16.74
N SER A 69 12.46 -11.35 -17.80
CA SER A 69 12.29 -12.53 -18.64
C SER A 69 13.43 -12.66 -19.64
N GLY A 70 13.64 -13.88 -20.12
CA GLY A 70 14.71 -14.14 -21.07
C GLY A 70 14.27 -15.01 -22.22
N GLY A 1 6.58 -17.63 -15.78
CA GLY A 1 5.68 -17.91 -14.67
C GLY A 1 4.32 -17.29 -14.85
N SER A 2 3.65 -17.64 -15.95
CA SER A 2 2.33 -17.11 -16.24
C SER A 2 1.52 -16.91 -14.96
N SER A 3 0.99 -15.71 -14.77
CA SER A 3 0.21 -15.38 -13.59
C SER A 3 -0.72 -16.53 -13.23
N GLY A 4 -0.64 -17.01 -11.99
CA GLY A 4 -1.48 -18.10 -11.54
C GLY A 4 -2.15 -17.81 -10.21
N SER A 5 -3.20 -17.00 -10.25
CA SER A 5 -3.93 -16.64 -9.04
C SER A 5 -4.71 -17.84 -8.49
N SER A 6 -4.41 -18.20 -7.25
CA SER A 6 -5.06 -19.33 -6.61
C SER A 6 -6.40 -18.91 -6.00
N GLY A 7 -7.49 -19.29 -6.65
CA GLY A 7 -8.82 -18.94 -6.15
C GLY A 7 -9.20 -17.51 -6.50
N ARG A 8 -8.90 -16.59 -5.59
CA ARG A 8 -9.22 -15.18 -5.80
C ARG A 8 -8.02 -14.29 -5.51
N SER A 9 -7.97 -13.14 -6.16
CA SER A 9 -6.86 -12.21 -5.98
C SER A 9 -7.34 -10.94 -5.29
N SER A 10 -8.50 -10.43 -5.70
CA SER A 10 -9.06 -9.22 -5.12
C SER A 10 -9.25 -9.38 -3.62
N ARG A 11 -8.51 -8.60 -2.84
CA ARG A 11 -8.60 -8.64 -1.39
C ARG A 11 -9.17 -7.34 -0.83
N THR A 12 -8.54 -6.23 -1.17
CA THR A 12 -8.99 -4.93 -0.70
C THR A 12 -8.96 -3.90 -1.84
N ARG A 13 -10.14 -3.44 -2.23
CA ARG A 13 -10.26 -2.45 -3.30
C ARG A 13 -10.40 -1.05 -2.74
N PHE A 14 -9.52 -0.15 -3.17
CA PHE A 14 -9.56 1.24 -2.70
C PHE A 14 -10.12 2.17 -3.78
N THR A 15 -10.56 3.35 -3.37
CA THR A 15 -11.12 4.32 -4.30
C THR A 15 -10.16 5.48 -4.51
N ASP A 16 -10.37 6.23 -5.59
CA ASP A 16 -9.52 7.37 -5.91
C ASP A 16 -9.18 8.16 -4.66
N TYR A 17 -10.16 8.36 -3.79
CA TYR A 17 -9.96 9.10 -2.56
C TYR A 17 -8.86 8.47 -1.72
N GLN A 18 -9.00 7.16 -1.46
CA GLN A 18 -8.01 6.44 -0.67
C GLN A 18 -6.68 6.36 -1.41
N LEU A 19 -6.72 5.87 -2.64
CA LEU A 19 -5.53 5.73 -3.45
C LEU A 19 -4.77 7.05 -3.55
N ARG A 20 -5.51 8.16 -3.50
CA ARG A 20 -4.92 9.48 -3.57
C ARG A 20 -4.02 9.75 -2.37
N VAL A 21 -4.50 9.37 -1.18
CA VAL A 21 -3.74 9.56 0.05
C VAL A 21 -2.61 8.54 0.16
N LEU A 22 -2.93 7.29 -0.14
CA LEU A 22 -1.94 6.21 -0.08
C LEU A 22 -0.81 6.45 -1.06
N GLN A 23 -1.16 6.81 -2.30
CA GLN A 23 -0.17 7.06 -3.33
C GLN A 23 0.62 8.34 -3.02
N ASP A 24 -0.07 9.34 -2.48
CA ASP A 24 0.56 10.60 -2.14
C ASP A 24 1.61 10.42 -1.05
N PHE A 25 1.28 9.58 -0.07
CA PHE A 25 2.19 9.31 1.04
C PHE A 25 3.35 8.42 0.59
N PHE A 26 3.10 7.60 -0.42
CA PHE A 26 4.12 6.69 -0.95
C PHE A 26 5.15 7.46 -1.77
N ASP A 27 4.66 8.32 -2.66
CA ASP A 27 5.54 9.12 -3.51
C ASP A 27 6.55 9.91 -2.68
N ALA A 28 6.15 10.25 -1.45
CA ALA A 28 7.01 11.00 -0.55
C ALA A 28 7.74 10.08 0.41
N ASN A 29 7.03 9.07 0.90
CA ASN A 29 7.62 8.12 1.85
C ASN A 29 7.01 6.73 1.66
N ALA A 30 7.85 5.74 1.43
CA ALA A 30 7.40 4.36 1.24
C ALA A 30 7.99 3.43 2.30
N TYR A 31 8.62 4.03 3.31
CA TYR A 31 9.24 3.25 4.38
C TYR A 31 8.87 3.82 5.75
N PRO A 32 7.59 4.20 5.91
CA PRO A 32 7.08 4.75 7.16
C PRO A 32 7.01 3.72 8.27
N LYS A 33 6.99 4.20 9.52
CA LYS A 33 6.93 3.31 10.67
C LYS A 33 5.49 3.18 11.17
N ASP A 34 5.30 2.33 12.18
CA ASP A 34 3.99 2.12 12.76
C ASP A 34 3.29 3.45 13.05
N ASP A 35 3.97 4.31 13.79
CA ASP A 35 3.43 5.62 14.14
C ASP A 35 2.87 6.33 12.90
N GLU A 36 3.66 6.35 11.84
CA GLU A 36 3.24 7.00 10.59
C GLU A 36 2.01 6.31 10.01
N PHE A 37 2.12 4.99 9.81
CA PHE A 37 1.02 4.21 9.26
C PHE A 37 -0.29 4.55 9.96
N GLU A 38 -0.23 4.78 11.27
CA GLU A 38 -1.41 5.12 12.05
C GLU A 38 -2.09 6.36 11.49
N GLN A 39 -1.30 7.35 11.14
CA GLN A 39 -1.84 8.60 10.59
C GLN A 39 -2.77 8.32 9.43
N LEU A 40 -2.30 7.52 8.48
CA LEU A 40 -3.11 7.18 7.31
C LEU A 40 -4.25 6.25 7.69
N SER A 41 -3.96 5.26 8.53
CA SER A 41 -4.96 4.30 8.96
C SER A 41 -6.14 5.01 9.62
N ASN A 42 -5.86 6.12 10.29
CA ASN A 42 -6.89 6.89 10.97
C ASN A 42 -7.66 7.76 9.97
N LEU A 43 -6.96 8.25 8.96
CA LEU A 43 -7.58 9.09 7.93
C LEU A 43 -8.50 8.27 7.04
N LEU A 44 -7.95 7.24 6.40
CA LEU A 44 -8.73 6.38 5.52
C LEU A 44 -9.56 5.38 6.33
N ASN A 45 -9.32 5.35 7.63
CA ASN A 45 -10.06 4.45 8.52
C ASN A 45 -9.83 3.00 8.12
N LEU A 46 -8.66 2.71 7.56
CA LEU A 46 -8.33 1.36 7.13
C LEU A 46 -7.27 0.74 8.05
N PRO A 47 -7.27 -0.59 8.13
CA PRO A 47 -6.31 -1.33 8.97
C PRO A 47 -4.90 -1.27 8.42
N THR A 48 -3.94 -0.96 9.30
CA THR A 48 -2.54 -0.87 8.90
C THR A 48 -2.13 -2.06 8.04
N ARG A 49 -2.75 -3.21 8.29
CA ARG A 49 -2.45 -4.41 7.54
C ARG A 49 -2.78 -4.23 6.06
N VAL A 50 -3.85 -3.50 5.78
CA VAL A 50 -4.26 -3.24 4.41
C VAL A 50 -3.37 -2.20 3.75
N ILE A 51 -2.92 -1.23 4.54
CA ILE A 51 -2.06 -0.18 4.02
C ILE A 51 -0.64 -0.68 3.83
N VAL A 52 -0.21 -1.57 4.72
CA VAL A 52 1.13 -2.13 4.65
C VAL A 52 1.34 -2.93 3.37
N VAL A 53 0.48 -3.93 3.17
CA VAL A 53 0.56 -4.77 1.97
C VAL A 53 0.61 -3.93 0.70
N TRP A 54 -0.15 -2.84 0.70
CA TRP A 54 -0.18 -1.95 -0.46
C TRP A 54 1.16 -1.23 -0.64
N PHE A 55 1.70 -0.72 0.45
CA PHE A 55 2.97 -0.02 0.42
C PHE A 55 4.11 -0.96 0.02
N GLN A 56 4.07 -2.18 0.57
CA GLN A 56 5.10 -3.17 0.29
C GLN A 56 5.20 -3.43 -1.21
N ASN A 57 4.07 -3.70 -1.84
CA ASN A 57 4.03 -3.96 -3.28
C ASN A 57 4.49 -2.74 -4.07
N ALA A 58 3.86 -1.61 -3.81
CA ALA A 58 4.20 -0.36 -4.49
C ALA A 58 5.71 -0.19 -4.60
N ARG A 59 6.42 -0.58 -3.54
CA ARG A 59 7.88 -0.47 -3.53
C ARG A 59 8.51 -1.45 -4.52
N GLN A 60 8.02 -2.68 -4.52
CA GLN A 60 8.53 -3.71 -5.41
C GLN A 60 8.24 -3.35 -6.87
N LYS A 61 7.04 -2.86 -7.13
CA LYS A 61 6.64 -2.47 -8.48
C LYS A 61 7.38 -1.22 -8.93
N ALA A 62 7.49 -0.25 -8.04
CA ALA A 62 8.17 1.00 -8.35
C ALA A 62 9.63 0.75 -8.73
N ARG A 63 10.27 -0.15 -8.00
CA ARG A 63 11.67 -0.48 -8.26
C ARG A 63 11.79 -1.44 -9.44
N LYS A 64 12.61 -1.05 -10.42
CA LYS A 64 12.82 -1.88 -11.60
C LYS A 64 14.16 -1.56 -12.26
N SER A 65 14.47 -2.27 -13.34
CA SER A 65 15.72 -2.07 -14.06
C SER A 65 15.45 -1.70 -15.52
N GLY A 66 14.62 -2.49 -16.17
CA GLY A 66 14.29 -2.23 -17.57
C GLY A 66 12.95 -2.80 -17.97
N PRO A 67 12.79 -3.11 -19.26
CA PRO A 67 11.54 -3.66 -19.79
C PRO A 67 11.29 -5.09 -19.32
N SER A 68 10.41 -5.23 -18.32
CA SER A 68 10.09 -6.54 -17.77
C SER A 68 8.58 -6.79 -17.82
N SER A 69 8.18 -7.87 -18.49
CA SER A 69 6.77 -8.22 -18.61
C SER A 69 6.24 -8.78 -17.30
N GLY A 70 4.94 -8.58 -17.06
CA GLY A 70 4.33 -9.07 -15.84
C GLY A 70 2.91 -8.56 -15.66
N GLY A 1 -15.83 -29.06 -5.48
CA GLY A 1 -15.12 -29.11 -4.22
C GLY A 1 -14.35 -27.83 -3.94
N SER A 2 -13.08 -27.97 -3.54
CA SER A 2 -12.24 -26.82 -3.23
C SER A 2 -10.98 -26.84 -4.08
N SER A 3 -10.87 -25.87 -4.98
CA SER A 3 -9.72 -25.78 -5.87
C SER A 3 -8.78 -24.65 -5.42
N GLY A 4 -9.37 -23.47 -5.18
CA GLY A 4 -8.59 -22.33 -4.75
C GLY A 4 -7.74 -21.76 -5.86
N SER A 5 -8.22 -20.69 -6.47
CA SER A 5 -7.50 -20.05 -7.57
C SER A 5 -6.88 -18.74 -7.11
N SER A 6 -6.30 -18.75 -5.92
CA SER A 6 -5.66 -17.56 -5.36
C SER A 6 -4.38 -17.23 -6.10
N GLY A 7 -4.21 -15.96 -6.47
CA GLY A 7 -3.02 -15.54 -7.19
C GLY A 7 -3.24 -14.26 -7.96
N ARG A 8 -2.67 -13.16 -7.46
CA ARG A 8 -2.79 -11.86 -8.12
C ARG A 8 -4.26 -11.41 -8.13
N SER A 9 -4.94 -11.62 -7.01
CA SER A 9 -6.34 -11.24 -6.89
C SER A 9 -6.52 -10.13 -5.85
N SER A 10 -7.10 -9.02 -6.27
CA SER A 10 -7.33 -7.89 -5.37
C SER A 10 -8.76 -7.87 -4.88
N ARG A 11 -8.99 -8.46 -3.71
CA ARG A 11 -10.32 -8.51 -3.12
C ARG A 11 -10.74 -7.14 -2.60
N THR A 12 -9.90 -6.55 -1.76
CA THR A 12 -10.18 -5.24 -1.19
C THR A 12 -9.64 -4.12 -2.08
N ARG A 13 -10.53 -3.52 -2.86
CA ARG A 13 -10.15 -2.44 -3.76
C ARG A 13 -10.40 -1.08 -3.11
N PHE A 14 -9.48 -0.15 -3.35
CA PHE A 14 -9.60 1.20 -2.78
C PHE A 14 -10.19 2.16 -3.81
N THR A 15 -10.60 3.33 -3.34
CA THR A 15 -11.19 4.35 -4.21
C THR A 15 -10.24 5.53 -4.38
N ASP A 16 -10.35 6.21 -5.52
CA ASP A 16 -9.50 7.36 -5.81
C ASP A 16 -9.20 8.14 -4.53
N TYR A 17 -10.23 8.40 -3.74
CA TYR A 17 -10.07 9.15 -2.49
C TYR A 17 -8.99 8.51 -1.62
N GLN A 18 -9.03 7.19 -1.49
CA GLN A 18 -8.06 6.47 -0.68
C GLN A 18 -6.72 6.37 -1.42
N LEU A 19 -6.77 5.89 -2.65
CA LEU A 19 -5.56 5.73 -3.46
C LEU A 19 -4.79 7.05 -3.54
N ARG A 20 -5.51 8.16 -3.46
CA ARG A 20 -4.89 9.48 -3.52
C ARG A 20 -3.96 9.70 -2.34
N VAL A 21 -4.45 9.41 -1.14
CA VAL A 21 -3.66 9.57 0.08
C VAL A 21 -2.58 8.51 0.19
N LEU A 22 -2.93 7.28 -0.17
CA LEU A 22 -1.99 6.17 -0.12
C LEU A 22 -0.82 6.40 -1.08
N GLN A 23 -1.13 6.83 -2.29
CA GLN A 23 -0.10 7.09 -3.30
C GLN A 23 0.66 8.37 -2.97
N ASP A 24 -0.05 9.38 -2.50
CA ASP A 24 0.56 10.65 -2.14
C ASP A 24 1.59 10.46 -1.03
N PHE A 25 1.26 9.61 -0.08
CA PHE A 25 2.16 9.34 1.05
C PHE A 25 3.33 8.47 0.61
N PHE A 26 3.11 7.64 -0.39
CA PHE A 26 4.15 6.76 -0.91
C PHE A 26 5.20 7.56 -1.70
N ASP A 27 4.72 8.38 -2.62
CA ASP A 27 5.60 9.20 -3.44
C ASP A 27 6.58 10.00 -2.57
N ALA A 28 6.12 10.38 -1.38
CA ALA A 28 6.94 11.15 -0.46
C ALA A 28 7.69 10.23 0.50
N ASN A 29 7.01 9.19 0.97
CA ASN A 29 7.61 8.24 1.90
C ASN A 29 7.01 6.85 1.72
N ALA A 30 7.87 5.86 1.50
CA ALA A 30 7.42 4.48 1.32
C ALA A 30 8.02 3.56 2.37
N TYR A 31 8.64 4.16 3.38
CA TYR A 31 9.26 3.38 4.46
C TYR A 31 8.89 3.96 5.82
N PRO A 32 7.62 4.35 5.98
CA PRO A 32 7.11 4.92 7.23
C PRO A 32 7.05 3.90 8.35
N LYS A 33 7.08 4.38 9.60
CA LYS A 33 7.03 3.51 10.76
C LYS A 33 5.59 3.35 11.25
N ASP A 34 5.39 2.40 12.17
CA ASP A 34 4.06 2.15 12.72
C ASP A 34 3.34 3.47 13.02
N ASP A 35 3.98 4.32 13.81
CA ASP A 35 3.41 5.60 14.18
C ASP A 35 2.82 6.30 12.96
N GLU A 36 3.60 6.35 11.89
CA GLU A 36 3.15 7.00 10.64
C GLU A 36 1.97 6.25 10.04
N PHE A 37 2.13 4.95 9.84
CA PHE A 37 1.07 4.13 9.26
C PHE A 37 -0.26 4.40 9.96
N GLU A 38 -0.20 4.65 11.26
CA GLU A 38 -1.40 4.92 12.04
C GLU A 38 -2.14 6.14 11.49
N GLN A 39 -1.39 7.14 11.06
CA GLN A 39 -1.97 8.36 10.52
C GLN A 39 -2.81 8.06 9.29
N LEU A 40 -2.23 7.31 8.35
CA LEU A 40 -2.92 6.95 7.13
C LEU A 40 -4.18 6.14 7.43
N SER A 41 -4.05 5.17 8.32
CA SER A 41 -5.18 4.32 8.70
C SER A 41 -6.27 5.14 9.37
N ASN A 42 -5.87 6.03 10.27
CA ASN A 42 -6.81 6.88 11.00
C ASN A 42 -7.53 7.82 10.05
N LEU A 43 -6.85 8.20 8.97
CA LEU A 43 -7.42 9.11 7.98
C LEU A 43 -8.39 8.36 7.06
N LEU A 44 -7.88 7.32 6.40
CA LEU A 44 -8.70 6.52 5.49
C LEU A 44 -9.58 5.55 6.27
N ASN A 45 -9.36 5.47 7.57
CA ASN A 45 -10.13 4.58 8.43
C ASN A 45 -9.92 3.12 8.03
N LEU A 46 -8.70 2.80 7.59
CA LEU A 46 -8.37 1.45 7.17
C LEU A 46 -7.30 0.85 8.07
N PRO A 47 -7.29 -0.49 8.18
CA PRO A 47 -6.32 -1.22 9.00
C PRO A 47 -4.91 -1.15 8.43
N THR A 48 -3.94 -0.84 9.27
CA THR A 48 -2.55 -0.75 8.85
C THR A 48 -2.15 -1.95 8.01
N ARG A 49 -2.70 -3.12 8.35
CA ARG A 49 -2.40 -4.34 7.62
C ARG A 49 -2.73 -4.19 6.14
N VAL A 50 -3.78 -3.43 5.84
CA VAL A 50 -4.20 -3.20 4.46
C VAL A 50 -3.29 -2.19 3.77
N ILE A 51 -2.86 -1.19 4.53
CA ILE A 51 -1.98 -0.16 4.00
C ILE A 51 -0.56 -0.68 3.80
N VAL A 52 -0.16 -1.61 4.67
CA VAL A 52 1.18 -2.20 4.60
C VAL A 52 1.35 -3.02 3.33
N VAL A 53 0.42 -3.95 3.11
CA VAL A 53 0.47 -4.81 1.93
C VAL A 53 0.54 -3.98 0.64
N TRP A 54 -0.19 -2.87 0.63
CA TRP A 54 -0.22 -1.99 -0.54
C TRP A 54 1.12 -1.29 -0.72
N PHE A 55 1.65 -0.74 0.37
CA PHE A 55 2.94 -0.05 0.34
C PHE A 55 4.06 -1.00 -0.03
N GLN A 56 4.01 -2.21 0.50
CA GLN A 56 5.03 -3.21 0.23
C GLN A 56 5.13 -3.48 -1.27
N ASN A 57 4.01 -3.82 -1.89
CA ASN A 57 3.98 -4.10 -3.32
C ASN A 57 4.42 -2.87 -4.13
N ALA A 58 3.80 -1.73 -3.84
CA ALA A 58 4.13 -0.49 -4.53
C ALA A 58 5.63 -0.30 -4.63
N ARG A 59 6.35 -0.74 -3.60
CA ARG A 59 7.80 -0.62 -3.58
C ARG A 59 8.45 -1.61 -4.54
N GLN A 60 7.97 -2.85 -4.53
CA GLN A 60 8.49 -3.89 -5.39
C GLN A 60 8.30 -3.53 -6.86
N LYS A 61 7.12 -3.03 -7.19
CA LYS A 61 6.79 -2.64 -8.55
C LYS A 61 7.64 -1.44 -8.99
N ALA A 62 7.87 -0.52 -8.06
CA ALA A 62 8.66 0.67 -8.35
C ALA A 62 10.04 0.30 -8.87
N ARG A 63 10.64 -0.72 -8.28
CA ARG A 63 11.96 -1.18 -8.68
C ARG A 63 12.13 -1.09 -10.20
N LYS A 64 11.29 -1.83 -10.92
CA LYS A 64 11.34 -1.83 -12.37
C LYS A 64 12.76 -2.14 -12.87
N SER A 65 13.41 -3.09 -12.22
CA SER A 65 14.77 -3.47 -12.59
C SER A 65 14.83 -4.95 -12.97
N GLY A 66 15.14 -5.22 -14.24
CA GLY A 66 15.23 -6.59 -14.70
C GLY A 66 14.97 -6.71 -16.19
N PRO A 67 14.59 -7.92 -16.63
CA PRO A 67 14.30 -8.19 -18.04
C PRO A 67 13.02 -7.51 -18.52
N SER A 68 13.18 -6.55 -19.42
CA SER A 68 12.03 -5.81 -19.96
C SER A 68 11.35 -6.60 -21.05
N SER A 69 10.22 -7.23 -20.70
CA SER A 69 9.46 -8.02 -21.66
C SER A 69 8.34 -7.20 -22.28
N GLY A 70 8.52 -6.83 -23.55
CA GLY A 70 7.51 -6.05 -24.24
C GLY A 70 6.70 -6.87 -25.22
N GLY A 1 15.45 -16.79 1.23
CA GLY A 1 14.34 -15.92 1.57
C GLY A 1 13.10 -16.70 1.97
N SER A 2 11.98 -15.99 2.11
CA SER A 2 10.72 -16.62 2.51
C SER A 2 9.66 -16.42 1.43
N SER A 3 8.80 -17.44 1.27
CA SER A 3 7.73 -17.38 0.27
C SER A 3 6.59 -18.29 0.66
N GLY A 4 5.43 -17.70 0.94
CA GLY A 4 4.26 -18.47 1.32
C GLY A 4 2.99 -17.98 0.64
N SER A 5 2.02 -18.88 0.51
CA SER A 5 0.76 -18.54 -0.14
C SER A 5 -0.34 -18.30 0.90
N SER A 6 -0.71 -17.04 1.07
CA SER A 6 -1.73 -16.67 2.04
C SER A 6 -3.11 -16.68 1.39
N GLY A 7 -3.26 -15.93 0.30
CA GLY A 7 -4.54 -15.88 -0.39
C GLY A 7 -5.31 -14.62 -0.07
N ARG A 8 -6.17 -14.21 -1.00
CA ARG A 8 -6.98 -13.00 -0.82
C ARG A 8 -8.47 -13.34 -0.85
N SER A 9 -9.16 -13.00 0.24
CA SER A 9 -10.59 -13.27 0.35
C SER A 9 -11.40 -12.01 0.04
N SER A 10 -10.97 -10.88 0.59
CA SER A 10 -11.66 -9.61 0.38
C SER A 10 -10.75 -8.62 -0.33
N ARG A 11 -10.91 -8.53 -1.65
CA ARG A 11 -10.10 -7.61 -2.45
C ARG A 11 -9.93 -6.27 -1.75
N THR A 12 -11.02 -5.78 -1.16
CA THR A 12 -11.01 -4.50 -0.46
C THR A 12 -10.44 -3.39 -1.34
N ARG A 13 -10.84 -3.39 -2.61
CA ARG A 13 -10.38 -2.39 -3.56
C ARG A 13 -10.53 -0.98 -2.98
N PHE A 14 -9.54 -0.14 -3.23
CA PHE A 14 -9.55 1.24 -2.72
C PHE A 14 -10.10 2.19 -3.78
N THR A 15 -10.53 3.37 -3.34
CA THR A 15 -11.08 4.37 -4.24
C THR A 15 -10.13 5.56 -4.38
N ASP A 16 -10.24 6.26 -5.51
CA ASP A 16 -9.39 7.41 -5.77
C ASP A 16 -9.09 8.17 -4.47
N TYR A 17 -10.12 8.42 -3.68
CA TYR A 17 -9.96 9.13 -2.41
C TYR A 17 -8.89 8.46 -1.55
N GLN A 18 -8.96 7.13 -1.46
CA GLN A 18 -8.00 6.38 -0.65
C GLN A 18 -6.67 6.25 -1.38
N LEU A 19 -6.73 5.81 -2.64
CA LEU A 19 -5.52 5.64 -3.45
C LEU A 19 -4.74 6.94 -3.53
N ARG A 20 -5.44 8.06 -3.43
CA ARG A 20 -4.81 9.38 -3.49
C ARG A 20 -3.88 9.58 -2.30
N VAL A 21 -4.38 9.32 -1.09
CA VAL A 21 -3.59 9.49 0.12
C VAL A 21 -2.51 8.41 0.22
N LEU A 22 -2.88 7.18 -0.12
CA LEU A 22 -1.94 6.07 -0.07
C LEU A 22 -0.78 6.28 -1.04
N GLN A 23 -1.11 6.70 -2.25
CA GLN A 23 -0.09 6.95 -3.28
C GLN A 23 0.69 8.22 -2.97
N ASP A 24 -0.02 9.24 -2.49
CA ASP A 24 0.60 10.52 -2.15
C ASP A 24 1.65 10.34 -1.07
N PHE A 25 1.32 9.55 -0.04
CA PHE A 25 2.23 9.30 1.05
C PHE A 25 3.40 8.42 0.62
N PHE A 26 3.13 7.56 -0.37
CA PHE A 26 4.16 6.66 -0.89
C PHE A 26 5.18 7.43 -1.73
N ASP A 27 4.70 8.27 -2.63
CA ASP A 27 5.57 9.06 -3.49
C ASP A 27 6.59 9.83 -2.67
N ALA A 28 6.22 10.18 -1.45
CA ALA A 28 7.10 10.91 -0.55
C ALA A 28 7.85 9.98 0.39
N ASN A 29 7.14 8.99 0.92
CA ASN A 29 7.74 8.03 1.84
C ASN A 29 7.07 6.66 1.70
N ALA A 30 7.88 5.63 1.50
CA ALA A 30 7.36 4.27 1.35
C ALA A 30 7.94 3.34 2.41
N TYR A 31 8.59 3.94 3.41
CA TYR A 31 9.19 3.16 4.49
C TYR A 31 8.85 3.78 5.86
N PRO A 32 7.60 4.20 6.01
CA PRO A 32 7.12 4.81 7.25
C PRO A 32 7.02 3.80 8.40
N LYS A 33 7.00 4.31 9.62
CA LYS A 33 6.90 3.45 10.80
C LYS A 33 5.46 3.34 11.28
N ASP A 34 5.22 2.41 12.19
CA ASP A 34 3.88 2.19 12.73
C ASP A 34 3.20 3.53 13.02
N ASP A 35 3.87 4.37 13.80
CA ASP A 35 3.32 5.68 14.16
C ASP A 35 2.77 6.38 12.92
N GLU A 36 3.57 6.42 11.86
CA GLU A 36 3.16 7.07 10.62
C GLU A 36 1.95 6.36 10.01
N PHE A 37 2.08 5.04 9.82
CA PHE A 37 0.99 4.25 9.24
C PHE A 37 -0.34 4.58 9.91
N GLU A 38 -0.30 4.81 11.22
CA GLU A 38 -1.51 5.12 11.97
C GLU A 38 -2.19 6.35 11.41
N GLN A 39 -1.40 7.39 11.10
CA GLN A 39 -1.94 8.62 10.55
C GLN A 39 -2.85 8.34 9.37
N LEU A 40 -2.37 7.52 8.43
CA LEU A 40 -3.14 7.18 7.24
C LEU A 40 -4.27 6.22 7.59
N SER A 41 -3.98 5.27 8.48
CA SER A 41 -4.97 4.28 8.90
C SER A 41 -6.17 4.96 9.55
N ASN A 42 -5.93 6.11 10.17
CA ASN A 42 -6.98 6.87 10.84
C ASN A 42 -7.74 7.74 9.85
N LEU A 43 -7.02 8.25 8.85
CA LEU A 43 -7.63 9.10 7.83
C LEU A 43 -8.52 8.28 6.90
N LEU A 44 -7.94 7.26 6.27
CA LEU A 44 -8.68 6.40 5.35
C LEU A 44 -9.57 5.43 6.12
N ASN A 45 -9.38 5.37 7.43
CA ASN A 45 -10.17 4.48 8.28
C ASN A 45 -9.94 3.02 7.89
N LEU A 46 -8.71 2.71 7.47
CA LEU A 46 -8.36 1.35 7.07
C LEU A 46 -7.30 0.77 8.00
N PRO A 47 -7.28 -0.57 8.13
CA PRO A 47 -6.32 -1.27 8.97
C PRO A 47 -4.90 -1.21 8.41
N THR A 48 -3.94 -0.84 9.25
CA THR A 48 -2.55 -0.75 8.84
C THR A 48 -2.14 -1.95 8.00
N ARG A 49 -2.63 -3.13 8.40
CA ARG A 49 -2.31 -4.36 7.69
C ARG A 49 -2.60 -4.21 6.19
N VAL A 50 -3.68 -3.51 5.87
CA VAL A 50 -4.07 -3.29 4.49
C VAL A 50 -3.17 -2.26 3.81
N ILE A 51 -2.84 -1.21 4.55
CA ILE A 51 -1.98 -0.15 4.02
C ILE A 51 -0.54 -0.63 3.88
N VAL A 52 -0.16 -1.60 4.71
CA VAL A 52 1.19 -2.15 4.66
C VAL A 52 1.40 -2.98 3.39
N VAL A 53 0.52 -3.94 3.16
CA VAL A 53 0.62 -4.80 1.99
C VAL A 53 0.67 -3.97 0.70
N TRP A 54 -0.14 -2.91 0.66
CA TRP A 54 -0.17 -2.05 -0.51
C TRP A 54 1.13 -1.29 -0.67
N PHE A 55 1.63 -0.72 0.43
CA PHE A 55 2.88 0.03 0.40
C PHE A 55 4.05 -0.87 0.02
N GLN A 56 4.06 -2.08 0.58
CA GLN A 56 5.12 -3.04 0.31
C GLN A 56 5.24 -3.30 -1.18
N ASN A 57 4.12 -3.66 -1.82
CA ASN A 57 4.11 -3.94 -3.25
C ASN A 57 4.51 -2.70 -4.05
N ALA A 58 3.83 -1.59 -3.80
CA ALA A 58 4.11 -0.35 -4.49
C ALA A 58 5.61 -0.13 -4.63
N ARG A 59 6.37 -0.64 -3.67
CA ARG A 59 7.83 -0.49 -3.69
C ARG A 59 8.45 -1.38 -4.76
N GLN A 60 7.99 -2.64 -4.83
CA GLN A 60 8.49 -3.59 -5.81
C GLN A 60 8.02 -3.24 -7.21
N LYS A 61 6.82 -2.68 -7.29
CA LYS A 61 6.24 -2.30 -8.57
C LYS A 61 6.91 -1.03 -9.11
N ALA A 62 7.29 -0.14 -8.21
CA ALA A 62 7.95 1.10 -8.59
C ALA A 62 9.23 0.84 -9.37
N ARG A 63 9.98 -0.17 -8.94
CA ARG A 63 11.23 -0.53 -9.59
C ARG A 63 11.13 -0.32 -11.10
N LYS A 64 10.17 -0.98 -11.72
CA LYS A 64 9.97 -0.88 -13.17
C LYS A 64 8.94 0.21 -13.48
N SER A 65 9.39 1.46 -13.49
CA SER A 65 8.52 2.59 -13.79
C SER A 65 8.27 2.71 -15.29
N GLY A 66 7.05 3.08 -15.66
CA GLY A 66 6.70 3.22 -17.06
C GLY A 66 6.41 4.66 -17.44
N PRO A 67 6.54 4.98 -18.73
CA PRO A 67 6.29 6.32 -19.24
C PRO A 67 4.82 6.70 -19.20
N SER A 68 4.00 5.80 -18.65
CA SER A 68 2.56 6.05 -18.55
C SER A 68 2.10 5.94 -17.10
N SER A 69 2.07 7.07 -16.40
CA SER A 69 1.65 7.10 -15.01
C SER A 69 0.24 7.68 -14.88
N GLY A 70 -0.76 6.83 -15.08
CA GLY A 70 -2.14 7.27 -14.98
C GLY A 70 -2.92 7.05 -16.26
N GLY A 1 0.10 -22.83 -8.90
CA GLY A 1 0.95 -22.81 -7.72
C GLY A 1 0.51 -23.81 -6.67
N SER A 2 0.08 -23.31 -5.52
CA SER A 2 -0.37 -24.16 -4.43
C SER A 2 -1.88 -24.33 -4.45
N SER A 3 -2.60 -23.23 -4.69
CA SER A 3 -4.05 -23.25 -4.74
C SER A 3 -4.56 -22.58 -6.00
N GLY A 4 -5.54 -23.21 -6.66
CA GLY A 4 -6.10 -22.65 -7.87
C GLY A 4 -7.21 -21.65 -7.59
N SER A 5 -6.96 -20.39 -7.92
CA SER A 5 -7.94 -19.34 -7.70
C SER A 5 -8.62 -18.95 -9.01
N SER A 6 -9.74 -19.61 -9.31
CA SER A 6 -10.49 -19.34 -10.53
C SER A 6 -10.64 -17.84 -10.74
N GLY A 7 -11.14 -17.14 -9.72
CA GLY A 7 -11.33 -15.70 -9.82
C GLY A 7 -12.39 -15.19 -8.86
N ARG A 8 -12.79 -13.94 -9.05
CA ARG A 8 -13.81 -13.33 -8.20
C ARG A 8 -13.54 -13.65 -6.73
N SER A 9 -12.26 -13.67 -6.36
CA SER A 9 -11.87 -13.96 -4.98
C SER A 9 -11.89 -12.70 -4.13
N SER A 10 -11.63 -12.86 -2.84
CA SER A 10 -11.62 -11.73 -1.91
C SER A 10 -10.36 -10.90 -2.09
N ARG A 11 -10.53 -9.59 -2.26
CA ARG A 11 -9.41 -8.69 -2.44
C ARG A 11 -9.78 -7.26 -2.06
N THR A 12 -9.01 -6.66 -1.17
CA THR A 12 -9.26 -5.29 -0.72
C THR A 12 -9.11 -4.30 -1.87
N ARG A 13 -10.09 -3.42 -2.02
CA ARG A 13 -10.07 -2.41 -3.07
C ARG A 13 -10.20 -1.01 -2.48
N PHE A 14 -9.50 -0.06 -3.08
CA PHE A 14 -9.53 1.33 -2.62
C PHE A 14 -10.08 2.25 -3.71
N THR A 15 -10.57 3.42 -3.29
CA THR A 15 -11.12 4.38 -4.23
C THR A 15 -10.20 5.59 -4.39
N ASP A 16 -10.34 6.28 -5.51
CA ASP A 16 -9.51 7.46 -5.79
C ASP A 16 -9.24 8.24 -4.52
N TYR A 17 -10.27 8.43 -3.70
CA TYR A 17 -10.13 9.16 -2.46
C TYR A 17 -9.04 8.56 -1.58
N GLN A 18 -9.09 7.24 -1.43
CA GLN A 18 -8.10 6.54 -0.62
C GLN A 18 -6.77 6.43 -1.35
N LEU A 19 -6.81 5.95 -2.58
CA LEU A 19 -5.60 5.80 -3.38
C LEU A 19 -4.83 7.12 -3.46
N ARG A 20 -5.56 8.23 -3.40
CA ARG A 20 -4.95 9.55 -3.46
C ARG A 20 -4.00 9.77 -2.29
N VAL A 21 -4.46 9.45 -1.09
CA VAL A 21 -3.66 9.61 0.11
C VAL A 21 -2.58 8.53 0.19
N LEU A 22 -2.95 7.30 -0.12
CA LEU A 22 -2.02 6.17 -0.09
C LEU A 22 -0.87 6.39 -1.08
N GLN A 23 -1.22 6.81 -2.29
CA GLN A 23 -0.23 7.06 -3.32
C GLN A 23 0.58 8.31 -3.02
N ASP A 24 -0.09 9.34 -2.51
CA ASP A 24 0.56 10.60 -2.18
C ASP A 24 1.60 10.39 -1.08
N PHE A 25 1.26 9.57 -0.09
CA PHE A 25 2.16 9.29 1.02
C PHE A 25 3.31 8.41 0.57
N PHE A 26 3.06 7.56 -0.42
CA PHE A 26 4.08 6.66 -0.95
C PHE A 26 5.11 7.42 -1.77
N ASP A 27 4.62 8.22 -2.73
CA ASP A 27 5.50 9.01 -3.58
C ASP A 27 6.52 9.78 -2.75
N ALA A 28 6.13 10.16 -1.55
CA ALA A 28 7.01 10.92 -0.66
C ALA A 28 7.76 9.98 0.27
N ASN A 29 7.06 9.00 0.84
CA ASN A 29 7.66 8.05 1.75
C ASN A 29 7.01 6.67 1.61
N ALA A 30 7.82 5.65 1.40
CA ALA A 30 7.32 4.29 1.26
C ALA A 30 7.91 3.37 2.32
N TYR A 31 8.57 3.96 3.31
CA TYR A 31 9.18 3.19 4.39
C TYR A 31 8.83 3.79 5.75
N PRO A 32 7.56 4.19 5.91
CA PRO A 32 7.08 4.78 7.16
C PRO A 32 7.00 3.77 8.29
N LYS A 33 6.99 4.26 9.53
CA LYS A 33 6.93 3.39 10.69
C LYS A 33 5.49 3.25 11.18
N ASP A 34 5.27 2.32 12.10
CA ASP A 34 3.93 2.08 12.65
C ASP A 34 3.26 3.41 13.00
N ASP A 35 3.98 4.27 13.72
CA ASP A 35 3.44 5.56 14.12
C ASP A 35 2.86 6.31 12.93
N GLU A 36 3.63 6.34 11.83
CA GLU A 36 3.20 7.03 10.62
C GLU A 36 1.99 6.33 10.00
N PHE A 37 2.11 5.03 9.80
CA PHE A 37 1.03 4.24 9.22
C PHE A 37 -0.30 4.56 9.89
N GLU A 38 -0.26 4.81 11.20
CA GLU A 38 -1.46 5.12 11.96
C GLU A 38 -2.15 6.36 11.40
N GLN A 39 -1.35 7.37 11.05
CA GLN A 39 -1.88 8.62 10.51
C GLN A 39 -2.80 8.35 9.32
N LEU A 40 -2.35 7.50 8.41
CA LEU A 40 -3.13 7.15 7.23
C LEU A 40 -4.26 6.19 7.59
N SER A 41 -3.96 5.25 8.48
CA SER A 41 -4.96 4.27 8.91
C SER A 41 -6.13 4.95 9.60
N ASN A 42 -5.86 6.07 10.26
CA ASN A 42 -6.90 6.82 10.97
C ASN A 42 -7.67 7.71 10.01
N LEU A 43 -6.96 8.24 9.00
CA LEU A 43 -7.58 9.11 8.01
C LEU A 43 -8.51 8.32 7.09
N LEU A 44 -7.96 7.32 6.41
CA LEU A 44 -8.74 6.49 5.50
C LEU A 44 -9.61 5.51 6.28
N ASN A 45 -9.35 5.38 7.57
CA ASN A 45 -10.11 4.48 8.42
C ASN A 45 -9.89 3.02 8.02
N LEU A 46 -8.70 2.73 7.51
CA LEU A 46 -8.37 1.37 7.09
C LEU A 46 -7.31 0.76 8.00
N PRO A 47 -7.31 -0.58 8.09
CA PRO A 47 -6.36 -1.32 8.92
C PRO A 47 -4.94 -1.25 8.38
N THR A 48 -3.98 -0.90 9.25
CA THR A 48 -2.59 -0.81 8.86
C THR A 48 -2.16 -2.01 8.02
N ARG A 49 -2.71 -3.17 8.34
CA ARG A 49 -2.39 -4.39 7.62
C ARG A 49 -2.69 -4.24 6.14
N VAL A 50 -3.76 -3.52 5.82
CA VAL A 50 -4.16 -3.30 4.44
C VAL A 50 -3.27 -2.27 3.77
N ILE A 51 -2.90 -1.23 4.52
CA ILE A 51 -2.03 -0.18 4.00
C ILE A 51 -0.60 -0.67 3.83
N VAL A 52 -0.19 -1.60 4.70
CA VAL A 52 1.16 -2.15 4.64
C VAL A 52 1.37 -2.95 3.36
N VAL A 53 0.50 -3.93 3.14
CA VAL A 53 0.58 -4.77 1.95
C VAL A 53 0.64 -3.92 0.68
N TRP A 54 -0.14 -2.85 0.66
CA TRP A 54 -0.17 -1.97 -0.50
C TRP A 54 1.15 -1.23 -0.67
N PHE A 55 1.69 -0.72 0.44
CA PHE A 55 2.95 0.01 0.41
C PHE A 55 4.10 -0.92 0.03
N GLN A 56 4.08 -2.14 0.57
CA GLN A 56 5.12 -3.13 0.29
C GLN A 56 5.24 -3.37 -1.22
N ASN A 57 4.13 -3.78 -1.84
CA ASN A 57 4.11 -4.04 -3.27
C ASN A 57 4.55 -2.81 -4.05
N ALA A 58 3.93 -1.67 -3.75
CA ALA A 58 4.25 -0.42 -4.43
C ALA A 58 5.75 -0.24 -4.57
N ARG A 59 6.49 -0.62 -3.53
CA ARG A 59 7.95 -0.49 -3.54
C ARG A 59 8.57 -1.50 -4.50
N GLN A 60 8.08 -2.74 -4.47
CA GLN A 60 8.59 -3.79 -5.34
C GLN A 60 8.43 -3.41 -6.81
N LYS A 61 7.28 -2.83 -7.14
CA LYS A 61 7.00 -2.40 -8.51
C LYS A 61 7.87 -1.21 -8.90
N ALA A 62 7.99 -0.25 -7.99
CA ALA A 62 8.79 0.94 -8.23
C ALA A 62 10.26 0.59 -8.42
N ARG A 63 10.76 -0.32 -7.58
CA ARG A 63 12.15 -0.74 -7.66
C ARG A 63 12.39 -1.62 -8.88
N LYS A 64 13.35 -1.22 -9.71
CA LYS A 64 13.68 -1.97 -10.92
C LYS A 64 13.61 -3.47 -10.65
N SER A 65 12.97 -4.20 -11.56
CA SER A 65 12.84 -5.65 -11.43
C SER A 65 13.13 -6.35 -12.75
N GLY A 66 14.14 -7.20 -12.75
CA GLY A 66 14.52 -7.92 -13.95
C GLY A 66 15.60 -8.95 -13.70
N PRO A 67 15.76 -9.90 -14.64
CA PRO A 67 16.76 -10.96 -14.54
C PRO A 67 18.17 -10.43 -14.69
N SER A 68 19.15 -11.20 -14.21
CA SER A 68 20.55 -10.81 -14.29
C SER A 68 21.01 -10.75 -15.74
N SER A 69 20.97 -9.54 -16.31
CA SER A 69 21.39 -9.34 -17.70
C SER A 69 21.61 -7.86 -17.98
N GLY A 70 22.49 -7.58 -18.94
CA GLY A 70 22.77 -6.20 -19.29
C GLY A 70 24.14 -6.04 -19.92
N GLY A 1 -12.35 -1.24 9.30
CA GLY A 1 -12.18 -2.04 10.50
C GLY A 1 -13.06 -3.27 10.52
N SER A 2 -12.63 -4.31 9.81
CA SER A 2 -13.40 -5.54 9.74
C SER A 2 -12.50 -6.76 9.98
N SER A 3 -12.91 -7.63 10.89
CA SER A 3 -12.15 -8.82 11.21
C SER A 3 -13.05 -9.93 11.74
N GLY A 4 -12.68 -11.18 11.44
CA GLY A 4 -13.47 -12.31 11.89
C GLY A 4 -13.40 -13.48 10.93
N SER A 5 -14.52 -14.18 10.78
CA SER A 5 -14.59 -15.33 9.88
C SER A 5 -14.86 -14.89 8.44
N SER A 6 -13.82 -14.89 7.62
CA SER A 6 -13.95 -14.48 6.22
C SER A 6 -13.23 -15.47 5.31
N GLY A 7 -13.38 -15.25 4.00
CA GLY A 7 -12.73 -16.13 3.03
C GLY A 7 -11.22 -16.16 3.20
N ARG A 8 -10.58 -17.12 2.53
CA ARG A 8 -9.14 -17.25 2.60
C ARG A 8 -8.44 -16.00 2.07
N SER A 9 -8.78 -15.63 0.84
CA SER A 9 -8.19 -14.46 0.20
C SER A 9 -9.25 -13.39 -0.04
N SER A 10 -9.39 -12.47 0.91
CA SER A 10 -10.36 -11.39 0.79
C SER A 10 -10.06 -10.51 -0.42
N ARG A 11 -11.10 -9.85 -0.93
CA ARG A 11 -10.94 -8.97 -2.09
C ARG A 11 -11.19 -7.52 -1.70
N THR A 12 -10.11 -6.82 -1.35
CA THR A 12 -10.20 -5.42 -0.96
C THR A 12 -9.95 -4.50 -2.16
N ARG A 13 -10.50 -3.30 -2.08
CA ARG A 13 -10.34 -2.32 -3.16
C ARG A 13 -10.39 -0.90 -2.61
N PHE A 14 -9.53 -0.03 -3.15
CA PHE A 14 -9.48 1.36 -2.72
C PHE A 14 -10.00 2.29 -3.80
N THR A 15 -10.56 3.42 -3.38
CA THR A 15 -11.11 4.39 -4.32
C THR A 15 -10.15 5.57 -4.51
N ASP A 16 -10.29 6.25 -5.64
CA ASP A 16 -9.44 7.39 -5.95
C ASP A 16 -9.08 8.16 -4.68
N TYR A 17 -10.08 8.40 -3.84
CA TYR A 17 -9.87 9.12 -2.59
C TYR A 17 -8.78 8.45 -1.74
N GLN A 18 -8.97 7.17 -1.46
CA GLN A 18 -8.02 6.42 -0.65
C GLN A 18 -6.68 6.31 -1.38
N LEU A 19 -6.71 5.88 -2.63
CA LEU A 19 -5.50 5.73 -3.42
C LEU A 19 -4.76 7.06 -3.52
N ARG A 20 -5.49 8.16 -3.39
CA ARG A 20 -4.89 9.48 -3.47
C ARG A 20 -3.95 9.73 -2.29
N VAL A 21 -4.42 9.41 -1.09
CA VAL A 21 -3.62 9.59 0.12
C VAL A 21 -2.51 8.56 0.20
N LEU A 22 -2.85 7.31 -0.11
CA LEU A 22 -1.88 6.22 -0.07
C LEU A 22 -0.74 6.46 -1.05
N GLN A 23 -1.09 6.89 -2.26
CA GLN A 23 -0.10 7.15 -3.30
C GLN A 23 0.70 8.41 -2.96
N ASP A 24 0.02 9.41 -2.41
CA ASP A 24 0.66 10.66 -2.04
C ASP A 24 1.68 10.45 -0.92
N PHE A 25 1.34 9.58 0.02
CA PHE A 25 2.22 9.28 1.14
C PHE A 25 3.42 8.44 0.69
N PHE A 26 3.18 7.59 -0.30
CA PHE A 26 4.23 6.72 -0.82
C PHE A 26 5.23 7.52 -1.66
N ASP A 27 4.73 8.26 -2.64
CA ASP A 27 5.58 9.06 -3.50
C ASP A 27 6.55 9.89 -2.67
N ALA A 28 6.11 10.31 -1.49
CA ALA A 28 6.95 11.12 -0.61
C ALA A 28 7.74 10.23 0.35
N ASN A 29 7.08 9.23 0.91
CA ASN A 29 7.72 8.31 1.85
C ASN A 29 7.15 6.90 1.72
N ALA A 30 8.02 5.93 1.50
CA ALA A 30 7.59 4.54 1.37
C ALA A 30 8.26 3.66 2.42
N TYR A 31 8.88 4.29 3.40
CA TYR A 31 9.56 3.56 4.47
C TYR A 31 9.19 4.13 5.84
N PRO A 32 7.89 4.45 6.01
CA PRO A 32 7.39 5.00 7.27
C PRO A 32 7.38 3.98 8.40
N LYS A 33 6.98 4.42 9.59
CA LYS A 33 6.92 3.54 10.75
C LYS A 33 5.49 3.36 11.23
N ASP A 34 5.30 2.45 12.18
CA ASP A 34 3.97 2.17 12.73
C ASP A 34 3.25 3.48 13.05
N ASP A 35 3.93 4.35 13.79
CA ASP A 35 3.34 5.63 14.17
C ASP A 35 2.76 6.36 12.96
N GLU A 36 3.54 6.39 11.88
CA GLU A 36 3.11 7.05 10.64
C GLU A 36 1.91 6.32 10.03
N PHE A 37 2.07 5.01 9.84
CA PHE A 37 1.01 4.19 9.26
C PHE A 37 -0.33 4.49 9.93
N GLU A 38 -0.30 4.74 11.22
CA GLU A 38 -1.50 5.03 11.98
C GLU A 38 -2.22 6.24 11.41
N GLN A 39 -1.46 7.30 11.13
CA GLN A 39 -2.03 8.52 10.58
C GLN A 39 -2.95 8.21 9.40
N LEU A 40 -2.46 7.42 8.46
CA LEU A 40 -3.24 7.04 7.28
C LEU A 40 -4.38 6.11 7.66
N SER A 41 -4.10 5.16 8.55
CA SER A 41 -5.11 4.21 9.00
C SER A 41 -6.29 4.93 9.64
N ASN A 42 -6.01 6.07 10.27
CA ASN A 42 -7.05 6.85 10.93
C ASN A 42 -7.78 7.74 9.92
N LEU A 43 -7.05 8.22 8.93
CA LEU A 43 -7.63 9.08 7.90
C LEU A 43 -8.55 8.29 6.97
N LEU A 44 -7.99 7.27 6.33
CA LEU A 44 -8.76 6.42 5.43
C LEU A 44 -9.65 5.46 6.19
N ASN A 45 -9.39 5.33 7.50
CA ASN A 45 -10.16 4.43 8.35
C ASN A 45 -9.93 2.98 7.96
N LEU A 46 -8.74 2.69 7.43
CA LEU A 46 -8.39 1.34 7.02
C LEU A 46 -7.35 0.73 7.96
N PRO A 47 -7.35 -0.61 8.06
CA PRO A 47 -6.41 -1.33 8.91
C PRO A 47 -4.98 -1.27 8.39
N THR A 48 -4.05 -0.90 9.27
CA THR A 48 -2.64 -0.80 8.89
C THR A 48 -2.21 -1.99 8.05
N ARG A 49 -2.66 -3.19 8.44
CA ARG A 49 -2.31 -4.40 7.71
C ARG A 49 -2.60 -4.25 6.22
N VAL A 50 -3.69 -3.54 5.90
CA VAL A 50 -4.08 -3.32 4.52
C VAL A 50 -3.17 -2.30 3.85
N ILE A 51 -2.79 -1.27 4.60
CA ILE A 51 -1.92 -0.23 4.08
C ILE A 51 -0.50 -0.74 3.90
N VAL A 52 -0.09 -1.66 4.75
CA VAL A 52 1.25 -2.23 4.68
C VAL A 52 1.43 -3.05 3.41
N VAL A 53 0.52 -4.00 3.20
CA VAL A 53 0.57 -4.86 2.02
C VAL A 53 0.61 -4.04 0.74
N TRP A 54 -0.18 -2.97 0.72
CA TRP A 54 -0.24 -2.09 -0.46
C TRP A 54 1.08 -1.35 -0.65
N PHE A 55 1.64 -0.83 0.44
CA PHE A 55 2.89 -0.11 0.38
C PHE A 55 4.04 -1.04 -0.01
N GLN A 56 4.04 -2.24 0.55
CA GLN A 56 5.08 -3.22 0.25
C GLN A 56 5.17 -3.48 -1.25
N ASN A 57 4.04 -3.84 -1.85
CA ASN A 57 3.99 -4.13 -3.28
C ASN A 57 4.37 -2.89 -4.09
N ALA A 58 3.71 -1.77 -3.80
CA ALA A 58 3.99 -0.53 -4.50
C ALA A 58 5.48 -0.32 -4.70
N ARG A 59 6.28 -0.78 -3.74
CA ARG A 59 7.72 -0.65 -3.81
C ARG A 59 8.30 -1.62 -4.84
N GLN A 60 7.83 -2.86 -4.81
CA GLN A 60 8.30 -3.88 -5.74
C GLN A 60 8.02 -3.47 -7.18
N LYS A 61 6.82 -2.97 -7.43
CA LYS A 61 6.41 -2.55 -8.76
C LYS A 61 7.23 -1.34 -9.22
N ALA A 62 7.49 -0.42 -8.29
CA ALA A 62 8.27 0.77 -8.60
C ALA A 62 9.64 0.40 -9.14
N ARG A 63 10.27 -0.59 -8.54
CA ARG A 63 11.59 -1.03 -8.98
C ARG A 63 11.57 -1.47 -10.43
N LYS A 64 12.37 -0.80 -11.26
CA LYS A 64 12.44 -1.10 -12.68
C LYS A 64 13.87 -1.45 -13.08
N SER A 65 14.01 -2.39 -14.01
CA SER A 65 15.32 -2.81 -14.49
C SER A 65 15.49 -2.49 -15.97
N GLY A 66 15.98 -1.28 -16.24
CA GLY A 66 16.18 -0.86 -17.62
C GLY A 66 15.97 0.63 -17.81
N PRO A 67 15.69 1.04 -19.05
CA PRO A 67 15.46 2.44 -19.39
C PRO A 67 14.15 2.97 -18.82
N SER A 68 13.94 4.28 -18.94
CA SER A 68 12.73 4.91 -18.44
C SER A 68 11.76 5.21 -19.57
N SER A 69 10.98 4.21 -19.96
CA SER A 69 10.02 4.37 -21.04
C SER A 69 8.72 4.98 -20.52
N GLY A 70 8.45 6.22 -20.93
CA GLY A 70 7.24 6.90 -20.50
C GLY A 70 7.08 6.88 -18.99
#